data_2V5F
# 
_entry.id   2V5F 
# 
_audit_conform.dict_name       mmcif_pdbx.dic 
_audit_conform.dict_version    5.382 
_audit_conform.dict_location   http://mmcif.pdb.org/dictionaries/ascii/mmcif_pdbx.dic 
# 
loop_
_database_2.database_id 
_database_2.database_code 
_database_2.pdbx_database_accession 
_database_2.pdbx_DOI 
PDB   2V5F         pdb_00002v5f 10.2210/pdb2v5f/pdb 
PDBE  EBI-36904    ?            ?                   
WWPDB D_1290036904 ?            ?                   
# 
_pdbx_database_related.db_name        PDB 
_pdbx_database_related.db_id          1TJC 
_pdbx_database_related.content_type   unspecified 
_pdbx_database_related.details        
'CRYSTAL STRUCTURE OF PEPTIDE-SUBSTRATE-BINDING DOMAIN OFHUMAN TYPE I COLLAGEN PROLYL 4- HYDROXYLASE' 
# 
_pdbx_database_status.status_code                     REL 
_pdbx_database_status.entry_id                        2V5F 
_pdbx_database_status.deposit_site                    PDBE 
_pdbx_database_status.process_site                    PDBE 
_pdbx_database_status.SG_entry                        . 
_pdbx_database_status.recvd_initial_deposition_date   2008-10-06 
_pdbx_database_status.pdb_format_compatible           Y 
_pdbx_database_status.status_code_sf                  REL 
_pdbx_database_status.status_code_mr                  ? 
_pdbx_database_status.status_code_cs                  ? 
_pdbx_database_status.methods_development_category    ? 
_pdbx_database_status.status_code_nmr_data            ? 
# 
loop_
_audit_author.name 
_audit_author.pdbx_ordinal 
'Pekkala, M.'    1 
'Hieta, R.'      2 
'Kivirikko, K.'  3 
'Myllyharju, J.' 4 
'Wierenga, R.'   5 
# 
_citation.id                        primary 
_citation.title                     
'Crystal Structure of Wild Type Peptide-Binding Domain of Human Type I Collagen Prolyl 4- Hydroxylase.' 
_citation.journal_abbrev            'To be Published' 
_citation.journal_volume            ? 
_citation.page_first                ? 
_citation.page_last                 ? 
_citation.year                      ? 
_citation.journal_id_ASTM           ? 
_citation.country                   ? 
_citation.journal_id_ISSN           ? 
_citation.journal_id_CSD            0353 
_citation.book_publisher            ? 
_citation.pdbx_database_id_PubMed   ? 
_citation.pdbx_database_id_DOI      ? 
# 
loop_
_citation_author.citation_id 
_citation_author.name 
_citation_author.ordinal 
_citation_author.identifier_ORCID 
primary 'Pekkala, M.'    1 ? 
primary 'Hieta, R.'      2 ? 
primary 'Kivirikko, K.'  3 ? 
primary 'Myllyharju, J.' 4 ? 
primary 'Wierenga, R.'   5 ? 
# 
_cell.entry_id           2V5F 
_cell.length_a           37.472 
_cell.length_b           59.046 
_cell.length_c           61.668 
_cell.angle_alpha        90.00 
_cell.angle_beta         90.00 
_cell.angle_gamma        90.00 
_cell.Z_PDB              4 
_cell.pdbx_unique_axis   ? 
# 
_symmetry.entry_id                         2V5F 
_symmetry.space_group_name_H-M             'P 21 21 21' 
_symmetry.pdbx_full_space_group_name_H-M   ? 
_symmetry.cell_setting                     ? 
_symmetry.Int_Tables_number                19 
# 
loop_
_entity.id 
_entity.type 
_entity.src_method 
_entity.pdbx_description 
_entity.formula_weight 
_entity.pdbx_number_of_molecules 
_entity.pdbx_ec 
_entity.pdbx_mutation 
_entity.pdbx_fragment 
_entity.details 
1 polymer man 'PROLYL 4-HYDROXYLASE SUBUNIT ALPHA-1' 12078.583 1   1.14.11.2 ? 
'PEPTIDE-SUBSTRATE-BINDING DOMAIN, RESIDUES 161-263' ? 
2 polymer man 'HEXA-HISTIDINE PEPTIDE'               846.896   1   ?         ? ? ? 
3 water   nat water                                  18.015    136 ?         ? ? ? 
# 
_entity_name_com.entity_id   1 
_entity_name_com.name        '4-PH ALPHA-1, PROCOLLAGEN-PROLINE, 2-OXOGLUTARATE-4-DIOXYGENASE SUBUNIT ALPHA-1' 
# 
loop_
_entity_poly.entity_id 
_entity_poly.type 
_entity_poly.nstd_linkage 
_entity_poly.nstd_monomer 
_entity_poly.pdbx_seq_one_letter_code 
_entity_poly.pdbx_seq_one_letter_code_can 
_entity_poly.pdbx_strand_id 
_entity_poly.pdbx_target_identifier 
1 'polypeptide(L)' no no 
;MFLTAEDCFELGKVAYTEADYYHTELWMEQALRQLDEGEISTIDKVSVLDYLSYAVYQQGDLDKALLLTKKLLELDPEHQ
RANGNLKYFEYIMAKEKDVNKSAS
;
;MFLTAEDCFELGKVAYTEADYYHTELWMEQALRQLDEGEISTIDKVSVLDYLSYAVYQQGDLDKALLLTKKLLELDPEHQ
RANGNLKYFEYIMAKEKDVNKSAS
;
A ? 
2 'polypeptide(L)' no no HHHHHH HHHHHH X ? 
# 
loop_
_entity_poly_seq.entity_id 
_entity_poly_seq.num 
_entity_poly_seq.mon_id 
_entity_poly_seq.hetero 
1 1   MET n 
1 2   PHE n 
1 3   LEU n 
1 4   THR n 
1 5   ALA n 
1 6   GLU n 
1 7   ASP n 
1 8   CYS n 
1 9   PHE n 
1 10  GLU n 
1 11  LEU n 
1 12  GLY n 
1 13  LYS n 
1 14  VAL n 
1 15  ALA n 
1 16  TYR n 
1 17  THR n 
1 18  GLU n 
1 19  ALA n 
1 20  ASP n 
1 21  TYR n 
1 22  TYR n 
1 23  HIS n 
1 24  THR n 
1 25  GLU n 
1 26  LEU n 
1 27  TRP n 
1 28  MET n 
1 29  GLU n 
1 30  GLN n 
1 31  ALA n 
1 32  LEU n 
1 33  ARG n 
1 34  GLN n 
1 35  LEU n 
1 36  ASP n 
1 37  GLU n 
1 38  GLY n 
1 39  GLU n 
1 40  ILE n 
1 41  SER n 
1 42  THR n 
1 43  ILE n 
1 44  ASP n 
1 45  LYS n 
1 46  VAL n 
1 47  SER n 
1 48  VAL n 
1 49  LEU n 
1 50  ASP n 
1 51  TYR n 
1 52  LEU n 
1 53  SER n 
1 54  TYR n 
1 55  ALA n 
1 56  VAL n 
1 57  TYR n 
1 58  GLN n 
1 59  GLN n 
1 60  GLY n 
1 61  ASP n 
1 62  LEU n 
1 63  ASP n 
1 64  LYS n 
1 65  ALA n 
1 66  LEU n 
1 67  LEU n 
1 68  LEU n 
1 69  THR n 
1 70  LYS n 
1 71  LYS n 
1 72  LEU n 
1 73  LEU n 
1 74  GLU n 
1 75  LEU n 
1 76  ASP n 
1 77  PRO n 
1 78  GLU n 
1 79  HIS n 
1 80  GLN n 
1 81  ARG n 
1 82  ALA n 
1 83  ASN n 
1 84  GLY n 
1 85  ASN n 
1 86  LEU n 
1 87  LYS n 
1 88  TYR n 
1 89  PHE n 
1 90  GLU n 
1 91  TYR n 
1 92  ILE n 
1 93  MET n 
1 94  ALA n 
1 95  LYS n 
1 96  GLU n 
1 97  LYS n 
1 98  ASP n 
1 99  VAL n 
1 100 ASN n 
1 101 LYS n 
1 102 SER n 
1 103 ALA n 
1 104 SER n 
2 1   HIS n 
2 2   HIS n 
2 3   HIS n 
2 4   HIS n 
2 5   HIS n 
2 6   HIS n 
# 
loop_
_entity_src_gen.entity_id 
_entity_src_gen.pdbx_src_id 
_entity_src_gen.pdbx_alt_source_flag 
_entity_src_gen.pdbx_seq_type 
_entity_src_gen.pdbx_beg_seq_num 
_entity_src_gen.pdbx_end_seq_num 
_entity_src_gen.gene_src_common_name 
_entity_src_gen.gene_src_genus 
_entity_src_gen.pdbx_gene_src_gene 
_entity_src_gen.gene_src_species 
_entity_src_gen.gene_src_strain 
_entity_src_gen.gene_src_tissue 
_entity_src_gen.gene_src_tissue_fraction 
_entity_src_gen.gene_src_details 
_entity_src_gen.pdbx_gene_src_fragment 
_entity_src_gen.pdbx_gene_src_scientific_name 
_entity_src_gen.pdbx_gene_src_ncbi_taxonomy_id 
_entity_src_gen.pdbx_gene_src_variant 
_entity_src_gen.pdbx_gene_src_cell_line 
_entity_src_gen.pdbx_gene_src_atcc 
_entity_src_gen.pdbx_gene_src_organ 
_entity_src_gen.pdbx_gene_src_organelle 
_entity_src_gen.pdbx_gene_src_cell 
_entity_src_gen.pdbx_gene_src_cellular_location 
_entity_src_gen.host_org_common_name 
_entity_src_gen.pdbx_host_org_scientific_name 
_entity_src_gen.pdbx_host_org_ncbi_taxonomy_id 
_entity_src_gen.host_org_genus 
_entity_src_gen.pdbx_host_org_gene 
_entity_src_gen.pdbx_host_org_organ 
_entity_src_gen.host_org_species 
_entity_src_gen.pdbx_host_org_tissue 
_entity_src_gen.pdbx_host_org_tissue_fraction 
_entity_src_gen.pdbx_host_org_strain 
_entity_src_gen.pdbx_host_org_variant 
_entity_src_gen.pdbx_host_org_cell_line 
_entity_src_gen.pdbx_host_org_atcc 
_entity_src_gen.pdbx_host_org_culture_collection 
_entity_src_gen.pdbx_host_org_cell 
_entity_src_gen.pdbx_host_org_organelle 
_entity_src_gen.pdbx_host_org_cellular_location 
_entity_src_gen.pdbx_host_org_vector_type 
_entity_src_gen.pdbx_host_org_vector 
_entity_src_gen.host_org_details 
_entity_src_gen.expression_system_id 
_entity_src_gen.plasmid_name 
_entity_src_gen.plasmid_details 
_entity_src_gen.pdbx_description 
1 1 sample ? ? ? HUMAN ? ? ? ? ? ? ? ? 'HOMO SAPIENS'        9606  ? ? ? ? ? ? ? ? 'ESCHERICHIA COLI' 469008 ? ? ? ? ? ? 
'BL21(DE3)' ? ? ? ? ? ? ? ? PET-22B ? ? ALPHA-1F144-S244 ? ? 
2 1 sample ? ? ? ?     ? ? ? ? ? ? ? ? 'SYNTHETIC CONSTRUCT' 32630 ? ? ? ? ? ? ? ? 'ESCHERICHIA COLI' 469008 ? ? ? ? ? ? 
'BL21(DE3)' ? ? ? ? ? ? ? ? PET-22B ? ? ALPHA-1F144-S244 ? ? 
# 
loop_
_struct_ref.id 
_struct_ref.db_name 
_struct_ref.db_code 
_struct_ref.entity_id 
_struct_ref.pdbx_seq_one_letter_code 
_struct_ref.pdbx_align_begin 
_struct_ref.pdbx_db_accession 
_struct_ref.pdbx_db_isoform 
1 UNP P4HA1_HUMAN 1 ? ? P13674 ? 
2 PDB 2V5F        2 ? ? 2V5F   ? 
# 
loop_
_struct_ref_seq.align_id 
_struct_ref_seq.ref_id 
_struct_ref_seq.pdbx_PDB_id_code 
_struct_ref_seq.pdbx_strand_id 
_struct_ref_seq.seq_align_beg 
_struct_ref_seq.pdbx_seq_align_beg_ins_code 
_struct_ref_seq.seq_align_end 
_struct_ref_seq.pdbx_seq_align_end_ins_code 
_struct_ref_seq.pdbx_db_accession 
_struct_ref_seq.db_align_beg 
_struct_ref_seq.pdbx_db_align_beg_ins_code 
_struct_ref_seq.db_align_end 
_struct_ref_seq.pdbx_db_align_end_ins_code 
_struct_ref_seq.pdbx_auth_seq_align_beg 
_struct_ref_seq.pdbx_auth_seq_align_end 
1 1 2V5F A 2 ? 104 ? P13674 161 ? 263 ? 144 246 
2 2 2V5F X 1 ? 6   ? 2V5F   -1  ? 4   ? -1  4   
# 
_struct_ref_seq_dif.align_id                     1 
_struct_ref_seq_dif.pdbx_pdb_id_code             2V5F 
_struct_ref_seq_dif.mon_id                       MET 
_struct_ref_seq_dif.pdbx_pdb_strand_id           A 
_struct_ref_seq_dif.seq_num                      1 
_struct_ref_seq_dif.pdbx_pdb_ins_code            ? 
_struct_ref_seq_dif.pdbx_seq_db_name             UNP 
_struct_ref_seq_dif.pdbx_seq_db_accession_code   P13674 
_struct_ref_seq_dif.db_mon_id                    ? 
_struct_ref_seq_dif.pdbx_seq_db_seq_num          ? 
_struct_ref_seq_dif.details                      'expression tag' 
_struct_ref_seq_dif.pdbx_auth_seq_num            143 
_struct_ref_seq_dif.pdbx_ordinal                 1 
# 
loop_
_chem_comp.id 
_chem_comp.type 
_chem_comp.mon_nstd_flag 
_chem_comp.name 
_chem_comp.pdbx_synonyms 
_chem_comp.formula 
_chem_comp.formula_weight 
ALA 'L-peptide linking' y ALANINE         ? 'C3 H7 N O2'     89.093  
ARG 'L-peptide linking' y ARGININE        ? 'C6 H15 N4 O2 1' 175.209 
ASN 'L-peptide linking' y ASPARAGINE      ? 'C4 H8 N2 O3'    132.118 
ASP 'L-peptide linking' y 'ASPARTIC ACID' ? 'C4 H7 N O4'     133.103 
CYS 'L-peptide linking' y CYSTEINE        ? 'C3 H7 N O2 S'   121.158 
GLN 'L-peptide linking' y GLUTAMINE       ? 'C5 H10 N2 O3'   146.144 
GLU 'L-peptide linking' y 'GLUTAMIC ACID' ? 'C5 H9 N O4'     147.129 
GLY 'peptide linking'   y GLYCINE         ? 'C2 H5 N O2'     75.067  
HIS 'L-peptide linking' y HISTIDINE       ? 'C6 H10 N3 O2 1' 156.162 
HOH non-polymer         . WATER           ? 'H2 O'           18.015  
ILE 'L-peptide linking' y ISOLEUCINE      ? 'C6 H13 N O2'    131.173 
LEU 'L-peptide linking' y LEUCINE         ? 'C6 H13 N O2'    131.173 
LYS 'L-peptide linking' y LYSINE          ? 'C6 H15 N2 O2 1' 147.195 
MET 'L-peptide linking' y METHIONINE      ? 'C5 H11 N O2 S'  149.211 
PHE 'L-peptide linking' y PHENYLALANINE   ? 'C9 H11 N O2'    165.189 
PRO 'L-peptide linking' y PROLINE         ? 'C5 H9 N O2'     115.130 
SER 'L-peptide linking' y SERINE          ? 'C3 H7 N O3'     105.093 
THR 'L-peptide linking' y THREONINE       ? 'C4 H9 N O3'     119.119 
TRP 'L-peptide linking' y TRYPTOPHAN      ? 'C11 H12 N2 O2'  204.225 
TYR 'L-peptide linking' y TYROSINE        ? 'C9 H11 N O3'    181.189 
VAL 'L-peptide linking' y VALINE          ? 'C5 H11 N O2'    117.146 
# 
_exptl.entry_id          2V5F 
_exptl.method            'X-RAY DIFFRACTION' 
_exptl.crystals_number   1 
# 
_exptl_crystal.id                    1 
_exptl_crystal.density_meas          ? 
_exptl_crystal.density_Matthews      2.63 
_exptl_crystal.density_percent_sol   53.25 
_exptl_crystal.description           NONE 
# 
_exptl_crystal_grow.crystal_id      1 
_exptl_crystal_grow.method          ? 
_exptl_crystal_grow.temp            ? 
_exptl_crystal_grow.temp_details    ? 
_exptl_crystal_grow.pH              9.5 
_exptl_crystal_grow.pdbx_pH_range   ? 
_exptl_crystal_grow.pdbx_details    'PROTEIN WAS CRYSTALLIZED FROM 1 M NA CITRATE, 100 MM CHES, PH 9.5.' 
# 
_diffrn.id                     1 
_diffrn.ambient_temp           100 
_diffrn.ambient_temp_details   ? 
_diffrn.crystal_id             1 
# 
_diffrn_detector.diffrn_id              1 
_diffrn_detector.detector               CCD 
_diffrn_detector.type                   MARRESEARCH 
_diffrn_detector.pdbx_collection_date   2005-04-10 
_diffrn_detector.details                MIRRORS 
# 
_diffrn_radiation.diffrn_id                        1 
_diffrn_radiation.wavelength_id                    1 
_diffrn_radiation.pdbx_monochromatic_or_laue_m_l   M 
_diffrn_radiation.monochromator                    MIRRORS 
_diffrn_radiation.pdbx_diffrn_protocol             'SINGLE WAVELENGTH' 
_diffrn_radiation.pdbx_scattering_type             x-ray 
# 
_diffrn_radiation_wavelength.id           1 
_diffrn_radiation_wavelength.wavelength   1.5418 
_diffrn_radiation_wavelength.wt           1.0 
# 
_diffrn_source.diffrn_id                   1 
_diffrn_source.source                      'ROTATING ANODE' 
_diffrn_source.type                        'ENRAF-NONIUS FR591' 
_diffrn_source.pdbx_synchrotron_site       ? 
_diffrn_source.pdbx_synchrotron_beamline   ? 
_diffrn_source.pdbx_wavelength             1.5418 
_diffrn_source.pdbx_wavelength_list        ? 
# 
_reflns.pdbx_diffrn_id               1 
_reflns.pdbx_ordinal                 1 
_reflns.entry_id                     2V5F 
_reflns.observed_criterion_sigma_I   0.0 
_reflns.observed_criterion_sigma_F   ? 
_reflns.d_resolution_low             42.60 
_reflns.d_resolution_high            2.03 
_reflns.number_obs                   9304 
_reflns.number_all                   ? 
_reflns.percent_possible_obs         98.8 
_reflns.pdbx_Rmerge_I_obs            0.05 
_reflns.pdbx_Rsym_value              ? 
_reflns.pdbx_netI_over_sigmaI        21.00 
_reflns.B_iso_Wilson_estimate        ? 
_reflns.pdbx_redundancy              5.6 
# 
_reflns_shell.pdbx_diffrn_id         1 
_reflns_shell.pdbx_ordinal           1 
_reflns_shell.d_res_high             2.03 
_reflns_shell.d_res_low              2.14 
_reflns_shell.percent_possible_all   93.2 
_reflns_shell.Rmerge_I_obs           0.16 
_reflns_shell.pdbx_Rsym_value        ? 
_reflns_shell.meanI_over_sigI_obs    10.10 
_reflns_shell.pdbx_redundancy        3.4 
# 
_refine.pdbx_refine_id                           'X-RAY DIFFRACTION' 
_refine.entry_id                                 2V5F 
_refine.pdbx_diffrn_id                           1 
_refine.pdbx_TLS_residual_ADP_flag               'LIKELY RESIDUAL' 
_refine.ls_number_reflns_obs                     8227 
_refine.ls_number_reflns_all                     ? 
_refine.pdbx_ls_sigma_I                          ? 
_refine.pdbx_ls_sigma_F                          ? 
_refine.pdbx_data_cutoff_high_absF               ? 
_refine.pdbx_data_cutoff_low_absF                ? 
_refine.pdbx_data_cutoff_high_rms_absF           ? 
_refine.ls_d_res_low                             42.65 
_refine.ls_d_res_high                            2.03 
_refine.ls_percent_reflns_obs                    93.3 
_refine.ls_R_factor_obs                          0.199 
_refine.ls_R_factor_all                          ? 
_refine.ls_R_factor_R_work                       0.196 
_refine.ls_R_factor_R_free                       0.265 
_refine.ls_R_factor_R_free_error                 ? 
_refine.ls_R_factor_R_free_error_details         ? 
_refine.ls_percent_reflns_R_free                 5.000 
_refine.ls_number_reflns_R_free                  432 
_refine.ls_number_parameters                     ? 
_refine.ls_number_restraints                     ? 
_refine.occupancy_min                            ? 
_refine.occupancy_max                            ? 
_refine.correlation_coeff_Fo_to_Fc               0.943 
_refine.correlation_coeff_Fo_to_Fc_free          0.890 
_refine.B_iso_mean                               14.28 
_refine.aniso_B[1][1]                            -0.27000 
_refine.aniso_B[2][2]                            -0.75000 
_refine.aniso_B[3][3]                            1.03000 
_refine.aniso_B[1][2]                            0.00000 
_refine.aniso_B[1][3]                            0.00000 
_refine.aniso_B[2][3]                            0.00000 
_refine.solvent_model_details                    MASK 
_refine.solvent_model_param_ksol                 ? 
_refine.solvent_model_param_bsol                 ? 
_refine.pdbx_solvent_vdw_probe_radii             1.20 
_refine.pdbx_solvent_ion_probe_radii             0.80 
_refine.pdbx_solvent_shrinkage_radii             0.80 
_refine.pdbx_ls_cross_valid_method               THROUGHOUT 
_refine.details                                  
'HYDROGENS HAVE BEEN ADDED IN THE RIDING POSITIONS. U VALUES RESIDUAL ONLY. ATOM RECORD CONTAINS RESIDUAL B FACTORS ONLY' 
_refine.pdbx_starting_model                      'PDB ENTRY 1TJC' 
_refine.pdbx_method_to_determine_struct          'MOLECULAR REPLACEMENT' 
_refine.pdbx_isotropic_thermal_model             ? 
_refine.pdbx_stereochemistry_target_values       'MAXIMUM LIKELIHOOD' 
_refine.pdbx_stereochem_target_val_spec_case     ? 
_refine.pdbx_R_Free_selection_details            RANDOM 
_refine.pdbx_overall_ESU_R                       0.200 
_refine.pdbx_overall_ESU_R_Free                  0.195 
_refine.overall_SU_ML                            0.125 
_refine.pdbx_overall_phase_error                 ? 
_refine.overall_SU_B                             9.996 
_refine.overall_SU_R_Cruickshank_DPI             ? 
_refine.pdbx_overall_SU_R_free_Cruickshank_DPI   ? 
_refine.pdbx_overall_SU_R_Blow_DPI               ? 
_refine.pdbx_overall_SU_R_free_Blow_DPI          ? 
# 
_refine_hist.pdbx_refine_id                   'X-RAY DIFFRACTION' 
_refine_hist.cycle_id                         LAST 
_refine_hist.pdbx_number_atoms_protein        859 
_refine_hist.pdbx_number_atoms_nucleic_acid   0 
_refine_hist.pdbx_number_atoms_ligand         0 
_refine_hist.number_atoms_solvent             136 
_refine_hist.number_atoms_total               995 
_refine_hist.d_res_high                       2.03 
_refine_hist.d_res_low                        42.65 
# 
loop_
_refine_ls_restr.type 
_refine_ls_restr.dev_ideal 
_refine_ls_restr.dev_ideal_target 
_refine_ls_restr.weight 
_refine_ls_restr.number 
_refine_ls_restr.pdbx_refine_id 
_refine_ls_restr.pdbx_restraint_function 
r_bond_refined_d             0.013  0.021  ? 879  'X-RAY DIFFRACTION' ? 
r_bond_other_d               0.002  0.020  ? 573  'X-RAY DIFFRACTION' ? 
r_angle_refined_deg          1.497  1.945  ? 1186 'X-RAY DIFFRACTION' ? 
r_angle_other_deg            2.013  3.000  ? 1402 'X-RAY DIFFRACTION' ? 
r_dihedral_angle_1_deg       14.725 5.000  ? 101  'X-RAY DIFFRACTION' ? 
r_dihedral_angle_2_deg       34.891 25.102 ? 49   'X-RAY DIFFRACTION' ? 
r_dihedral_angle_3_deg       17.474 15.000 ? 156  'X-RAY DIFFRACTION' ? 
r_dihedral_angle_4_deg       4.693  15.000 ? 2    'X-RAY DIFFRACTION' ? 
r_chiral_restr               0.089  0.200  ? 126  'X-RAY DIFFRACTION' ? 
r_gen_planes_refined         0.007  0.020  ? 969  'X-RAY DIFFRACTION' ? 
r_gen_planes_other           0.004  0.020  ? 176  'X-RAY DIFFRACTION' ? 
r_nbd_refined                0.061  0.200  ? 236  'X-RAY DIFFRACTION' ? 
r_nbd_other                  0.075  0.200  ? 598  'X-RAY DIFFRACTION' ? 
r_nbtor_refined              0.000  0.200  ? 417  'X-RAY DIFFRACTION' ? 
r_nbtor_other                0.000  0.200  ? 441  'X-RAY DIFFRACTION' ? 
r_xyhbond_nbd_refined        0.123  0.200  ? 96   'X-RAY DIFFRACTION' ? 
r_xyhbond_nbd_other          ?      ?      ? ?    'X-RAY DIFFRACTION' ? 
r_metal_ion_refined          ?      ?      ? ?    'X-RAY DIFFRACTION' ? 
r_metal_ion_other            ?      ?      ? ?    'X-RAY DIFFRACTION' ? 
r_symmetry_vdw_refined       0.341  0.200  ? 8    'X-RAY DIFFRACTION' ? 
r_symmetry_vdw_other         0.303  0.200  ? 14   'X-RAY DIFFRACTION' ? 
r_symmetry_hbond_refined     0.160  0.200  ? 11   'X-RAY DIFFRACTION' ? 
r_symmetry_hbond_other       ?      ?      ? ?    'X-RAY DIFFRACTION' ? 
r_symmetry_metal_ion_refined ?      ?      ? ?    'X-RAY DIFFRACTION' ? 
r_symmetry_metal_ion_other   ?      ?      ? ?    'X-RAY DIFFRACTION' ? 
r_mcbond_it                  2.921  5.000  ? 510  'X-RAY DIFFRACTION' ? 
r_mcbond_other               ?      ?      ? ?    'X-RAY DIFFRACTION' ? 
r_mcangle_it                 3.947  7.000  ? 813  'X-RAY DIFFRACTION' ? 
r_mcangle_other              ?      ?      ? ?    'X-RAY DIFFRACTION' ? 
r_scbond_it                  3.391  5.000  ? 369  'X-RAY DIFFRACTION' ? 
r_scbond_other               ?      ?      ? ?    'X-RAY DIFFRACTION' ? 
r_scangle_it                 4.579  7.000  ? 373  'X-RAY DIFFRACTION' ? 
r_scangle_other              ?      ?      ? ?    'X-RAY DIFFRACTION' ? 
r_long_range_B_refined       ?      ?      ? ?    'X-RAY DIFFRACTION' ? 
r_long_range_B_other         ?      ?      ? ?    'X-RAY DIFFRACTION' ? 
r_rigid_bond_restr           ?      ?      ? ?    'X-RAY DIFFRACTION' ? 
r_sphericity_free            ?      ?      ? ?    'X-RAY DIFFRACTION' ? 
r_sphericity_bonded          ?      ?      ? ?    'X-RAY DIFFRACTION' ? 
# 
_refine_ls_shell.pdbx_refine_id                   'X-RAY DIFFRACTION' 
_refine_ls_shell.pdbx_total_number_of_bins_used   20 
_refine_ls_shell.d_res_high                       2.03 
_refine_ls_shell.d_res_low                        2.08 
_refine_ls_shell.number_reflns_R_work             413 
_refine_ls_shell.R_factor_R_work                  0.3020 
_refine_ls_shell.percent_reflns_obs               ? 
_refine_ls_shell.R_factor_R_free                  0.4530 
_refine_ls_shell.R_factor_R_free_error            ? 
_refine_ls_shell.percent_reflns_R_free            ? 
_refine_ls_shell.number_reflns_R_free             22 
_refine_ls_shell.number_reflns_all                ? 
_refine_ls_shell.R_factor_all                     ? 
# 
_struct.entry_id                  2V5F 
_struct.title                     
'Crystal structure of wild type peptide-binding domain of human type I collagen prolyl 4-hydroxylase.' 
_struct.pdbx_model_details        ? 
_struct.pdbx_CASP_flag            ? 
_struct.pdbx_model_type_details   ? 
# 
_struct_keywords.entry_id        2V5F 
_struct_keywords.pdbx_keywords   OXIDOREDUCTASE 
_struct_keywords.text            'ENDOPLASMIC RETICULUM, METAL-BINDING, OXIDOREDUCTASE' 
# 
loop_
_struct_asym.id 
_struct_asym.pdbx_blank_PDB_chainid_flag 
_struct_asym.pdbx_modified 
_struct_asym.entity_id 
_struct_asym.details 
A N N 1 ? 
B N N 2 ? 
C N N 3 ? 
D N N 3 ? 
# 
_struct_biol.id   1 
# 
loop_
_struct_conf.conf_type_id 
_struct_conf.id 
_struct_conf.pdbx_PDB_helix_id 
_struct_conf.beg_label_comp_id 
_struct_conf.beg_label_asym_id 
_struct_conf.beg_label_seq_id 
_struct_conf.pdbx_beg_PDB_ins_code 
_struct_conf.end_label_comp_id 
_struct_conf.end_label_asym_id 
_struct_conf.end_label_seq_id 
_struct_conf.pdbx_end_PDB_ins_code 
_struct_conf.beg_auth_comp_id 
_struct_conf.beg_auth_asym_id 
_struct_conf.beg_auth_seq_id 
_struct_conf.end_auth_comp_id 
_struct_conf.end_auth_asym_id 
_struct_conf.end_auth_seq_id 
_struct_conf.pdbx_PDB_helix_class 
_struct_conf.details 
_struct_conf.pdbx_PDB_helix_length 
HELX_P HELX_P1 1 THR A 4  ? GLU A 18 ? THR A 146 GLU A 160 1 ? 15 
HELX_P HELX_P2 2 ASP A 20 ? GLU A 37 ? ASP A 162 GLU A 179 1 ? 18 
HELX_P HELX_P3 3 ASP A 44 ? GLN A 59 ? ASP A 186 GLN A 201 1 ? 16 
HELX_P HELX_P4 4 ASP A 61 ? ASP A 76 ? ASP A 203 ASP A 218 1 ? 16 
HELX_P HELX_P5 5 HIS A 79 ? LYS A 97 ? HIS A 221 LYS A 239 1 ? 19 
# 
_struct_conf_type.id          HELX_P 
_struct_conf_type.criteria    ? 
_struct_conf_type.reference   ? 
# 
_atom_sites.entry_id                    2V5F 
_atom_sites.fract_transf_matrix[1][1]   -0.01290388 
_atom_sites.fract_transf_matrix[1][2]   0.00381498 
_atom_sites.fract_transf_matrix[1][3]   0.02304630 
_atom_sites.fract_transf_matrix[2][1]   0.00807963 
_atom_sites.fract_transf_matrix[2][2]   -0.01328005 
_atom_sites.fract_transf_matrix[2][3]   0.00672220 
_atom_sites.fract_transf_matrix[3][1]   0.01190091 
_atom_sites.fract_transf_matrix[3][2]   0.00979294 
_atom_sites.fract_transf_matrix[3][3]   0.00504237 
_atom_sites.fract_transf_vector[1]      0.005571 
_atom_sites.fract_transf_vector[2]      0.122050 
_atom_sites.fract_transf_vector[3]      0.163807 
# 
loop_
_atom_type.symbol 
C 
N 
O 
S 
# 
loop_
_atom_site.group_PDB 
_atom_site.id 
_atom_site.type_symbol 
_atom_site.label_atom_id 
_atom_site.label_alt_id 
_atom_site.label_comp_id 
_atom_site.label_asym_id 
_atom_site.label_entity_id 
_atom_site.label_seq_id 
_atom_site.pdbx_PDB_ins_code 
_atom_site.Cartn_x 
_atom_site.Cartn_y 
_atom_site.Cartn_z 
_atom_site.occupancy 
_atom_site.B_iso_or_equiv 
_atom_site.pdbx_formal_charge 
_atom_site.auth_seq_id 
_atom_site.auth_comp_id 
_atom_site.auth_asym_id 
_atom_site.auth_atom_id 
_atom_site.pdbx_PDB_model_num 
ATOM   1   N N   . PHE A 1 2  ? 1.326   -16.398 17.469  1.00 17.31 ? 144  PHE A N   1 
ATOM   2   C CA  . PHE A 1 2  ? 0.718   -16.072 16.139  1.00 19.43 ? 144  PHE A CA  1 
ATOM   3   C C   . PHE A 1 2  ? 0.440   -14.580 15.992  1.00 16.56 ? 144  PHE A C   1 
ATOM   4   O O   . PHE A 1 2  ? -0.328  -13.989 16.748  1.00 12.41 ? 144  PHE A O   1 
ATOM   5   C CB  . PHE A 1 2  ? -0.583  -16.844 15.926  1.00 22.49 ? 144  PHE A CB  1 
ATOM   6   C CG  . PHE A 1 2  ? -1.212  -16.579 14.591  1.00 25.71 ? 144  PHE A CG  1 
ATOM   7   C CD1 . PHE A 1 2  ? -2.275  -15.684 14.467  1.00 27.25 ? 144  PHE A CD1 1 
ATOM   8   C CD2 . PHE A 1 2  ? -0.718  -17.191 13.453  1.00 25.29 ? 144  PHE A CD2 1 
ATOM   9   C CE1 . PHE A 1 2  ? -2.845  -15.426 13.231  1.00 26.57 ? 144  PHE A CE1 1 
ATOM   10  C CE2 . PHE A 1 2  ? -1.286  -16.933 12.199  1.00 29.60 ? 144  PHE A CE2 1 
ATOM   11  C CZ  . PHE A 1 2  ? -2.347  -16.051 12.090  1.00 26.31 ? 144  PHE A CZ  1 
ATOM   12  N N   . LEU A 1 3  ? 1.107   -13.985 15.016  1.00 18.72 ? 145  LEU A N   1 
ATOM   13  C CA  . LEU A 1 3  ? 0.917   -12.564 14.706  1.00 18.99 ? 145  LEU A CA  1 
ATOM   14  C C   . LEU A 1 3  ? -0.313  -12.416 13.843  1.00 14.92 ? 145  LEU A C   1 
ATOM   15  O O   . LEU A 1 3  ? -0.437  -12.987 12.771  1.00 17.23 ? 145  LEU A O   1 
ATOM   16  C CB  . LEU A 1 3  ? 2.109   -11.952 13.945  1.00 18.36 ? 145  LEU A CB  1 
ATOM   17  C CG  . LEU A 1 3  ? 3.484   -11.770 14.533  1.00 22.76 ? 145  LEU A CG  1 
ATOM   18  C CD1 . LEU A 1 3  ? 4.272   -11.145 13.378  1.00 25.75 ? 145  LEU A CD1 1 
ATOM   19  C CD2 . LEU A 1 3  ? 3.487   -10.862 15.742  1.00 20.04 ? 145  LEU A CD2 1 
ATOM   20  N N   . THR A 1 4  ? -1.203  -11.593 14.333  1.00 11.88 ? 146  THR A N   1 
ATOM   21  C CA  . THR A 1 4  ? -2.440  -11.301 13.638  1.00 11.60 ? 146  THR A CA  1 
ATOM   22  C C   . THR A 1 4  ? -2.230  -10.270 12.534  1.00 13.62 ? 146  THR A C   1 
ATOM   23  O O   . THR A 1 4  ? -1.167  -9.667  12.385  1.00 9.79  ? 146  THR A O   1 
ATOM   24  C CB  . THR A 1 4  ? -3.448  -10.726 14.594  1.00 13.44 ? 146  THR A CB  1 
ATOM   25  O OG1 . THR A 1 4  ? -2.886  -9.533  15.142  1.00 13.79 ? 146  THR A OG1 1 
ATOM   26  C CG2 . THR A 1 4  ? -3.747  -11.732 15.738  1.00 13.30 ? 146  THR A CG2 1 
ATOM   27  N N   . ALA A 1 5  ? -3.294  -10.083 11.773  1.00 13.81 ? 147  ALA A N   1 
ATOM   28  C CA  . ALA A 1 5  ? -3.306  -9.100  10.692  1.00 11.84 ? 147  ALA A CA  1 
ATOM   29  C C   . ALA A 1 5  ? -2.966  -7.748  11.267  1.00 13.73 ? 147  ALA A C   1 
ATOM   30  O O   . ALA A 1 5  ? -2.215  -6.986  10.680  1.00 12.30 ? 147  ALA A O   1 
ATOM   31  C CB  . ALA A 1 5  ? -4.668  -9.055  9.964   1.00 9.99  ? 147  ALA A CB  1 
ATOM   32  N N   . GLU A 1 6  ? -3.503  -7.484  12.452  1.00 11.50 ? 148  GLU A N   1 
ATOM   33  C CA  . GLU A 1 6  ? -3.290  -6.196  13.111  1.00 8.69  ? 148  GLU A CA  1 
ATOM   34  C C   . GLU A 1 6  ? -1.848  -6.053  13.599  1.00 8.07  ? 148  GLU A C   1 
ATOM   35  O O   . GLU A 1 6  ? -1.235  -4.967  13.538  1.00 12.55 ? 148  GLU A O   1 
ATOM   36  C CB  . GLU A 1 6  ? -4.270  -5.987  14.246  1.00 12.50 ? 148  GLU A CB  1 
ATOM   37  C CG  . GLU A 1 6  ? -4.168  -4.642  14.872  1.00 16.07 ? 148  GLU A CG  1 
ATOM   38  C CD  . GLU A 1 6  ? -4.960  -4.518  16.165  1.00 20.85 ? 148  GLU A CD  1 
ATOM   39  O OE1 . GLU A 1 6  ? -5.474  -5.535  16.698  1.00 21.53 ? 148  GLU A OE1 1 
ATOM   40  O OE2 . GLU A 1 6  ? -5.068  -3.379  16.648  1.00 28.07 ? 148  GLU A OE2 1 
ATOM   41  N N   . ASP A 1 7  ? -1.300  -7.162  14.049  1.00 10.55 ? 149  ASP A N   1 
ATOM   42  C CA  . ASP A 1 7  ? 0.113   -7.207  14.492  1.00 11.11 ? 149  ASP A CA  1 
ATOM   43  C C   . ASP A 1 7  ? 1.037   -6.830  13.317  1.00 11.50 ? 149  ASP A C   1 
ATOM   44  O O   . ASP A 1 7  ? 1.959   -6.016  13.426  1.00 10.65 ? 149  ASP A O   1 
ATOM   45  C CB  . ASP A 1 7  ? 0.505   -8.584  15.005  1.00 8.73  ? 149  ASP A CB  1 
ATOM   46  C CG  . ASP A 1 7  ? -0.077  -8.898  16.402  1.00 12.18 ? 149  ASP A CG  1 
ATOM   47  O OD1 . ASP A 1 7  ? -0.182  -7.983  17.240  1.00 5.88  ? 149  ASP A OD1 1 
ATOM   48  O OD2 . ASP A 1 7  ? -0.391  -10.082 16.655  1.00 8.65  ? 149  ASP A OD2 1 
ATOM   49  N N   . CYS A 1 8  ? 0.767   -7.476  12.203  1.00 11.56 ? 150  CYS A N   1 
ATOM   50  C CA  . CYS A 1 8  ? 1.533   -7.275  10.936  1.00 10.32 ? 150  CYS A CA  1 
ATOM   51  C C   . CYS A 1 8  ? 1.450   -5.816  10.491  1.00 13.28 ? 150  CYS A C   1 
ATOM   52  O O   . CYS A 1 8  ? 2.405   -5.202  9.989   1.00 9.42  ? 150  CYS A O   1 
ATOM   53  C CB  . CYS A 1 8  ? 1.012   -8.198  9.833   1.00 12.32 ? 150  CYS A CB  1 
ATOM   54  S SG  . CYS A 1 8  ? 1.366   -9.925  10.154  1.00 13.60 ? 150  CYS A SG  1 
ATOM   55  N N   . PHE A 1 9  ? 0.279   -5.264  10.736  1.00 13.35 ? 151  PHE A N   1 
ATOM   56  C CA  . PHE A 1 9  ? -0.034  -3.909  10.311  1.00 13.15 ? 151  PHE A CA  1 
ATOM   57  C C   . PHE A 1 9  ? 0.719   -2.892  11.161  1.00 9.34  ? 151  PHE A C   1 
ATOM   58  O O   . PHE A 1 9  ? 1.194   -1.895  10.657  1.00 13.47 ? 151  PHE A O   1 
ATOM   59  C CB  . PHE A 1 9  ? -1.536  -3.635  10.371  1.00 16.59 ? 151  PHE A CB  1 
ATOM   60  C CG  . PHE A 1 9  ? -1.918  -2.217  10.001  1.00 14.15 ? 151  PHE A CG  1 
ATOM   61  C CD1 . PHE A 1 9  ? -2.018  -1.237  10.972  1.00 18.89 ? 151  PHE A CD1 1 
ATOM   62  C CD2 . PHE A 1 9  ? -2.196  -1.878  8.699   1.00 13.56 ? 151  PHE A CD2 1 
ATOM   63  C CE1 . PHE A 1 9  ? -2.366  0.070   10.642  1.00 19.60 ? 151  PHE A CE1 1 
ATOM   64  C CE2 . PHE A 1 9  ? -2.562  -0.581  8.358   1.00 16.10 ? 151  PHE A CE2 1 
ATOM   65  C CZ  . PHE A 1 9  ? -2.623  0.399   9.333   1.00 14.54 ? 151  PHE A CZ  1 
ATOM   66  N N   . GLU A 1 10 ? 0.841   -3.184  12.442  1.00 9.99  ? 152  GLU A N   1 
ATOM   67  C CA  . GLU A 1 10 ? 1.510   -2.284  13.387  1.00 11.23 ? 152  GLU A CA  1 
ATOM   68  C C   . GLU A 1 10 ? 3.005   -2.242  13.105  1.00 11.37 ? 152  GLU A C   1 
ATOM   69  O O   . GLU A 1 10 ? 3.673   -1.208  13.207  1.00 11.94 ? 152  GLU A O   1 
ATOM   70  C CB  . GLU A 1 10 ? 1.258   -2.717  14.828  1.00 15.85 ? 152  GLU A CB  1 
ATOM   71  C CG  . GLU A 1 10 ? -0.175  -2.467  15.278  1.00 20.29 ? 152  GLU A CG  1 
ATOM   72  C CD  . GLU A 1 10 ? -0.555  -0.984  15.206  1.00 24.72 ? 152  GLU A CD  1 
ATOM   73  O OE1 . GLU A 1 10 ? 0.182   -0.136  15.762  1.00 25.30 ? 152  GLU A OE1 1 
ATOM   74  O OE2 . GLU A 1 10 ? -1.597  -0.668  14.598  1.00 29.84 ? 152  GLU A OE2 1 
ATOM   75  N N   . LEU A 1 11 ? 3.506   -3.415  12.777  1.00 9.31  ? 153  LEU A N   1 
ATOM   76  C CA  . LEU A 1 11 ? 4.926   -3.595  12.431  1.00 12.23 ? 153  LEU A CA  1 
ATOM   77  C C   . LEU A 1 11 ? 5.229   -2.838  11.146  1.00 8.82  ? 153  LEU A C   1 
ATOM   78  O O   . LEU A 1 11 ? 6.255   -2.179  11.020  1.00 11.82 ? 153  LEU A O   1 
ATOM   79  C CB  . LEU A 1 11 ? 5.296   -5.086  12.275  1.00 8.63  ? 153  LEU A CB  1 
ATOM   80  C CG  . LEU A 1 11 ? 5.520   -5.843  13.599  1.00 10.16 ? 153  LEU A CG  1 
ATOM   81  C CD1 . LEU A 1 11 ? 5.190   -7.357  13.440  1.00 11.90 ? 153  LEU A CD1 1 
ATOM   82  C CD2 . LEU A 1 11 ? 6.959   -5.641  14.154  1.00 8.91  ? 153  LEU A CD2 1 
ATOM   83  N N   . GLY A 1 12 ? 4.323   -2.977  10.188  1.00 11.33 ? 154  GLY A N   1 
ATOM   84  C CA  . GLY A 1 12 ? 4.504   -2.371  8.842   1.00 9.24  ? 154  GLY A CA  1 
ATOM   85  C C   . GLY A 1 12 ? 4.409   -0.864  8.908   1.00 12.17 ? 154  GLY A C   1 
ATOM   86  O O   . GLY A 1 12 ? 5.061   -0.141  8.197   1.00 9.84  ? 154  GLY A O   1 
ATOM   87  N N   . LYS A 1 13 ? 3.600   -0.408  9.850   1.00 14.67 ? 155  LYS A N   1 
ATOM   88  C CA  . LYS A 1 13 ? 3.273   1.019   9.979   1.00 16.40 ? 155  LYS A CA  1 
ATOM   89  C C   . LYS A 1 13 ? 4.485   1.738   10.558  1.00 16.08 ? 155  LYS A C   1 
ATOM   90  O O   . LYS A 1 13 ? 4.865   2.849   10.141  1.00 13.52 ? 155  LYS A O   1 
ATOM   91  C CB  . LYS A 1 13 ? 2.013   1.172   10.854  1.00 18.18 ? 155  LYS A CB  1 
ATOM   92  C CG  . LYS A 1 13 ? 1.407   2.554   10.924  1.00 25.35 ? 155  LYS A CG  1 
ATOM   93  C CD  . LYS A 1 13 ? -0.081  2.464   11.338  1.00 24.70 ? 155  LYS A CD  1 
ATOM   94  C CE  . LYS A 1 13 ? -0.253  1.811   12.693  1.00 30.01 ? 155  LYS A CE  1 
ATOM   95  N NZ  . LYS A 1 13 ? -1.259  2.514   13.584  1.00 32.36 ? 155  LYS A NZ  1 
ATOM   96  N N   . VAL A 1 14 ? 5.141   1.036   11.474  1.00 12.38 ? 156  VAL A N   1 
ATOM   97  C CA  . VAL A 1 14 ? 6.311   1.577   12.134  1.00 12.13 ? 156  VAL A CA  1 
ATOM   98  C C   . VAL A 1 14 ? 7.472   1.529   11.167  1.00 13.34 ? 156  VAL A C   1 
ATOM   99  O O   . VAL A 1 14 ? 8.295   2.435   11.142  1.00 13.93 ? 156  VAL A O   1 
ATOM   100 C CB  . VAL A 1 14 ? 6.673   0.851   13.420  1.00 14.51 ? 156  VAL A CB  1 
ATOM   101 C CG1 . VAL A 1 14 ? 8.104   1.200   13.835  1.00 14.87 ? 156  VAL A CG1 1 
ATOM   102 C CG2 . VAL A 1 14 ? 5.686   1.224   14.517  1.00 13.96 ? 156  VAL A CG2 1 
ATOM   103 N N   . ALA A 1 15 ? 7.538   0.460   10.375  1.00 8.22  ? 157  ALA A N   1 
ATOM   104 C CA  . ALA A 1 15 ? 8.610   0.376   9.372   1.00 7.96  ? 157  ALA A CA  1 
ATOM   105 C C   . ALA A 1 15 ? 8.418   1.586   8.455   1.00 11.09 ? 157  ALA A C   1 
ATOM   106 O O   . ALA A 1 15 ? 9.364   2.282   8.072   1.00 12.91 ? 157  ALA A O   1 
ATOM   107 C CB  . ALA A 1 15 ? 8.568   -0.919  8.593   1.00 7.64  ? 157  ALA A CB  1 
ATOM   108 N N   . TYR A 1 16 ? 7.154   1.870   8.171   1.00 13.90 ? 158  TYR A N   1 
ATOM   109 C CA  . TYR A 1 16 ? 6.839   2.901   7.180   1.00 10.82 ? 158  TYR A CA  1 
ATOM   110 C C   . TYR A 1 16 ? 7.348   4.246   7.636   1.00 13.30 ? 158  TYR A C   1 
ATOM   111 O O   . TYR A 1 16 ? 7.987   4.976   6.922   1.00 7.99  ? 158  TYR A O   1 
ATOM   112 C CB  . TYR A 1 16 ? 5.341   3.056   6.933   1.00 13.43 ? 158  TYR A CB  1 
ATOM   113 C CG  . TYR A 1 16 ? 5.151   3.968   5.749   1.00 15.01 ? 158  TYR A CG  1 
ATOM   114 C CD1 . TYR A 1 16 ? 4.746   5.294   5.906   1.00 19.28 ? 158  TYR A CD1 1 
ATOM   115 C CD2 . TYR A 1 16 ? 5.501   3.533   4.470   1.00 18.89 ? 158  TYR A CD2 1 
ATOM   116 C CE1 . TYR A 1 16 ? 4.626   6.149   4.800   1.00 19.51 ? 158  TYR A CE1 1 
ATOM   117 C CE2 . TYR A 1 16 ? 5.373   4.355   3.366   1.00 20.02 ? 158  TYR A CE2 1 
ATOM   118 C CZ  . TYR A 1 16 ? 4.946   5.668   3.538   1.00 21.39 ? 158  TYR A CZ  1 
ATOM   119 O OH  . TYR A 1 16 ? 4.845   6.468   2.438   1.00 28.71 ? 158  TYR A OH  1 
ATOM   120 N N   . THR A 1 17 ? 7.003   4.576   8.858   1.00 14.12 ? 159  THR A N   1 
ATOM   121 C CA  . THR A 1 17 ? 7.452   5.829   9.448   1.00 15.37 ? 159  THR A CA  1 
ATOM   122 C C   . THR A 1 17 ? 8.990   5.948   9.485   1.00 17.93 ? 159  THR A C   1 
ATOM   123 O O   . THR A 1 17 ? 9.545   7.045   9.417   1.00 11.37 ? 159  THR A O   1 
ATOM   124 C CB  . THR A 1 17 ? 6.896   6.017   10.859  1.00 17.77 ? 159  THR A CB  1 
ATOM   125 O OG1 . THR A 1 17 ? 7.562   5.113   11.739  1.00 25.86 ? 159  THR A OG1 1 
ATOM   126 C CG2 . THR A 1 17 ? 5.405   5.751   10.889  1.00 13.49 ? 159  THR A CG2 1 
ATOM   127 N N   . GLU A 1 18 ? 9.662   4.807   9.580   1.00 13.87 ? 160  GLU A N   1 
ATOM   128 C CA  . GLU A 1 18 ? 11.112  4.741   9.712   1.00 16.79 ? 160  GLU A CA  1 
ATOM   129 C C   . GLU A 1 18 ? 11.843  4.933   8.405   1.00 16.28 ? 160  GLU A C   1 
ATOM   130 O O   . GLU A 1 18 ? 12.997  4.634   8.244   1.00 14.98 ? 160  GLU A O   1 
ATOM   131 C CB  . GLU A 1 18 ? 11.591  3.548   10.559  1.00 17.67 ? 160  GLU A CB  1 
ATOM   132 C CG  . GLU A 1 18 ? 11.328  3.817   12.034  1.00 19.63 ? 160  GLU A CG  1 
ATOM   133 C CD  . GLU A 1 18 ? 11.629  2.637   12.940  1.00 21.64 ? 160  GLU A CD  1 
ATOM   134 O OE1 . GLU A 1 18 ? 12.118  1.590   12.454  1.00 23.56 ? 160  GLU A OE1 1 
ATOM   135 O OE2 . GLU A 1 18 ? 11.376  2.772   14.149  1.00 19.51 ? 160  GLU A OE2 1 
ATOM   136 N N   . ALA A 1 19 ? 11.072  5.328   7.429   1.00 17.02 ? 161  ALA A N   1 
ATOM   137 C CA  . ALA A 1 19 ? 11.116  4.837   6.049   1.00 15.23 ? 161  ALA A CA  1 
ATOM   138 C C   . ALA A 1 19 ? 11.771  3.529   5.714   1.00 17.10 ? 161  ALA A C   1 
ATOM   139 O O   . ALA A 1 19 ? 12.526  3.439   4.759   1.00 12.81 ? 161  ALA A O   1 
ATOM   140 C CB  . ALA A 1 19 ? 11.848  5.940   5.213   1.00 19.06 ? 161  ALA A CB  1 
ATOM   141 N N   . ASP A 1 20 ? 11.456  2.492   6.448   1.00 16.25 ? 162  ASP A N   1 
ATOM   142 C CA  . ASP A 1 20 ? 11.899  1.177   5.972   1.00 15.19 ? 162  ASP A CA  1 
ATOM   143 C C   . ASP A 1 20 ? 10.810  0.553   5.120   1.00 13.57 ? 162  ASP A C   1 
ATOM   144 O O   . ASP A 1 20 ? 9.960   -0.175  5.605   1.00 13.80 ? 162  ASP A O   1 
ATOM   145 C CB  . ASP A 1 20 ? 12.313  0.280   7.145   1.00 12.29 ? 162  ASP A CB  1 
ATOM   146 C CG  . ASP A 1 20 ? 12.770  -1.131  6.719   1.00 11.85 ? 162  ASP A CG  1 
ATOM   147 O OD1 . ASP A 1 20 ? 12.621  -1.572  5.549   1.00 11.56 ? 162  ASP A OD1 1 
ATOM   148 O OD2 . ASP A 1 20 ? 13.252  -1.831  7.619   1.00 13.37 ? 162  ASP A OD2 1 
ATOM   149 N N   . TYR A 1 21 ? 10.894  0.837   3.826   1.00 11.28 ? 163  TYR A N   1 
ATOM   150 C CA  . TYR A 1 21 ? 9.861   0.432   2.851   1.00 14.61 ? 163  TYR A CA  1 
ATOM   151 C C   . TYR A 1 21 ? 9.900   -1.053  2.560   1.00 9.54  ? 163  TYR A C   1 
ATOM   152 O O   . TYR A 1 21 ? 8.863   -1.661  2.337   1.00 11.47 ? 163  TYR A O   1 
ATOM   153 C CB  . TYR A 1 21 ? 9.949   1.240   1.540   1.00 12.79 ? 163  TYR A CB  1 
ATOM   154 C CG  . TYR A 1 21 ? 9.862   2.702   1.827   1.00 12.74 ? 163  TYR A CG  1 
ATOM   155 C CD1 . TYR A 1 21 ? 10.936  3.544   1.615   1.00 18.36 ? 163  TYR A CD1 1 
ATOM   156 C CD2 . TYR A 1 21 ? 8.745   3.213   2.431   1.00 18.54 ? 163  TYR A CD2 1 
ATOM   157 C CE1 . TYR A 1 21 ? 10.852  4.885   1.913   1.00 16.97 ? 163  TYR A CE1 1 
ATOM   158 C CE2 . TYR A 1 21 ? 8.648   4.538   2.739   1.00 15.65 ? 163  TYR A CE2 1 
ATOM   159 C CZ  . TYR A 1 21 ? 9.713   5.366   2.488   1.00 17.84 ? 163  TYR A CZ  1 
ATOM   160 O OH  . TYR A 1 21 ? 9.617   6.690   2.799   1.00 19.22 ? 163  TYR A OH  1 
ATOM   161 N N   . TYR A 1 22 ? 11.095  -1.627  2.590   1.00 13.08 ? 164  TYR A N   1 
ATOM   162 C CA  . TYR A 1 22 ? 11.265  -3.081  2.375   1.00 13.75 ? 164  TYR A CA  1 
ATOM   163 C C   . TYR A 1 22 ? 10.403  -3.873  3.375   1.00 13.45 ? 164  TYR A C   1 
ATOM   164 O O   . TYR A 1 22 ? 9.650   -4.778  3.010   1.00 10.73 ? 164  TYR A O   1 
ATOM   165 C CB  . TYR A 1 22 ? 12.747  -3.492  2.487   1.00 17.95 ? 164  TYR A CB  1 
ATOM   166 C CG  . TYR A 1 22 ? 13.002  -4.995  2.505   1.00 15.57 ? 164  TYR A CG  1 
ATOM   167 C CD1 . TYR A 1 22 ? 13.107  -5.717  1.321   1.00 19.33 ? 164  TYR A CD1 1 
ATOM   168 C CD2 . TYR A 1 22 ? 13.164  -5.682  3.701   1.00 16.85 ? 164  TYR A CD2 1 
ATOM   169 C CE1 . TYR A 1 22 ? 13.332  -7.090  1.331   1.00 16.44 ? 164  TYR A CE1 1 
ATOM   170 C CE2 . TYR A 1 22 ? 13.384  -7.054  3.722   1.00 16.76 ? 164  TYR A CE2 1 
ATOM   171 C CZ  . TYR A 1 22 ? 13.468  -7.748  2.534   1.00 20.30 ? 164  TYR A CZ  1 
ATOM   172 O OH  . TYR A 1 22 ? 13.704  -9.105  2.546   1.00 23.80 ? 164  TYR A OH  1 
ATOM   173 N N   . HIS A 1 23 ? 10.518  -3.503  4.640   1.00 11.44 ? 165  HIS A N   1 
ATOM   174 C CA  . HIS A 1 23 ? 9.831   -4.228  5.739   1.00 11.47 ? 165  HIS A CA  1 
ATOM   175 C C   . HIS A 1 23 ? 8.389   -3.810  5.845   1.00 10.48 ? 165  HIS A C   1 
ATOM   176 O O   . HIS A 1 23 ? 7.549   -4.548  6.356   1.00 10.26 ? 165  HIS A O   1 
ATOM   177 C CB  . HIS A 1 23 ? 10.540  -4.062  7.088   1.00 9.91  ? 165  HIS A CB  1 
ATOM   178 C CG  . HIS A 1 23 ? 11.794  -4.878  7.200   1.00 6.95  ? 165  HIS A CG  1 
ATOM   179 N ND1 . HIS A 1 23 ? 11.790  -6.254  7.118   1.00 10.16 ? 165  HIS A ND1 1 
ATOM   180 C CD2 . HIS A 1 23 ? 13.087  -4.514  7.333   1.00 2.00  ? 165  HIS A CD2 1 
ATOM   181 C CE1 . HIS A 1 23 ? 13.030  -6.698  7.216   1.00 6.16  ? 165  HIS A CE1 1 
ATOM   182 N NE2 . HIS A 1 23 ? 13.837  -5.663  7.338   1.00 9.85  ? 165  HIS A NE2 1 
ATOM   183 N N   . THR A 1 24 ? 8.096   -2.627  5.317   1.00 10.89 ? 166  THR A N   1 
ATOM   184 C CA  . THR A 1 24 ? 6.689   -2.148  5.258   1.00 8.79  ? 166  THR A CA  1 
ATOM   185 C C   . THR A 1 24 ? 5.910   -3.086  4.325   1.00 9.40  ? 166  THR A C   1 
ATOM   186 O O   . THR A 1 24 ? 4.834   -3.598  4.640   1.00 9.69  ? 166  THR A O   1 
ATOM   187 C CB  . THR A 1 24 ? 6.562   -0.671  4.723   1.00 10.62 ? 166  THR A CB  1 
ATOM   188 O OG1 . THR A 1 24 ? 7.140   0.281   5.646   1.00 9.33  ? 166  THR A OG1 1 
ATOM   189 C CG2 . THR A 1 24 ? 5.125   -0.318  4.439   1.00 10.34 ? 166  THR A CG2 1 
ATOM   190 N N   . GLU A 1 25 ? 6.500   -3.291  3.161   1.00 5.92  ? 167  GLU A N   1 
ATOM   191 C CA  . GLU A 1 25 ? 5.907   -4.146  2.113   1.00 10.43 ? 167  GLU A CA  1 
ATOM   192 C C   . GLU A 1 25 ? 5.700   -5.607  2.577   1.00 10.53 ? 167  GLU A C   1 
ATOM   193 O O   . GLU A 1 25 ? 4.667   -6.232  2.347   1.00 12.51 ? 167  GLU A O   1 
ATOM   194 C CB  . GLU A 1 25 ? 6.758   -4.108  0.833   1.00 8.35  ? 167  GLU A CB  1 
ATOM   195 C CG  . GLU A 1 25 ? 6.449   -5.263  -0.071  1.00 15.52 ? 167  GLU A CG  1 
ATOM   196 C CD  . GLU A 1 25 ? 7.161   -5.205  -1.401  1.00 16.57 ? 167  GLU A CD  1 
ATOM   197 O OE1 . GLU A 1 25 ? 8.124   -4.415  -1.561  1.00 14.40 ? 167  GLU A OE1 1 
ATOM   198 O OE2 . GLU A 1 25 ? 6.744   -5.975  -2.282  1.00 19.04 ? 167  GLU A OE2 1 
ATOM   199 N N   . LEU A 1 26 ? 6.698   -6.114  3.274   1.00 10.94 ? 168  LEU A N   1 
ATOM   200 C CA  . LEU A 1 26 ? 6.699   -7.494  3.783   1.00 10.77 ? 168  LEU A CA  1 
ATOM   201 C C   . LEU A 1 26 ? 5.602   -7.688  4.788   1.00 9.89  ? 168  LEU A C   1 
ATOM   202 O O   . LEU A 1 26 ? 4.849   -8.651  4.724   1.00 5.57  ? 168  LEU A O   1 
ATOM   203 C CB  . LEU A 1 26 ? 8.050   -7.886  4.446   1.00 14.90 ? 168  LEU A CB  1 
ATOM   204 C CG  . LEU A 1 26 ? 8.949   -8.869  3.676   1.00 21.80 ? 168  LEU A CG  1 
ATOM   205 C CD1 . LEU A 1 26 ? 8.657   -9.004  2.179   1.00 22.36 ? 168  LEU A CD1 1 
ATOM   206 C CD2 . LEU A 1 26 ? 10.436  -8.572  3.894   1.00 19.63 ? 168  LEU A CD2 1 
ATOM   207 N N   . TRP A 1 27 ? 5.531   -6.770  5.736   1.00 6.77  ? 169  TRP A N   1 
ATOM   208 C CA  . TRP A 1 27 ? 4.532   -6.868  6.834   1.00 7.85  ? 169  TRP A CA  1 
ATOM   209 C C   . TRP A 1 27 ? 3.105   -6.596  6.331   1.00 13.57 ? 169  TRP A C   1 
ATOM   210 O O   . TRP A 1 27 ? 2.146   -7.303  6.648   1.00 13.07 ? 169  TRP A O   1 
ATOM   211 C CB  . TRP A 1 27 ? 4.881   -5.938  8.008   1.00 4.10  ? 169  TRP A CB  1 
ATOM   212 C CG  . TRP A 1 27 ? 5.950   -6.520  8.860   1.00 8.15  ? 169  TRP A CG  1 
ATOM   213 C CD1 . TRP A 1 27 ? 7.151   -5.972  9.152   1.00 7.06  ? 169  TRP A CD1 1 
ATOM   214 C CD2 . TRP A 1 27 ? 5.931   -7.805  9.490   1.00 8.25  ? 169  TRP A CD2 1 
ATOM   215 N NE1 . TRP A 1 27 ? 7.884   -6.822  9.918   1.00 9.13  ? 169  TRP A NE1 1 
ATOM   216 C CE2 . TRP A 1 27 ? 7.155   -7.956  10.153  1.00 11.77 ? 169  TRP A CE2 1 
ATOM   217 C CE3 . TRP A 1 27 ? 4.991   -8.833  9.570   1.00 10.47 ? 169  TRP A CE3 1 
ATOM   218 C CZ2 . TRP A 1 27 ? 7.472   -9.100  10.909  1.00 15.39 ? 169  TRP A CZ2 1 
ATOM   219 C CZ3 . TRP A 1 27 ? 5.322   -9.977  10.319  1.00 16.86 ? 169  TRP A CZ3 1 
ATOM   220 C CH2 . TRP A 1 27 ? 6.555   -10.088 10.969  1.00 10.37 ? 169  TRP A CH2 1 
ATOM   221 N N   . MET A 1 28 ? 2.994   -5.569  5.519   1.00 12.76 ? 170  MET A N   1 
ATOM   222 C CA  . MET A 1 28 ? 1.705   -5.202  4.908   1.00 13.32 ? 170  MET A CA  1 
ATOM   223 C C   . MET A 1 28 ? 1.209   -6.329  3.967   1.00 12.94 ? 170  MET A C   1 
ATOM   224 O O   . MET A 1 28 ? 0.020   -6.702  3.943   1.00 13.54 ? 170  MET A O   1 
ATOM   225 C CB  . MET A 1 28 ? 1.812   -3.875  4.145   1.00 16.37 ? 170  MET A CB  1 
ATOM   226 C CG  . MET A 1 28 ? 1.970   -2.678  5.036   1.00 16.61 ? 170  MET A CG  1 
ATOM   227 S SD  . MET A 1 28 ? 0.594   -2.518  6.213   1.00 15.03 ? 170  MET A SD  1 
ATOM   228 C CE  . MET A 1 28 ? 1.226   -1.135  7.189   1.00 8.65  ? 170  MET A CE  1 
ATOM   229 N N   . GLU A 1 29 ? 2.139   -6.947  3.260   1.00 12.41 ? 171  GLU A N   1 
ATOM   230 C CA  . GLU A 1 29 ? 1.778   -8.073  2.394   1.00 11.29 ? 171  GLU A CA  1 
ATOM   231 C C   . GLU A 1 29 ? 1.223   -9.237  3.225   1.00 13.11 ? 171  GLU A C   1 
ATOM   232 O O   . GLU A 1 29 ? 0.194   -9.871  2.886   1.00 8.68  ? 171  GLU A O   1 
ATOM   233 C CB  . GLU A 1 29 ? 2.937   -8.523  1.507   1.00 17.83 ? 171  GLU A CB  1 
ATOM   234 C CG  . GLU A 1 29 ? 2.656   -9.826  0.803   1.00 18.72 ? 171  GLU A CG  1 
ATOM   235 C CD  . GLU A 1 29 ? 3.725   -10.186 -0.213  1.00 21.59 ? 171  GLU A CD  1 
ATOM   236 O OE1 . GLU A 1 29 ? 4.298   -9.265  -0.872  1.00 21.34 ? 171  GLU A OE1 1 
ATOM   237 O OE2 . GLU A 1 29 ? 3.954   -11.400 -0.359  1.00 24.39 ? 171  GLU A OE2 1 
ATOM   238 N N   . GLN A 1 30 ? 1.894   -9.495  4.333   1.00 14.31 ? 172  GLN A N   1 
ATOM   239 C CA  . GLN A 1 30 ? 1.481   -10.578 5.234   1.00 12.56 ? 172  GLN A CA  1 
ATOM   240 C C   . GLN A 1 30 ? 0.110   -10.285 5.817   1.00 11.77 ? 172  GLN A C   1 
ATOM   241 O O   . GLN A 1 30 ? -0.743  -11.169 5.880   1.00 11.40 ? 172  GLN A O   1 
ATOM   242 C CB  . GLN A 1 30 ? 2.506   -10.871 6.353   1.00 17.00 ? 172  GLN A CB  1 
ATOM   243 C CG  . GLN A 1 30 ? 2.042   -12.054 7.237   1.00 19.04 ? 172  GLN A CG  1 
ATOM   244 C CD  . GLN A 1 30 ? 3.009   -12.458 8.343   1.00 20.17 ? 172  GLN A CD  1 
ATOM   245 O OE1 . GLN A 1 30 ? 4.208   -12.152 8.303   1.00 31.07 ? 172  GLN A OE1 1 
ATOM   246 N NE2 . GLN A 1 30 ? 2.492   -13.188 9.331   1.00 21.42 ? 172  GLN A NE2 1 
ATOM   247 N N   . ALA A 1 31 ? -0.103  -9.024  6.196   1.00 11.69 ? 173  ALA A N   1 
ATOM   248 C CA  . ALA A 1 31 ? -1.413  -8.551  6.718   1.00 10.90 ? 173  ALA A CA  1 
ATOM   249 C C   . ALA A 1 31 ? -2.555  -8.843  5.737   1.00 11.32 ? 173  ALA A C   1 
ATOM   250 O O   . ALA A 1 31 ? -3.620  -9.398  6.061   1.00 11.45 ? 173  ALA A O   1 
ATOM   251 C CB  . ALA A 1 31 ? -1.366  -7.014  7.030   1.00 13.41 ? 173  ALA A CB  1 
ATOM   252 N N   . LEU A 1 32 ? -2.291  -8.445  4.516   1.00 12.60 ? 174  LEU A N   1 
ATOM   253 C CA  . LEU A 1 32 ? -3.235  -8.627  3.381   1.00 12.62 ? 174  LEU A CA  1 
ATOM   254 C C   . LEU A 1 32 ? -3.591  -10.089 3.125   1.00 14.52 ? 174  LEU A C   1 
ATOM   255 O O   . LEU A 1 32 ? -4.764  -10.446 2.996   1.00 14.33 ? 174  LEU A O   1 
ATOM   256 C CB  . LEU A 1 32 ? -2.668  -8.016  2.077   1.00 13.02 ? 174  LEU A CB  1 
ATOM   257 C CG  . LEU A 1 32 ? -3.747  -7.904  0.999   1.00 17.81 ? 174  LEU A CG  1 
ATOM   258 C CD1 . LEU A 1 32 ? -4.982  -7.068  1.550   1.00 11.04 ? 174  LEU A CD1 1 
ATOM   259 C CD2 . LEU A 1 32 ? -3.170  -7.370  -0.288  1.00 15.66 ? 174  LEU A CD2 1 
ATOM   260 N N   . ARG A 1 33 ? -2.571  -10.935 3.047   1.00 8.20  ? 175  ARG A N   1 
ATOM   261 C CA  . ARG A 1 33 ? -2.810  -12.352 2.848   1.00 11.49 ? 175  ARG A CA  1 
ATOM   262 C C   . ARG A 1 33 ? -3.711  -12.921 3.949   1.00 9.24  ? 175  ARG A C   1 
ATOM   263 O O   . ARG A 1 33 ? -4.604  -13.704 3.681   1.00 10.71 ? 175  ARG A O   1 
ATOM   264 C CB  . ARG A 1 33 ? -1.510  -13.155 2.775   1.00 15.53 ? 175  ARG A CB  1 
ATOM   265 C CG  . ARG A 1 33 ? -0.652  -12.832 1.548   1.00 15.67 ? 175  ARG A CG  1 
ATOM   266 C CD  . ARG A 1 33 ? 0.590   -13.746 1.536   1.00 21.11 ? 175  ARG A CD  1 
ATOM   267 N NE  . ARG A 1 33 ? 1.452   -13.390 0.415   1.00 22.93 ? 175  ARG A NE  1 
ATOM   268 C CZ  . ARG A 1 33 ? 1.299   -13.877 -0.815  1.00 26.84 ? 175  ARG A CZ  1 
ATOM   269 N NH1 . ARG A 1 33 ? 2.123   -13.509 -1.790  1.00 25.20 ? 175  ARG A NH1 1 
ATOM   270 N NH2 . ARG A 1 33 ? 0.329   -14.750 -1.077  1.00 27.31 ? 175  ARG A NH2 1 
ATOM   271 N N   . GLN A 1 34 ? -3.479  -12.486 5.177   1.00 11.20 ? 176  GLN A N   1 
ATOM   272 C CA  . GLN A 1 34 ? -4.212  -13.025 6.324   1.00 9.15  ? 176  GLN A CA  1 
ATOM   273 C C   . GLN A 1 34 ? -5.636  -12.553 6.186   1.00 9.37  ? 176  GLN A C   1 
ATOM   274 O O   . GLN A 1 34 ? -6.588  -13.312 6.384   1.00 12.42 ? 176  GLN A O   1 
ATOM   275 C CB  . GLN A 1 34 ? -3.585  -12.643 7.664   1.00 13.21 ? 176  GLN A CB  1 
ATOM   276 C CG  . GLN A 1 34 ? -2.377  -13.518 7.886   1.00 12.97 ? 176  GLN A CG  1 
ATOM   277 C CD  . GLN A 1 34 ? -1.613  -13.282 9.161   1.00 13.09 ? 176  GLN A CD  1 
ATOM   278 O OE1 . GLN A 1 34 ? -2.147  -12.859 10.203  1.00 14.70 ? 176  GLN A OE1 1 
ATOM   279 N NE2 . GLN A 1 34 ? -0.328  -13.610 9.096   1.00 14.56 ? 176  GLN A NE2 1 
ATOM   280 N N   . LEU A 1 35 ? -5.761  -11.327 5.704   1.00 7.15  ? 177  LEU A N   1 
ATOM   281 C CA  . LEU A 1 35 ? -7.099  -10.729 5.493   1.00 12.97 ? 177  LEU A CA  1 
ATOM   282 C C   . LEU A 1 35 ? -7.835  -11.481 4.363   1.00 9.43  ? 177  LEU A C   1 
ATOM   283 O O   . LEU A 1 35 ? -9.017  -11.844 4.479   1.00 11.98 ? 177  LEU A O   1 
ATOM   284 C CB  . LEU A 1 35 ? -7.048  -9.217  5.277   1.00 10.27 ? 177  LEU A CB  1 
ATOM   285 C CG  . LEU A 1 35 ? -6.746  -8.342  6.513   1.00 10.72 ? 177  LEU A CG  1 
ATOM   286 C CD1 . LEU A 1 35 ? -6.837  -6.833  6.122   1.00 9.14  ? 177  LEU A CD1 1 
ATOM   287 C CD2 . LEU A 1 35 ? -7.632  -8.646  7.702   1.00 10.85 ? 177  LEU A CD2 1 
ATOM   288 N N   . ASP A 1 36 ? -7.096  -11.770 3.306   1.00 10.86 ? 178  ASP A N   1 
ATOM   289 C CA  . ASP A 1 36 ? -7.650  -12.417 2.088   1.00 11.49 ? 178  ASP A CA  1 
ATOM   290 C C   . ASP A 1 36 ? -8.125  -13.822 2.378   1.00 14.12 ? 178  ASP A C   1 
ATOM   291 O O   . ASP A 1 36 ? -8.973  -14.387 1.661   1.00 14.06 ? 178  ASP A O   1 
ATOM   292 C CB  . ASP A 1 36 ? -6.607  -12.497 0.952   1.00 15.72 ? 178  ASP A CB  1 
ATOM   293 C CG  . ASP A 1 36 ? -6.410  -11.182 0.230   1.00 18.24 ? 178  ASP A CG  1 
ATOM   294 O OD1 . ASP A 1 36 ? -7.317  -10.297 0.256   1.00 19.23 ? 178  ASP A OD1 1 
ATOM   295 O OD2 . ASP A 1 36 ? -5.333  -11.048 -0.391  1.00 18.99 ? 178  ASP A OD2 1 
ATOM   296 N N   . GLU A 1 37 ? -7.578  -14.378 3.444   1.00 15.15 ? 179  GLU A N   1 
ATOM   297 C CA  . GLU A 1 37 ? -7.858  -15.768 3.799   1.00 17.80 ? 179  GLU A CA  1 
ATOM   298 C C   . GLU A 1 37 ? -9.016  -15.835 4.769   1.00 18.93 ? 179  GLU A C   1 
ATOM   299 O O   . GLU A 1 37 ? -9.509  -16.913 5.104   1.00 17.70 ? 179  GLU A O   1 
ATOM   300 C CB  . GLU A 1 37 ? -6.631  -16.496 4.344   1.00 23.21 ? 179  GLU A CB  1 
ATOM   301 C CG  . GLU A 1 37 ? -5.671  -16.980 3.249   1.00 29.44 ? 179  GLU A CG  1 
ATOM   302 C CD  . GLU A 1 37 ? -6.378  -17.310 1.925   1.00 32.64 ? 179  GLU A CD  1 
ATOM   303 O OE1 . GLU A 1 37 ? -7.028  -18.376 1.826   1.00 36.33 ? 179  GLU A OE1 1 
ATOM   304 O OE2 . GLU A 1 37 ? -6.280  -16.487 0.983   1.00 34.18 ? 179  GLU A OE2 1 
ATOM   305 N N   . GLY A 1 38 ? -9.441  -14.660 5.208   1.00 12.70 ? 180  GLY A N   1 
ATOM   306 C CA  . GLY A 1 38 ? -10.685 -14.524 5.987   1.00 8.75  ? 180  GLY A CA  1 
ATOM   307 C C   . GLY A 1 38 ? -10.536 -14.181 7.461   1.00 10.41 ? 180  GLY A C   1 
ATOM   308 O O   . GLY A 1 38 ? -11.478 -14.313 8.234   1.00 9.26  ? 180  GLY A O   1 
ATOM   309 N N   . GLU A 1 39 ? -9.359  -13.709 7.830   1.00 10.89 ? 181  GLU A N   1 
ATOM   310 C CA  . GLU A 1 39 ? -9.090  -13.328 9.237   1.00 12.72 ? 181  GLU A CA  1 
ATOM   311 C C   . GLU A 1 39 ? -10.019 -12.223 9.657   1.00 12.06 ? 181  GLU A C   1 
ATOM   312 O O   . GLU A 1 39 ? -10.260 -11.274 8.923   1.00 4.60  ? 181  GLU A O   1 
ATOM   313 C CB  . GLU A 1 39 ? -7.637  -12.900 9.473   1.00 10.24 ? 181  GLU A CB  1 
ATOM   314 C CG  . GLU A 1 39 ? -7.300  -12.636 10.966  1.00 13.94 ? 181  GLU A CG  1 
ATOM   315 C CD  . GLU A 1 39 ? -5.825  -12.371 11.221  1.00 13.28 ? 181  GLU A CD  1 
ATOM   316 O OE1 . GLU A 1 39 ? -4.967  -13.065 10.625  1.00 16.47 ? 181  GLU A OE1 1 
ATOM   317 O OE2 . GLU A 1 39 ? -5.518  -11.486 12.042  1.00 12.41 ? 181  GLU A OE2 1 
ATOM   318 N N   . ILE A 1 40 ? -10.576 -12.407 10.841  1.00 9.12  ? 182  ILE A N   1 
ATOM   319 C CA  . ILE A 1 40 ? -11.475 -11.428 11.480  1.00 7.08  ? 182  ILE A CA  1 
ATOM   320 C C   . ILE A 1 40 ? -10.615 -10.440 12.249  1.00 12.43 ? 182  ILE A C   1 
ATOM   321 O O   . ILE A 1 40 ? -9.988  -10.793 13.239  1.00 7.77  ? 182  ILE A O   1 
ATOM   322 C CB  . ILE A 1 40 ? -12.475 -12.097 12.456  1.00 10.56 ? 182  ILE A CB  1 
ATOM   323 C CG1 . ILE A 1 40 ? -13.435 -13.041 11.713  1.00 10.88 ? 182  ILE A CG1 1 
ATOM   324 C CG2 . ILE A 1 40 ? -13.258 -11.031 13.215  1.00 11.55 ? 182  ILE A CG2 1 
ATOM   325 C CD1 . ILE A 1 40 ? -14.321 -13.861 12.643  1.00 10.89 ? 182  ILE A CD1 1 
ATOM   326 N N   . SER A 1 41 ? -10.601 -9.204  11.760  1.00 12.71 ? 183  SER A N   1 
ATOM   327 C CA  . SER A 1 41 ? -9.641  -8.182  12.212  1.00 14.94 ? 183  SER A CA  1 
ATOM   328 C C   . SER A 1 41 ? -10.258 -6.792  12.264  1.00 14.52 ? 183  SER A C   1 
ATOM   329 O O   . SER A 1 41 ? -11.164 -6.473  11.509  1.00 7.33  ? 183  SER A O   1 
ATOM   330 C CB  . SER A 1 41 ? -8.457  -8.152  11.238  1.00 16.79 ? 183  SER A CB  1 
ATOM   331 O OG  . SER A 1 41 ? -7.418  -7.293  11.690  1.00 18.67 ? 183  SER A OG  1 
ATOM   332 N N   . THR A 1 42 ? -9.744  -5.969  13.165  1.00 14.44 ? 184  THR A N   1 
ATOM   333 C CA  . THR A 1 42 ? -10.143 -4.559  13.216  1.00 12.16 ? 184  THR A CA  1 
ATOM   334 C C   . THR A 1 42 ? -9.517  -3.809  12.042  1.00 12.67 ? 184  THR A C   1 
ATOM   335 O O   . THR A 1 42 ? -9.966  -2.736  11.701  1.00 10.88 ? 184  THR A O   1 
ATOM   336 C CB  . THR A 1 42 ? -9.761  -3.853  14.546  1.00 16.18 ? 184  THR A CB  1 
ATOM   337 O OG1 . THR A 1 42 ? -8.339  -3.800  14.682  1.00 16.19 ? 184  THR A OG1 1 
ATOM   338 C CG2 . THR A 1 42 ? -10.332 -4.606  15.740  1.00 18.67 ? 184  THR A CG2 1 
ATOM   339 N N   . ILE A 1 43 ? -8.493  -4.357  11.386  1.00 16.62 ? 185  ILE A N   1 
ATOM   340 C CA  . ILE A 1 43 ? -7.933  -3.612  10.265  1.00 15.86 ? 185  ILE A CA  1 
ATOM   341 C C   . ILE A 1 43 ? -8.499  -4.085  8.907   1.00 18.53 ? 185  ILE A C   1 
ATOM   342 O O   . ILE A 1 43 ? -8.819  -5.255  8.697   1.00 14.97 ? 185  ILE A O   1 
ATOM   343 C CB  . ILE A 1 43 ? -6.366  -3.500  10.314  1.00 24.14 ? 185  ILE A CB  1 
ATOM   344 C CG1 . ILE A 1 43 ? -5.728  -4.499  9.426   1.00 24.08 ? 185  ILE A CG1 1 
ATOM   345 C CG2 . ILE A 1 43 ? -5.792  -3.474  11.747  1.00 21.94 ? 185  ILE A CG2 1 
ATOM   346 C CD1 . ILE A 1 43 ? -5.301  -3.758  8.217   1.00 27.41 ? 185  ILE A CD1 1 
ATOM   347 N N   . ASP A 1 44 ? -8.666  -3.122  8.009   1.00 16.22 ? 186  ASP A N   1 
ATOM   348 C CA  . ASP A 1 44 ? -9.278  -3.375  6.700   1.00 20.46 ? 186  ASP A CA  1 
ATOM   349 C C   . ASP A 1 44 ? -8.296  -3.362  5.536   1.00 15.26 ? 186  ASP A C   1 
ATOM   350 O O   . ASP A 1 44 ? -7.166  -2.820  5.596   1.00 11.70 ? 186  ASP A O   1 
ATOM   351 C CB  . ASP A 1 44 ? -10.433 -2.398  6.425   1.00 27.69 ? 186  ASP A CB  1 
ATOM   352 C CG  . ASP A 1 44 ? -9.942  -0.993  6.093   1.00 34.03 ? 186  ASP A CG  1 
ATOM   353 O OD1 . ASP A 1 44 ? -9.162  -0.437  6.890   1.00 37.63 ? 186  ASP A OD1 1 
ATOM   354 O OD2 . ASP A 1 44 ? -10.322 -0.453  5.032   1.00 39.10 ? 186  ASP A OD2 1 
ATOM   355 N N   . LYS A 1 45 ? -8.750  -3.968  4.461   1.00 12.25 ? 187  LYS A N   1 
ATOM   356 C CA  . LYS A 1 45 ? -7.845  -4.251  3.335   1.00 12.74 ? 187  LYS A CA  1 
ATOM   357 C C   . LYS A 1 45 ? -7.347  -2.956  2.748   1.00 12.99 ? 187  LYS A C   1 
ATOM   358 O O   . LYS A 1 45 ? -6.193  -2.847  2.364   1.00 12.21 ? 187  LYS A O   1 
ATOM   359 C CB  . LYS A 1 45 ? -8.515  -5.080  2.251   1.00 14.34 ? 187  LYS A CB  1 
ATOM   360 C CG  . LYS A 1 45 ? -8.659  -6.521  2.628   1.00 20.43 ? 187  LYS A CG  1 
ATOM   361 C CD  . LYS A 1 45 ? -9.235  -7.357  1.509   1.00 18.19 ? 187  LYS A CD  1 
ATOM   362 C CE  . LYS A 1 45 ? -9.585  -8.770  2.032   1.00 22.03 ? 187  LYS A CE  1 
ATOM   363 N NZ  . LYS A 1 45 ? -9.929  -9.743  0.963   1.00 19.98 ? 187  LYS A NZ  1 
ATOM   364 N N   . VAL A 1 46 ? -8.245  -1.978  2.702   1.00 11.40 ? 188  VAL A N   1 
ATOM   365 C CA  . VAL A 1 46 ? -7.971  -0.711  2.004   1.00 12.86 ? 188  VAL A CA  1 
ATOM   366 C C   . VAL A 1 46 ? -6.813  -0.034  2.700   1.00 13.67 ? 188  VAL A C   1 
ATOM   367 O O   . VAL A 1 46 ? -5.903  0.518   2.077   1.00 11.65 ? 188  VAL A O   1 
ATOM   368 C CB  . VAL A 1 46 ? -9.204  0.253   1.939   1.00 14.29 ? 188  VAL A CB  1 
ATOM   369 C CG1 . VAL A 1 46 ? -8.743  1.666   1.634   1.00 14.33 ? 188  VAL A CG1 1 
ATOM   370 C CG2 . VAL A 1 46 ? -10.151 -0.200  0.846   1.00 15.39 ? 188  VAL A CG2 1 
ATOM   371 N N   . SER A 1 47 ? -6.818  -0.154  4.014   1.00 14.98 ? 189  SER A N   1 
ATOM   372 C CA  . SER A 1 47 ? -5.788  0.512   4.828   1.00 14.29 ? 189  SER A CA  1 
ATOM   373 C C   . SER A 1 47 ? -4.433  -0.140  4.605   1.00 13.10 ? 189  SER A C   1 
ATOM   374 O O   . SER A 1 47 ? -3.406  0.539   4.548   1.00 15.77 ? 189  SER A O   1 
ATOM   375 C CB  . SER A 1 47 ? -6.115  0.494   6.316   1.00 12.83 ? 189  SER A CB  1 
ATOM   376 O OG  . SER A 1 47 ? -7.326  1.159   6.576   1.00 20.14 ? 189  SER A OG  1 
ATOM   377 N N   . VAL A 1 48 ? -4.448  -1.454  4.457   1.00 10.71 ? 190  VAL A N   1 
ATOM   378 C CA  . VAL A 1 48 ? -3.200  -2.213  4.212   1.00 11.32 ? 190  VAL A CA  1 
ATOM   379 C C   . VAL A 1 48 ? -2.690  -1.772  2.839   1.00 13.73 ? 190  VAL A C   1 
ATOM   380 O O   . VAL A 1 48 ? -1.508  -1.471  2.626   1.00 12.28 ? 190  VAL A O   1 
ATOM   381 C CB  . VAL A 1 48 ? -3.439  -3.752  4.262   1.00 9.65  ? 190  VAL A CB  1 
ATOM   382 C CG1 . VAL A 1 48 ? -2.174  -4.503  3.947   1.00 10.25 ? 190  VAL A CG1 1 
ATOM   383 C CG2 . VAL A 1 48 ? -3.980  -4.189  5.638   1.00 7.45  ? 190  VAL A CG2 1 
ATOM   384 N N   . LEU A 1 49 ? -3.639  -1.672  1.922   1.00 10.07 ? 191  LEU A N   1 
ATOM   385 C CA  . LEU A 1 49 ? -3.309  -1.401  0.511   1.00 11.71 ? 191  LEU A CA  1 
ATOM   386 C C   . LEU A 1 49 ? -2.701  -0.024  0.346   1.00 9.95  ? 191  LEU A C   1 
ATOM   387 O O   . LEU A 1 49 ? -1.847  0.193   -0.484  1.00 15.08 ? 191  LEU A O   1 
ATOM   388 C CB  . LEU A 1 49 ? -4.503  -1.614  -0.430  1.00 10.31 ? 191  LEU A CB  1 
ATOM   389 C CG  . LEU A 1 49 ? -4.801  -3.092  -0.719  1.00 10.73 ? 191  LEU A CG  1 
ATOM   390 C CD1 . LEU A 1 49 ? -6.139  -3.306  -1.442  1.00 8.78  ? 191  LEU A CD1 1 
ATOM   391 C CD2 . LEU A 1 49 ? -3.666  -3.701  -1.557  1.00 6.96  ? 191  LEU A CD2 1 
ATOM   392 N N   . ASP A 1 50 ? -3.124  0.875   1.216   1.00 14.71 ? 192  ASP A N   1 
ATOM   393 C CA  . ASP A 1 50 ? -2.726  2.271   1.170   1.00 14.04 ? 192  ASP A CA  1 
ATOM   394 C C   . ASP A 1 50 ? -1.221  2.324   1.414   1.00 17.81 ? 192  ASP A C   1 
ATOM   395 O O   . ASP A 1 50 ? -0.448  2.985   0.675   1.00 14.56 ? 192  ASP A O   1 
ATOM   396 C CB  . ASP A 1 50 ? -3.485  3.068   2.246   1.00 16.59 ? 192  ASP A CB  1 
ATOM   397 C CG  . ASP A 1 50 ? -3.364  4.608   2.103   1.00 15.70 ? 192  ASP A CG  1 
ATOM   398 O OD1 . ASP A 1 50 ? -2.930  5.168   1.072   1.00 18.58 ? 192  ASP A OD1 1 
ATOM   399 O OD2 . ASP A 1 50 ? -3.750  5.269   3.063   1.00 17.96 ? 192  ASP A OD2 1 
ATOM   400 N N   . TYR A 1 51 ? -0.808  1.592   2.441   1.00 13.46 ? 193  TYR A N   1 
ATOM   401 C CA  . TYR A 1 51 ? 0.615   1.555   2.828   1.00 14.60 ? 193  TYR A CA  1 
ATOM   402 C C   . TYR A 1 51 ? 1.423   0.748   1.845   1.00 11.05 ? 193  TYR A C   1 
ATOM   403 O O   . TYR A 1 51 ? 2.556   1.079   1.531   1.00 13.88 ? 193  TYR A O   1 
ATOM   404 C CB  . TYR A 1 51 ? 0.847   0.954   4.235   1.00 14.11 ? 193  TYR A CB  1 
ATOM   405 C CG  . TYR A 1 51 ? 0.611   1.921   5.347   1.00 14.08 ? 193  TYR A CG  1 
ATOM   406 C CD1 . TYR A 1 51 ? 1.617   2.753   5.794   1.00 19.28 ? 193  TYR A CD1 1 
ATOM   407 C CD2 . TYR A 1 51 ? -0.633  1.984   5.972   1.00 14.70 ? 193  TYR A CD2 1 
ATOM   408 C CE1 . TYR A 1 51 ? 1.401   3.638   6.833   1.00 16.82 ? 193  TYR A CE1 1 
ATOM   409 C CE2 . TYR A 1 51 ? -0.872  2.849   6.984   1.00 12.29 ? 193  TYR A CE2 1 
ATOM   410 C CZ  . TYR A 1 51 ? 0.152   3.683   7.411   1.00 19.04 ? 193  TYR A CZ  1 
ATOM   411 O OH  . TYR A 1 51 ? -0.080  4.529   8.435   1.00 16.02 ? 193  TYR A OH  1 
ATOM   412 N N   . LEU A 1 52 ? 0.829   -0.354  1.417   1.00 13.10 ? 194  LEU A N   1 
ATOM   413 C CA  . LEU A 1 52 ? 1.534   -1.348  0.624   1.00 13.64 ? 194  LEU A CA  1 
ATOM   414 C C   . LEU A 1 52 ? 1.889   -0.739  -0.726  1.00 10.16 ? 194  LEU A C   1 
ATOM   415 O O   . LEU A 1 52 ? 3.025   -0.821  -1.181  1.00 12.60 ? 194  LEU A O   1 
ATOM   416 C CB  . LEU A 1 52 ? 0.707   -2.617  0.463   1.00 14.50 ? 194  LEU A CB  1 
ATOM   417 C CG  . LEU A 1 52 ? 1.302   -3.688  -0.434  1.00 14.46 ? 194  LEU A CG  1 
ATOM   418 C CD1 . LEU A 1 52 ? 2.731   -4.029  -0.002  1.00 15.04 ? 194  LEU A CD1 1 
ATOM   419 C CD2 . LEU A 1 52 ? 0.424   -4.922  -0.397  1.00 13.51 ? 194  LEU A CD2 1 
ATOM   420 N N   . SER A 1 53 ? 0.898   -0.085  -1.323  1.00 15.06 ? 195  SER A N   1 
ATOM   421 C CA  . SER A 1 53 ? 1.054   0.495   -2.667  1.00 11.56 ? 195  SER A CA  1 
ATOM   422 C C   . SER A 1 53 ? 2.111   1.559   -2.651  1.00 8.73  ? 195  SER A C   1 
ATOM   423 O O   . SER A 1 53 ? 2.901   1.653   -3.561  1.00 10.85 ? 195  SER A O   1 
ATOM   424 C CB  . SER A 1 53 ? -0.258  1.073   -3.227  1.00 13.85 ? 195  SER A CB  1 
ATOM   425 O OG  . SER A 1 53 ? -0.831  2.042   -2.365  1.00 9.77  ? 195  SER A OG  1 
ATOM   426 N N   . TYR A 1 54 ? 2.130   2.373   -1.605  1.00 10.95 ? 196  TYR A N   1 
ATOM   427 C CA  . TYR A 1 54 ? 3.098   3.482   -1.567  1.00 13.34 ? 196  TYR A CA  1 
ATOM   428 C C   . TYR A 1 54 ? 4.502   2.968   -1.231  1.00 8.56  ? 196  TYR A C   1 
ATOM   429 O O   . TYR A 1 54 ? 5.491   3.459   -1.755  1.00 16.37 ? 196  TYR A O   1 
ATOM   430 C CB  . TYR A 1 54 ? 2.663   4.632   -0.640  1.00 12.81 ? 196  TYR A CB  1 
ATOM   431 C CG  . TYR A 1 54 ? 3.043   5.972   -1.221  1.00 12.51 ? 196  TYR A CG  1 
ATOM   432 C CD1 . TYR A 1 54 ? 2.367   6.498   -2.334  1.00 16.80 ? 196  TYR A CD1 1 
ATOM   433 C CD2 . TYR A 1 54 ? 4.112   6.704   -0.701  1.00 15.17 ? 196  TYR A CD2 1 
ATOM   434 C CE1 . TYR A 1 54 ? 2.732   7.740   -2.888  1.00 13.30 ? 196  TYR A CE1 1 
ATOM   435 C CE2 . TYR A 1 54 ? 4.478   7.922   -1.236  1.00 16.21 ? 196  TYR A CE2 1 
ATOM   436 C CZ  . TYR A 1 54 ? 3.789   8.438   -2.331  1.00 20.64 ? 196  TYR A CZ  1 
ATOM   437 O OH  . TYR A 1 54 ? 4.164   9.659   -2.849  1.00 16.32 ? 196  TYR A OH  1 
ATOM   438 N N   . ALA A 1 55 ? 4.570   1.952   -0.371  1.00 11.91 ? 197  ALA A N   1 
ATOM   439 C CA  . ALA A 1 55 ? 5.844   1.298   -0.045  1.00 11.58 ? 197  ALA A CA  1 
ATOM   440 C C   . ALA A 1 55 ? 6.491   0.687   -1.288  1.00 14.77 ? 197  ALA A C   1 
ATOM   441 O O   . ALA A 1 55 ? 7.704   0.788   -1.506  1.00 14.18 ? 197  ALA A O   1 
ATOM   442 C CB  . ALA A 1 55 ? 5.665   0.237   1.075   1.00 15.20 ? 197  ALA A CB  1 
ATOM   443 N N   . VAL A 1 56 ? 5.662   0.101   -2.139  1.00 10.03 ? 198  VAL A N   1 
ATOM   444 C CA  . VAL A 1 56 ? 6.173   -0.578  -3.347  1.00 12.51 ? 198  VAL A CA  1 
ATOM   445 C C   . VAL A 1 56 ? 6.673   0.508   -4.289  1.00 15.48 ? 198  VAL A C   1 
ATOM   446 O O   . VAL A 1 56 ? 7.742   0.412   -4.876  1.00 16.17 ? 198  VAL A O   1 
ATOM   447 C CB  . VAL A 1 56 ? 5.122   -1.489  -4.020  1.00 13.59 ? 198  VAL A CB  1 
ATOM   448 C CG1 . VAL A 1 56 ? 5.559   -1.865  -5.417  1.00 12.75 ? 198  VAL A CG1 1 
ATOM   449 C CG2 . VAL A 1 56 ? 4.917   -2.750  -3.182  1.00 12.52 ? 198  VAL A CG2 1 
ATOM   450 N N   . TYR A 1 57 ? 5.910   1.584   -4.366  1.00 13.39 ? 199  TYR A N   1 
ATOM   451 C CA  . TYR A 1 57 ? 6.335   2.756   -5.174  1.00 14.79 ? 199  TYR A CA  1 
ATOM   452 C C   . TYR A 1 57 ? 7.705   3.297   -4.719  1.00 16.01 ? 199  TYR A C   1 
ATOM   453 O O   . TYR A 1 57 ? 8.556   3.647   -5.537  1.00 9.27  ? 199  TYR A O   1 
ATOM   454 C CB  . TYR A 1 57 ? 5.289   3.892   -5.139  1.00 15.86 ? 199  TYR A CB  1 
ATOM   455 C CG  . TYR A 1 57 ? 5.848   5.274   -5.396  1.00 10.64 ? 199  TYR A CG  1 
ATOM   456 C CD1 . TYR A 1 57 ? 6.189   5.701   -6.666  1.00 16.89 ? 199  TYR A CD1 1 
ATOM   457 C CD2 . TYR A 1 57 ? 5.977   6.171   -4.357  1.00 14.02 ? 199  TYR A CD2 1 
ATOM   458 C CE1 . TYR A 1 57 ? 6.710   6.982   -6.870  1.00 16.74 ? 199  TYR A CE1 1 
ATOM   459 C CE2 . TYR A 1 57 ? 6.472   7.412   -4.540  1.00 13.62 ? 199  TYR A CE2 1 
ATOM   460 C CZ  . TYR A 1 57 ? 6.845   7.825   -5.782  1.00 16.46 ? 199  TYR A CZ  1 
ATOM   461 O OH  . TYR A 1 57 ? 7.321   9.102   -5.900  1.00 25.53 ? 199  TYR A OH  1 
ATOM   462 N N   . GLN A 1 58 ? 7.876   3.376   -3.404  1.00 11.61 ? 200  GLN A N   1 
ATOM   463 C CA  . GLN A 1 58 ? 9.044   4.060   -2.801  1.00 12.14 ? 200  GLN A CA  1 
ATOM   464 C C   . GLN A 1 58 ? 10.297  3.292   -3.143  1.00 16.14 ? 200  GLN A C   1 
ATOM   465 O O   . GLN A 1 58 ? 11.396  3.815   -3.060  1.00 17.21 ? 200  GLN A O   1 
ATOM   466 C CB  . GLN A 1 58 ? 8.929   4.186   -1.272  1.00 16.04 ? 200  GLN A CB  1 
ATOM   467 C CG  . GLN A 1 58 ? 7.968   5.290   -0.794  1.00 20.32 ? 200  GLN A CG  1 
ATOM   468 C CD  . GLN A 1 58 ? 8.396   6.659   -1.305  1.00 24.58 ? 200  GLN A CD  1 
ATOM   469 O OE1 . GLN A 1 58 ? 9.571   6.924   -1.424  1.00 22.45 ? 200  GLN A OE1 1 
ATOM   470 N NE2 . GLN A 1 58 ? 7.435   7.509   -1.648  1.00 36.30 ? 200  GLN A NE2 1 
ATOM   471 N N   . GLN A 1 59 ? 10.087  2.045   -3.550  1.00 17.03 ? 201  GLN A N   1 
ATOM   472 C CA  . GLN A 1 59 ? 11.175  1.098   -3.833  1.00 17.73 ? 201  GLN A CA  1 
ATOM   473 C C   . GLN A 1 59 ? 11.439  1.013   -5.311  1.00 19.98 ? 201  GLN A C   1 
ATOM   474 O O   . GLN A 1 59 ? 12.359  0.327   -5.771  1.00 16.74 ? 201  GLN A O   1 
ATOM   475 C CB  . GLN A 1 59 ? 10.839  -0.286  -3.314  1.00 16.73 ? 201  GLN A CB  1 
ATOM   476 C CG  . GLN A 1 59 ? 10.860  -0.352  -1.824  1.00 15.78 ? 201  GLN A CG  1 
ATOM   477 C CD  . GLN A 1 59 ? 10.358  -1.660  -1.309  1.00 13.62 ? 201  GLN A CD  1 
ATOM   478 O OE1 . GLN A 1 59 ? 9.171   -1.792  -0.982  1.00 21.91 ? 201  GLN A OE1 1 
ATOM   479 N NE2 . GLN A 1 59 ? 11.263  -2.631  -1.162  1.00 10.08 ? 201  GLN A NE2 1 
ATOM   480 N N   . GLY A 1 60 ? 10.604  1.728   -6.040  1.00 17.28 ? 202  GLY A N   1 
ATOM   481 C CA  . GLY A 1 60 ? 10.783  1.891   -7.494  1.00 16.63 ? 202  GLY A CA  1 
ATOM   482 C C   . GLY A 1 60 ? 9.981   0.985   -8.415  1.00 16.00 ? 202  GLY A C   1 
ATOM   483 O O   . GLY A 1 60 ? 10.092  1.083   -9.628  1.00 19.35 ? 202  GLY A O   1 
ATOM   484 N N   . ASP A 1 61 ? 9.136   0.126   -7.862  1.00 15.55 ? 203  ASP A N   1 
ATOM   485 C CA  . ASP A 1 61 ? 8.251   -0.690  -8.729  1.00 14.95 ? 203  ASP A CA  1 
ATOM   486 C C   . ASP A 1 61 ? 6.925   -0.016  -8.995  1.00 9.12  ? 203  ASP A C   1 
ATOM   487 O O   . ASP A 1 61 ? 5.925   -0.282  -8.318  1.00 10.40 ? 203  ASP A O   1 
ATOM   488 C CB  . ASP A 1 61 ? 7.995   -2.075  -8.157  1.00 17.49 ? 203  ASP A CB  1 
ATOM   489 C CG  . ASP A 1 61 ? 7.388   -3.009  -9.188  1.00 24.73 ? 203  ASP A CG  1 
ATOM   490 O OD1 . ASP A 1 61 ? 6.860   -2.509  -10.218 1.00 25.40 ? 203  ASP A OD1 1 
ATOM   491 O OD2 . ASP A 1 61 ? 7.449   -4.238  -8.978  1.00 26.77 ? 203  ASP A OD2 1 
ATOM   492 N N   . LEU A 1 62 ? 6.936   0.850   -9.994  1.00 11.27 ? 204  LEU A N   1 
ATOM   493 C CA  . LEU A 1 62 ? 5.761   1.669   -10.341 1.00 15.32 ? 204  LEU A CA  1 
ATOM   494 C C   . LEU A 1 62 ? 4.630   0.790   -10.833 1.00 12.47 ? 204  LEU A C   1 
ATOM   495 O O   . LEU A 1 62 ? 3.465   1.024   -10.515 1.00 14.55 ? 204  LEU A O   1 
ATOM   496 C CB  . LEU A 1 62 ? 6.059   2.763   -11.390 1.00 16.42 ? 204  LEU A CB  1 
ATOM   497 C CG  . LEU A 1 62 ? 6.268   4.169   -10.823 1.00 24.09 ? 204  LEU A CG  1 
ATOM   498 C CD1 . LEU A 1 62 ? 6.744   5.121   -11.923 1.00 25.15 ? 204  LEU A CD1 1 
ATOM   499 C CD2 . LEU A 1 62 ? 4.973   4.689   -10.208 1.00 24.57 ? 204  LEU A CD2 1 
ATOM   500 N N   . ASP A 1 63 ? 4.993   -0.210  -11.615 1.00 13.73 ? 205  ASP A N   1 
ATOM   501 C CA  . ASP A 1 63 ? 3.998   -1.085  -12.245 1.00 15.12 ? 205  ASP A CA  1 
ATOM   502 C C   . ASP A 1 63 ? 3.168   -1.754  -11.174 1.00 11.53 ? 205  ASP A C   1 
ATOM   503 O O   . ASP A 1 63 ? 1.955   -1.786  -11.241 1.00 14.34 ? 205  ASP A O   1 
ATOM   504 C CB  . ASP A 1 63 ? 4.637   -2.171  -13.110 1.00 20.12 ? 205  ASP A CB  1 
ATOM   505 C CG  . ASP A 1 63 ? 5.135   -1.643  -14.423 1.00 23.34 ? 205  ASP A CG  1 
ATOM   506 O OD1 . ASP A 1 63 ? 4.476   -0.759  -15.013 1.00 30.20 ? 205  ASP A OD1 1 
ATOM   507 O OD2 . ASP A 1 63 ? 6.190   -2.122  -14.871 1.00 28.18 ? 205  ASP A OD2 1 
ATOM   508 N N   . LYS A 1 64 ? 3.858   -2.268  -10.179 1.00 7.54  ? 206  LYS A N   1 
ATOM   509 C CA  . LYS A 1 64 ? 3.191   -2.950  -9.052  1.00 15.56 ? 206  LYS A CA  1 
ATOM   510 C C   . LYS A 1 64 ? 2.435   -2.003  -8.134  1.00 11.22 ? 206  LYS A C   1 
ATOM   511 O O   . LYS A 1 64 ? 1.378   -2.348  -7.611  1.00 11.79 ? 206  LYS A O   1 
ATOM   512 C CB  . LYS A 1 64 ? 4.136   -3.812  -8.226  1.00 18.06 ? 206  LYS A CB  1 
ATOM   513 C CG  . LYS A 1 64 ? 3.341   -4.612  -7.190  1.00 17.68 ? 206  LYS A CG  1 
ATOM   514 C CD  . LYS A 1 64 ? 4.177   -5.708  -6.529  1.00 23.46 ? 206  LYS A CD  1 
ATOM   515 C CE  . LYS A 1 64 ? 3.447   -6.249  -5.336  1.00 21.85 ? 206  LYS A CE  1 
ATOM   516 N NZ  . LYS A 1 64 ? 3.948   -7.572  -4.909  1.00 23.85 ? 206  LYS A NZ  1 
ATOM   517 N N   . ALA A 1 65 ? 2.958   -0.793  -8.010  1.00 10.49 ? 207  ALA A N   1 
ATOM   518 C CA  . ALA A 1 65 ? 2.308   0.265   -7.202  1.00 12.72 ? 207  ALA A CA  1 
ATOM   519 C C   . ALA A 1 65 ? 0.954   0.617   -7.804  1.00 7.54  ? 207  ALA A C   1 
ATOM   520 O O   . ALA A 1 65 ? -0.062  0.713   -7.128  1.00 11.22 ? 207  ALA A O   1 
ATOM   521 C CB  . ALA A 1 65 ? 3.180   1.488   -7.101  1.00 4.28  ? 207  ALA A CB  1 
ATOM   522 N N   . LEU A 1 66 ? 0.953   0.712   -9.114  1.00 10.42 ? 208  LEU A N   1 
ATOM   523 C CA  . LEU A 1 66 ? -0.266  1.042   -9.881  1.00 14.22 ? 208  LEU A CA  1 
ATOM   524 C C   . LEU A 1 66 ? -1.352  -0.053  -9.726  1.00 14.87 ? 208  LEU A C   1 
ATOM   525 O O   . LEU A 1 66 ? -2.541  0.224   -9.557  1.00 14.53 ? 208  LEU A O   1 
ATOM   526 C CB  . LEU A 1 66 ? 0.081   1.225   -11.367 1.00 16.43 ? 208  LEU A CB  1 
ATOM   527 C CG  . LEU A 1 66 ? -0.965  1.820   -12.308 1.00 17.70 ? 208  LEU A CG  1 
ATOM   528 C CD1 . LEU A 1 66 ? -1.640  3.051   -11.675 1.00 22.19 ? 208  LEU A CD1 1 
ATOM   529 C CD2 . LEU A 1 66 ? -0.300  2.166   -13.632 1.00 18.91 ? 208  LEU A CD2 1 
ATOM   530 N N   . LEU A 1 67 ? -0.913  -1.303  -9.781  1.00 14.44 ? 209  LEU A N   1 
ATOM   531 C CA  . LEU A 1 67 ? -1.833  -2.441  -9.700  1.00 14.41 ? 209  LEU A CA  1 
ATOM   532 C C   . LEU A 1 67 ? -2.508  -2.480  -8.344  1.00 13.17 ? 209  LEU A C   1 
ATOM   533 O O   . LEU A 1 67 ? -3.704  -2.698  -8.244  1.00 16.28 ? 209  LEU A O   1 
ATOM   534 C CB  . LEU A 1 67 ? -1.133  -3.774  -9.970  1.00 18.09 ? 209  LEU A CB  1 
ATOM   535 C CG  . LEU A 1 67 ? -0.981  -4.051  -11.453 1.00 18.78 ? 209  LEU A CG  1 
ATOM   536 C CD1 . LEU A 1 67 ? -0.361  -5.418  -11.682 1.00 22.35 ? 209  LEU A CD1 1 
ATOM   537 C CD2 . LEU A 1 67 ? -2.347  -3.942  -12.123 1.00 24.05 ? 209  LEU A CD2 1 
ATOM   538 N N   . LEU A 1 68 ? -1.712  -2.260  -7.306  1.00 13.28 ? 210  LEU A N   1 
ATOM   539 C CA  . LEU A 1 68 ? -2.216  -2.259  -5.913  1.00 11.47 ? 210  LEU A CA  1 
ATOM   540 C C   . LEU A 1 68 ? -3.175  -1.108  -5.703  1.00 14.66 ? 210  LEU A C   1 
ATOM   541 O O   . LEU A 1 68 ? -4.152  -1.193  -4.951  1.00 16.06 ? 210  LEU A O   1 
ATOM   542 C CB  . LEU A 1 68 ? -1.076  -2.217  -4.892  1.00 13.35 ? 210  LEU A CB  1 
ATOM   543 C CG  . LEU A 1 68 ? -0.169  -3.453  -4.919  1.00 15.06 ? 210  LEU A CG  1 
ATOM   544 C CD1 . LEU A 1 68 ? 1.107   -3.200  -4.161  1.00 13.14 ? 210  LEU A CD1 1 
ATOM   545 C CD2 . LEU A 1 68 ? -0.898  -4.697  -4.402  1.00 14.65 ? 210  LEU A CD2 1 
ATOM   546 N N   . THR A 1 69 ? -2.893  -0.028  -6.416  1.00 14.70 ? 211  THR A N   1 
ATOM   547 C CA  . THR A 1 69 ? -3.701  1.192   -6.331  1.00 9.58  ? 211  THR A CA  1 
ATOM   548 C C   . THR A 1 69 ? -5.051  0.920   -6.967  1.00 12.19 ? 211  THR A C   1 
ATOM   549 O O   . THR A 1 69 ? -6.097  1.242   -6.413  1.00 15.76 ? 211  THR A O   1 
ATOM   550 C CB  . THR A 1 69 ? -3.007  2.424   -6.979  1.00 11.59 ? 211  THR A CB  1 
ATOM   551 O OG1 . THR A 1 69 ? -1.752  2.666   -6.321  1.00 13.87 ? 211  THR A OG1 1 
ATOM   552 C CG2 . THR A 1 69 ? -3.861  3.678   -6.798  1.00 9.07  ? 211  THR A CG2 1 
ATOM   553 N N   . LYS A 1 70 ? -5.008  0.265   -8.115  1.00 10.03 ? 212  LYS A N   1 
ATOM   554 C CA  . LYS A 1 70 ? -6.229  -0.115  -8.820  1.00 9.23  ? 212  LYS A CA  1 
ATOM   555 C C   . LYS A 1 70 ? -7.052  -1.077  -8.000  1.00 7.81  ? 212  LYS A C   1 
ATOM   556 O O   . LYS A 1 70 ? -8.269  -1.015  -7.969  1.00 12.16 ? 212  LYS A O   1 
ATOM   557 C CB  . LYS A 1 70 ? -5.924  -0.678  -10.218 1.00 8.77  ? 212  LYS A CB  1 
ATOM   558 C CG  . LYS A 1 70 ? -5.387  0.428   -11.096 1.00 15.18 ? 212  LYS A CG  1 
ATOM   559 C CD  . LYS A 1 70 ? -5.133  -0.020  -12.523 1.00 16.48 ? 212  LYS A CD  1 
ATOM   560 C CE  . LYS A 1 70 ? -4.271  1.007   -13.230 1.00 19.55 ? 212  LYS A CE  1 
ATOM   561 N NZ  . LYS A 1 70 ? -4.247  0.770   -14.698 1.00 13.75 ? 212  LYS A NZ  1 
ATOM   562 N N   . LYS A 1 71 ? -6.339  -1.919  -7.270  1.00 9.43  ? 213  LYS A N   1 
ATOM   563 C CA  . LYS A 1 71 ? -6.937  -2.907  -6.378  1.00 12.15 ? 213  LYS A CA  1 
ATOM   564 C C   . LYS A 1 71 ? -7.673  -2.244  -5.199  1.00 11.38 ? 213  LYS A C   1 
ATOM   565 O O   . LYS A 1 71 ? -8.770  -2.656  -4.822  1.00 13.64 ? 213  LYS A O   1 
ATOM   566 C CB  . LYS A 1 71 ? -5.870  -3.876  -5.896  1.00 15.93 ? 213  LYS A CB  1 
ATOM   567 C CG  . LYS A 1 71 ? -6.298  -4.958  -4.992  1.00 21.03 ? 213  LYS A CG  1 
ATOM   568 C CD  . LYS A 1 71 ? -5.041  -5.770  -4.659  1.00 26.56 ? 213  LYS A CD  1 
ATOM   569 C CE  . LYS A 1 71 ? -5.338  -7.038  -3.912  1.00 28.11 ? 213  LYS A CE  1 
ATOM   570 N NZ  . LYS A 1 71 ? -4.171  -7.981  -4.067  1.00 38.11 ? 213  LYS A NZ  1 
ATOM   571 N N   . LEU A 1 72 ? -7.049  -1.215  -4.644  1.00 12.46 ? 214  LEU A N   1 
ATOM   572 C CA  . LEU A 1 72 ? -7.628  -0.453  -3.517  1.00 12.47 ? 214  LEU A CA  1 
ATOM   573 C C   . LEU A 1 72 ? -8.921  0.215   -3.988  1.00 11.06 ? 214  LEU A C   1 
ATOM   574 O O   . LEU A 1 72 ? -9.985  0.176   -3.338  1.00 8.81  ? 214  LEU A O   1 
ATOM   575 C CB  . LEU A 1 72 ? -6.617  0.583   -2.987  1.00 9.96  ? 214  LEU A CB  1 
ATOM   576 C CG  . LEU A 1 72 ? -6.951  1.381   -1.732  1.00 7.16  ? 214  LEU A CG  1 
ATOM   577 C CD1 . LEU A 1 72 ? -5.641  2.006   -1.157  1.00 7.77  ? 214  LEU A CD1 1 
ATOM   578 C CD2 . LEU A 1 72 ? -7.978  2.439   -2.073  1.00 7.39  ? 214  LEU A CD2 1 
ATOM   579 N N   . LEU A 1 73 ? -8.820  0.782   -5.176  1.00 10.34 ? 215  LEU A N   1 
ATOM   580 C CA  . LEU A 1 73 ? -9.911  1.566   -5.762  1.00 11.11 ? 215  LEU A CA  1 
ATOM   581 C C   . LEU A 1 73 ? -11.078 0.666   -6.191  1.00 12.73 ? 215  LEU A C   1 
ATOM   582 O O   . LEU A 1 73 ? -12.220 1.106   -6.249  1.00 10.75 ? 215  LEU A O   1 
ATOM   583 C CB  . LEU A 1 73 ? -9.431  2.416   -6.934  1.00 11.92 ? 215  LEU A CB  1 
ATOM   584 C CG  . LEU A 1 73 ? -8.599  3.632   -6.513  1.00 10.33 ? 215  LEU A CG  1 
ATOM   585 C CD1 . LEU A 1 73 ? -7.966  4.249   -7.718  1.00 9.59  ? 215  LEU A CD1 1 
ATOM   586 C CD2 . LEU A 1 73 ? -9.455  4.646   -5.758  1.00 12.30 ? 215  LEU A CD2 1 
ATOM   587 N N   . GLU A 1 74 ? -10.793 -0.596  -6.483  1.00 10.62 ? 216  GLU A N   1 
ATOM   588 C CA  . GLU A 1 74 ? -11.884 -1.545  -6.740  1.00 8.47  ? 216  GLU A CA  1 
ATOM   589 C C   . GLU A 1 74 ? -12.701 -1.673  -5.464  1.00 10.63 ? 216  GLU A C   1 
ATOM   590 O O   . GLU A 1 74 ? -13.923 -1.831  -5.478  1.00 10.35 ? 216  GLU A O   1 
ATOM   591 C CB  . GLU A 1 74 ? -11.398 -2.946  -7.165  1.00 15.19 ? 216  GLU A CB  1 
ATOM   592 C CG  . GLU A 1 74 ? -11.036 -3.067  -8.619  1.00 23.56 ? 216  GLU A CG  1 
ATOM   593 C CD  . GLU A 1 74 ? -11.471 -4.415  -9.242  1.00 28.43 ? 216  GLU A CD  1 
ATOM   594 O OE1 . GLU A 1 74 ? -11.506 -5.447  -8.527  1.00 30.31 ? 216  GLU A OE1 1 
ATOM   595 O OE2 . GLU A 1 74 ? -11.787 -4.435  -10.452 1.00 31.41 ? 216  GLU A OE2 1 
ATOM   596 N N   . LEU A 1 75 ? -11.986 -1.626  -4.359  1.00 12.19 ? 217  LEU A N   1 
ATOM   597 C CA  . LEU A 1 75 ? -12.577 -1.815  -3.028  1.00 13.84 ? 217  LEU A CA  1 
ATOM   598 C C   . LEU A 1 75 ? -13.216 -0.523  -2.523  1.00 16.43 ? 217  LEU A C   1 
ATOM   599 O O   . LEU A 1 75 ? -14.263 -0.545  -1.908  1.00 12.18 ? 217  LEU A O   1 
ATOM   600 C CB  . LEU A 1 75 ? -11.532 -2.303  -2.002  1.00 12.27 ? 217  LEU A CB  1 
ATOM   601 C CG  . LEU A 1 75 ? -11.080 -3.758  -2.153  1.00 15.89 ? 217  LEU A CG  1 
ATOM   602 C CD1 . LEU A 1 75 ? -9.973  -4.095  -1.148  1.00 18.32 ? 217  LEU A CD1 1 
ATOM   603 C CD2 . LEU A 1 75 ? -12.288 -4.742  -2.065  1.00 13.40 ? 217  LEU A CD2 1 
ATOM   604 N N   . ASP A 1 76 ? -12.541 0.592   -2.775  1.00 16.19 ? 218  ASP A N   1 
ATOM   605 C CA  . ASP A 1 76 ? -12.991 1.919   -2.294  1.00 12.81 ? 218  ASP A CA  1 
ATOM   606 C C   . ASP A 1 76 ? -12.849 2.974   -3.380  1.00 11.41 ? 218  ASP A C   1 
ATOM   607 O O   . ASP A 1 76 ? -11.835 3.657   -3.439  1.00 13.02 ? 218  ASP A O   1 
ATOM   608 C CB  . ASP A 1 76 ? -12.191 2.371   -1.086  1.00 14.49 ? 218  ASP A CB  1 
ATOM   609 C CG  . ASP A 1 76 ? -12.784 3.619   -0.422  1.00 16.69 ? 218  ASP A CG  1 
ATOM   610 O OD1 . ASP A 1 76 ? -13.711 4.220   -0.998  1.00 15.66 ? 218  ASP A OD1 1 
ATOM   611 O OD2 . ASP A 1 76 ? -12.330 3.988   0.694   1.00 19.89 ? 218  ASP A OD2 1 
ATOM   612 N N   . PRO A 1 77 ? -13.847 3.083   -4.258  1.00 13.67 ? 219  PRO A N   1 
ATOM   613 C CA  . PRO A 1 77 ? -13.612 3.851   -5.479  1.00 14.63 ? 219  PRO A CA  1 
ATOM   614 C C   . PRO A 1 77 ? -13.425 5.321   -5.198  1.00 13.82 ? 219  PRO A C   1 
ATOM   615 O O   . PRO A 1 77 ? -12.904 6.057   -6.037  1.00 17.93 ? 219  PRO A O   1 
ATOM   616 C CB  . PRO A 1 77 ? -14.896 3.628   -6.297  1.00 16.41 ? 219  PRO A CB  1 
ATOM   617 C CG  . PRO A 1 77 ? -15.515 2.413   -5.732  1.00 17.68 ? 219  PRO A CG  1 
ATOM   618 C CD  . PRO A 1 77 ? -15.145 2.384   -4.281  1.00 15.41 ? 219  PRO A CD  1 
ATOM   619 N N   . GLU A 1 78 ? -13.834 5.717   -3.999  1.00 14.81 ? 220  GLU A N   1 
ATOM   620 C CA  . GLU A 1 78 ? -13.893 7.134   -3.627  1.00 14.18 ? 220  GLU A CA  1 
ATOM   621 C C   . GLU A 1 78 ? -12.648 7.554   -2.859  1.00 15.94 ? 220  GLU A C   1 
ATOM   622 O O   . GLU A 1 78 ? -12.479 8.707   -2.471  1.00 14.29 ? 220  GLU A O   1 
ATOM   623 C CB  . GLU A 1 78 ? -15.163 7.450   -2.828  1.00 20.85 ? 220  GLU A CB  1 
ATOM   624 C CG  . GLU A 1 78 ? -16.407 7.509   -3.705  1.00 25.10 ? 220  GLU A CG  1 
ATOM   625 C CD  . GLU A 1 78 ? -16.086 7.992   -5.106  1.00 29.54 ? 220  GLU A CD  1 
ATOM   626 O OE1 . GLU A 1 78 ? -15.674 9.168   -5.264  1.00 35.86 ? 220  GLU A OE1 1 
ATOM   627 O OE2 . GLU A 1 78 ? -16.228 7.193   -6.058  1.00 33.97 ? 220  GLU A OE2 1 
ATOM   628 N N   . HIS A 1 79 ? -11.769 6.581   -2.672  1.00 11.57 ? 221  HIS A N   1 
ATOM   629 C CA  . HIS A 1 79 ? -10.577 6.791   -1.884  1.00 10.79 ? 221  HIS A CA  1 
ATOM   630 C C   . HIS A 1 79 ? -9.743  7.947   -2.479  1.00 10.48 ? 221  HIS A C   1 
ATOM   631 O O   . HIS A 1 79 ? -9.263  7.897   -3.595  1.00 12.55 ? 221  HIS A O   1 
ATOM   632 C CB  . HIS A 1 79 ? -9.777  5.491   -1.753  1.00 12.21 ? 221  HIS A CB  1 
ATOM   633 C CG  . HIS A 1 79 ? -8.663  5.578   -0.767  1.00 16.33 ? 221  HIS A CG  1 
ATOM   634 N ND1 . HIS A 1 79 ? -8.749  5.062   0.516   1.00 16.10 ? 221  HIS A ND1 1 
ATOM   635 C CD2 . HIS A 1 79 ? -7.421  6.099   -0.883  1.00 8.88  ? 221  HIS A CD2 1 
ATOM   636 C CE1 . HIS A 1 79 ? -7.615  5.292   1.148   1.00 11.37 ? 221  HIS A CE1 1 
ATOM   637 N NE2 . HIS A 1 79 ? -6.788  5.917   0.322   1.00 12.69 ? 221  HIS A NE2 1 
ATOM   638 N N   . GLN A 1 80 ? -9.557  8.970   -1.664  1.00 10.65 ? 222  GLN A N   1 
ATOM   639 C CA  . GLN A 1 80 ? -9.002  10.266  -2.111  1.00 12.68 ? 222  GLN A CA  1 
ATOM   640 C C   . GLN A 1 80 ? -7.527  10.141  -2.476  1.00 14.99 ? 222  GLN A C   1 
ATOM   641 O O   . GLN A 1 80 ? -7.092  10.485  -3.573  1.00 9.54  ? 222  GLN A O   1 
ATOM   642 C CB  . GLN A 1 80 ? -9.168  11.307  -0.996  1.00 13.60 ? 222  GLN A CB  1 
ATOM   643 C CG  . GLN A 1 80 ? -8.638  12.679  -1.304  1.00 14.49 ? 222  GLN A CG  1 
ATOM   644 C CD  . GLN A 1 80 ? -9.087  13.682  -0.255  1.00 16.31 ? 222  GLN A CD  1 
ATOM   645 O OE1 . GLN A 1 80 ? -8.690  13.606  0.909   1.00 20.23 ? 222  GLN A OE1 1 
ATOM   646 N NE2 . GLN A 1 80 ? -9.945  14.595  -0.652  1.00 14.71 ? 222  GLN A NE2 1 
ATOM   647 N N   . ARG A 1 81 ? -6.773  9.610   -1.535  1.00 14.30 ? 223  ARG A N   1 
ATOM   648 C CA  . ARG A 1 81 ? -5.318  9.434   -1.744  1.00 16.12 ? 223  ARG A CA  1 
ATOM   649 C C   . ARG A 1 81 ? -5.024  8.499   -2.866  1.00 11.25 ? 223  ARG A C   1 
ATOM   650 O O   . ARG A 1 81 ? -4.143  8.716   -3.707  1.00 14.96 ? 223  ARG A O   1 
ATOM   651 C CB  . ARG A 1 81 ? -4.606  8.890   -0.512  1.00 13.94 ? 223  ARG A CB  1 
ATOM   652 C CG  . ARG A 1 81 ? -3.192  9.374   -0.476  1.00 20.61 ? 223  ARG A CG  1 
ATOM   653 C CD  . ARG A 1 81 ? -2.269  8.686   0.513   1.00 24.05 ? 223  ARG A CD  1 
ATOM   654 N NE  . ARG A 1 81 ? -2.988  7.979   1.549   1.00 26.01 ? 223  ARG A NE  1 
ATOM   655 C CZ  . ARG A 1 81 ? -3.432  8.542   2.650   1.00 27.83 ? 223  ARG A CZ  1 
ATOM   656 N NH1 . ARG A 1 81 ? -4.070  7.799   3.539   1.00 30.14 ? 223  ARG A NH1 1 
ATOM   657 N NH2 . ARG A 1 81 ? -3.231  9.841   2.850   1.00 32.59 ? 223  ARG A NH2 1 
ATOM   658 N N   . ALA A 1 82 ? -5.747  7.405   -2.833  1.00 8.93  ? 224  ALA A N   1 
ATOM   659 C CA  . ALA A 1 82 ? -5.645  6.393   -3.903  1.00 8.80  ? 224  ALA A CA  1 
ATOM   660 C C   . ALA A 1 82 ? -5.947  6.965   -5.281  1.00 11.35 ? 224  ALA A C   1 
ATOM   661 O O   . ALA A 1 82 ? -5.246  6.662   -6.248  1.00 7.98  ? 224  ALA A O   1 
ATOM   662 C CB  . ALA A 1 82 ? -6.501  5.165   -3.618  1.00 11.12 ? 224  ALA A CB  1 
ATOM   663 N N   . ASN A 1 83 ? -6.969  7.810   -5.381  1.00 10.48 ? 225  ASN A N   1 
ATOM   664 C CA  . ASN A 1 83 ? -7.296  8.425   -6.687  1.00 9.63  ? 225  ASN A CA  1 
ATOM   665 C C   . ASN A 1 83 ? -6.178  9.350   -7.174  1.00 14.69 ? 225  ASN A C   1 
ATOM   666 O O   . ASN A 1 83 ? -5.838  9.416   -8.373  1.00 10.38 ? 225  ASN A O   1 
ATOM   667 C CB  . ASN A 1 83 ? -8.626  9.181   -6.677  1.00 9.11  ? 225  ASN A CB  1 
ATOM   668 C CG  . ASN A 1 83 ? -9.779  8.275   -7.001  1.00 10.80 ? 225  ASN A CG  1 
ATOM   669 O OD1 . ASN A 1 83 ? -9.860  7.755   -8.114  1.00 10.63 ? 225  ASN A OD1 1 
ATOM   670 N ND2 . ASN A 1 83 ? -10.648 8.037   -6.028  1.00 6.53  ? 225  ASN A ND2 1 
ATOM   671 N N   . GLY A 1 84 ? -5.619  10.064  -6.214  1.00 9.23  ? 226  GLY A N   1 
ATOM   672 C CA  . GLY A 1 84 ? -4.500  10.967  -6.498  1.00 16.24 ? 226  GLY A CA  1 
ATOM   673 C C   . GLY A 1 84 ? -3.296  10.169  -6.959  1.00 14.24 ? 226  GLY A C   1 
ATOM   674 O O   . GLY A 1 84 ? -2.639  10.474  -7.963  1.00 16.10 ? 226  GLY A O   1 
ATOM   675 N N   . ASN A 1 85 ? -3.076  9.087   -6.237  1.00 14.54 ? 227  ASN A N   1 
ATOM   676 C CA  . ASN A 1 85 ? -1.877  8.259   -6.421  1.00 10.19 ? 227  ASN A CA  1 
ATOM   677 C C   . ASN A 1 85 ? -1.930  7.671   -7.814  1.00 12.70 ? 227  ASN A C   1 
ATOM   678 O O   . ASN A 1 85 ? -0.932  7.550   -8.494  1.00 10.85 ? 227  ASN A O   1 
ATOM   679 C CB  . ASN A 1 85 ? -1.782  7.132   -5.406  1.00 11.84 ? 227  ASN A CB  1 
ATOM   680 C CG  . ASN A 1 85 ? -1.269  7.580   -4.058  1.00 12.23 ? 227  ASN A CG  1 
ATOM   681 O OD1 . ASN A 1 85 ? -0.969  8.739   -3.837  1.00 14.37 ? 227  ASN A OD1 1 
ATOM   682 N ND2 . ASN A 1 85 ? -1.163  6.636   -3.143  1.00 13.44 ? 227  ASN A ND2 1 
ATOM   683 N N   . LEU A 1 86 ? -3.137  7.331   -8.243  1.00 14.23 ? 228  LEU A N   1 
ATOM   684 C CA  . LEU A 1 86 ? -3.331  6.694   -9.560  1.00 12.94 ? 228  LEU A CA  1 
ATOM   685 C C   . LEU A 1 86 ? -2.866  7.608   -10.693 1.00 14.56 ? 228  LEU A C   1 
ATOM   686 O O   . LEU A 1 86 ? -2.176  7.196   -11.637 1.00 13.35 ? 228  LEU A O   1 
ATOM   687 C CB  . LEU A 1 86 ? -4.801  6.316   -9.799  1.00 17.08 ? 228  LEU A CB  1 
ATOM   688 C CG  . LEU A 1 86 ? -5.148  5.802   -11.196 1.00 18.25 ? 228  LEU A CG  1 
ATOM   689 C CD1 . LEU A 1 86 ? -4.547  4.384   -11.355 1.00 20.84 ? 228  LEU A CD1 1 
ATOM   690 C CD2 . LEU A 1 86 ? -6.672  5.769   -11.441 1.00 20.37 ? 228  LEU A CD2 1 
ATOM   691 N N   . LYS A 1 87 ? -3.284  8.857   -10.594 1.00 10.18 ? 229  LYS A N   1 
ATOM   692 C CA  . LYS A 1 87 ? -2.912  9.869   -11.584 1.00 9.27  ? 229  LYS A CA  1 
ATOM   693 C C   . LYS A 1 87 ? -1.419  10.198  -11.548 1.00 8.95  ? 229  LYS A C   1 
ATOM   694 O O   . LYS A 1 87 ? -0.778  10.426  -12.580 1.00 11.99 ? 229  LYS A O   1 
ATOM   695 C CB  . LYS A 1 87 ? -3.768  11.140  -11.438 1.00 13.94 ? 229  LYS A CB  1 
ATOM   696 C CG  . LYS A 1 87 ? -5.254  10.904  -11.816 1.00 18.41 ? 229  LYS A CG  1 
ATOM   697 C CD  . LYS A 1 87 ? -5.386  10.586  -13.317 1.00 18.61 ? 229  LYS A CD  1 
ATOM   698 C CE  . LYS A 1 87 ? -6.814  10.448  -13.781 1.00 21.85 ? 229  LYS A CE  1 
ATOM   699 N NZ  . LYS A 1 87 ? -7.534  9.362   -13.055 1.00 24.92 ? 229  LYS A NZ  1 
ATOM   700 N N   . TYR A 1 88 ? -0.891  10.204  -10.343 1.00 9.45  ? 230  TYR A N   1 
ATOM   701 C CA  . TYR A 1 88 ? 0.524   10.539  -10.097 1.00 10.60 ? 230  TYR A CA  1 
ATOM   702 C C   . TYR A 1 88 ? 1.435   9.455   -10.663 1.00 7.94  ? 230  TYR A C   1 
ATOM   703 O O   . TYR A 1 88 ? 2.321   9.709   -11.469 1.00 8.95  ? 230  TYR A O   1 
ATOM   704 C CB  . TYR A 1 88 ? 0.780   10.700  -8.611  1.00 9.56  ? 230  TYR A CB  1 
ATOM   705 C CG  . TYR A 1 88 ? 2.212   10.810  -8.179  1.00 11.70 ? 230  TYR A CG  1 
ATOM   706 C CD1 . TYR A 1 88 ? 2.811   9.766   -7.472  1.00 14.08 ? 230  TYR A CD1 1 
ATOM   707 C CD2 . TYR A 1 88 ? 2.963   11.960  -8.418  1.00 14.00 ? 230  TYR A CD2 1 
ATOM   708 C CE1 . TYR A 1 88 ? 4.115   9.850   -7.042  1.00 17.28 ? 230  TYR A CE1 1 
ATOM   709 C CE2 . TYR A 1 88 ? 4.287   12.043  -7.990  1.00 17.61 ? 230  TYR A CE2 1 
ATOM   710 C CZ  . TYR A 1 88 ? 4.852   10.977  -7.302  1.00 16.94 ? 230  TYR A CZ  1 
ATOM   711 O OH  . TYR A 1 88 ? 6.159   11.020  -6.854  1.00 19.37 ? 230  TYR A OH  1 
ATOM   712 N N   . PHE A 1 89 ? 1.159   8.245   -10.242 1.00 8.34  ? 231  PHE A N   1 
ATOM   713 C CA  . PHE A 1 89 ? 1.866   7.058   -10.769 1.00 7.97  ? 231  PHE A CA  1 
ATOM   714 C C   . PHE A 1 89 ? 1.801   7.028   -12.293 1.00 12.29 ? 231  PHE A C   1 
ATOM   715 O O   . PHE A 1 89 ? 2.809   6.848   -12.954 1.00 9.32  ? 231  PHE A O   1 
ATOM   716 C CB  . PHE A 1 89 ? 1.318   5.743   -10.217 1.00 9.11  ? 231  PHE A CB  1 
ATOM   717 C CG  . PHE A 1 89 ? 1.551   5.561   -8.746  1.00 10.95 ? 231  PHE A CG  1 
ATOM   718 C CD1 . PHE A 1 89 ? 2.567   6.257   -8.098  1.00 12.67 ? 231  PHE A CD1 1 
ATOM   719 C CD2 . PHE A 1 89 ? 0.768   4.710   -8.010  1.00 7.07  ? 231  PHE A CD2 1 
ATOM   720 C CE1 . PHE A 1 89 ? 2.758   6.099   -6.716  1.00 8.64  ? 231  PHE A CE1 1 
ATOM   721 C CE2 . PHE A 1 89 ? 0.969   4.544   -6.644  1.00 5.65  ? 231  PHE A CE2 1 
ATOM   722 C CZ  . PHE A 1 89 ? 1.975   5.238   -6.013  1.00 9.22  ? 231  PHE A CZ  1 
ATOM   723 N N   . GLU A 1 90 ? 0.612   7.242   -12.839 1.00 17.33 ? 232  GLU A N   1 
ATOM   724 C CA  . GLU A 1 90 ? 0.434   7.233   -14.311 1.00 15.72 ? 232  GLU A CA  1 
ATOM   725 C C   . GLU A 1 90 ? 1.239   8.332   -14.998 1.00 18.01 ? 232  GLU A C   1 
ATOM   726 O O   . GLU A 1 90 ? 1.805   8.156   -16.090 1.00 16.82 ? 232  GLU A O   1 
ATOM   727 C CB  . GLU A 1 90 ? -1.046  7.324   -14.680 1.00 20.60 ? 232  GLU A CB  1 
ATOM   728 C CG  . GLU A 1 90 ? -1.809  6.055   -14.299 1.00 22.05 ? 232  GLU A CG  1 
ATOM   729 C CD  . GLU A 1 90 ? -3.261  6.055   -14.739 1.00 25.76 ? 232  GLU A CD  1 
ATOM   730 O OE1 . GLU A 1 90 ? -3.868  7.140   -14.861 1.00 26.78 ? 232  GLU A OE1 1 
ATOM   731 O OE2 . GLU A 1 90 ? -3.796  4.947   -14.945 1.00 28.14 ? 232  GLU A OE2 1 
ATOM   732 N N   . TYR A 1 91 ? 1.296   9.477   -14.332 1.00 13.98 ? 233  TYR A N   1 
ATOM   733 C CA  . TYR A 1 91 ? 1.995   10.626  -14.885 1.00 11.86 ? 233  TYR A CA  1 
ATOM   734 C C   . TYR A 1 91 ? 3.474   10.310  -14.986 1.00 12.84 ? 233  TYR A C   1 
ATOM   735 O O   . TYR A 1 91 ? 4.128   10.511  -16.035 1.00 15.40 ? 233  TYR A O   1 
ATOM   736 C CB  . TYR A 1 91 ? 1.788   11.889  -14.041 1.00 9.14  ? 233  TYR A CB  1 
ATOM   737 C CG  . TYR A 1 91 ? 2.366   13.104  -14.715 1.00 6.24  ? 233  TYR A CG  1 
ATOM   738 C CD1 . TYR A 1 91 ? 1.591   13.896  -15.539 1.00 5.11  ? 233  TYR A CD1 1 
ATOM   739 C CD2 . TYR A 1 91 ? 3.696   13.448  -14.528 1.00 7.12  ? 233  TYR A CD2 1 
ATOM   740 C CE1 . TYR A 1 91 ? 2.133   15.009  -16.185 1.00 5.67  ? 233  TYR A CE1 1 
ATOM   741 C CE2 . TYR A 1 91 ? 4.236   14.525  -15.122 1.00 4.67  ? 233  TYR A CE2 1 
ATOM   742 C CZ  . TYR A 1 91 ? 3.463   15.307  -15.952 1.00 5.03  ? 233  TYR A CZ  1 
ATOM   743 O OH  . TYR A 1 91 ? 4.020   16.380  -16.518 1.00 2.00  ? 233  TYR A OH  1 
ATOM   744 N N   . ILE A 1 92 ? 4.002   9.802   -13.890 1.00 12.53 ? 234  ILE A N   1 
ATOM   745 C CA  . ILE A 1 92 ? 5.448   9.512   -13.816 1.00 17.44 ? 234  ILE A CA  1 
ATOM   746 C C   . ILE A 1 92 ? 5.820   8.447   -14.843 1.00 19.38 ? 234  ILE A C   1 
ATOM   747 O O   . ILE A 1 92 ? 6.859   8.522   -15.515 1.00 19.16 ? 234  ILE A O   1 
ATOM   748 C CB  . ILE A 1 92 ? 5.899   8.986   -12.444 1.00 21.19 ? 234  ILE A CB  1 
ATOM   749 C CG1 . ILE A 1 92 ? 5.805   10.059  -11.356 1.00 19.59 ? 234  ILE A CG1 1 
ATOM   750 C CG2 . ILE A 1 92 ? 7.337   8.505   -12.516 1.00 25.14 ? 234  ILE A CG2 1 
ATOM   751 C CD1 . ILE A 1 92 ? 5.605   9.413   -9.982  1.00 17.43 ? 234  ILE A CD1 1 
ATOM   752 N N   . MET A 1 93 ? 4.947   7.463   -14.961 1.00 17.32 ? 235  MET A N   1 
ATOM   753 C CA  . MET A 1 93 ? 5.190   6.337   -15.894 1.00 22.58 ? 235  MET A CA  1 
ATOM   754 C C   . MET A 1 93 ? 5.231   6.837   -17.331 1.00 19.97 ? 235  MET A C   1 
ATOM   755 O O   . MET A 1 93 ? 6.067   6.413   -18.130 1.00 21.14 ? 235  MET A O   1 
ATOM   756 C CB  . MET A 1 93 ? 4.147   5.223   -15.735 1.00 26.87 ? 235  MET A CB  1 
ATOM   757 C CG  . MET A 1 93 ? 4.130   4.611   -14.318 1.00 30.44 ? 235  MET A CG  1 
ATOM   758 S SD  . MET A 1 93 ? 3.098   3.145   -14.108 1.00 37.73 ? 235  MET A SD  1 
ATOM   759 C CE  . MET A 1 93 ? 4.068   1.946   -15.042 1.00 28.65 ? 235  MET A CE  1 
ATOM   760 N N   . ALA A 1 94 ? 4.323   7.751   -17.647 1.00 17.62 ? 236  ALA A N   1 
ATOM   761 C CA  . ALA A 1 94 ? 4.265   8.324   -19.001 1.00 17.19 ? 236  ALA A CA  1 
ATOM   762 C C   . ALA A 1 94 ? 5.532   9.121   -19.275 1.00 21.27 ? 236  ALA A C   1 
ATOM   763 O O   . ALA A 1 94 ? 6.143   9.016   -20.348 1.00 28.00 ? 236  ALA A O   1 
ATOM   764 C CB  . ALA A 1 94 ? 3.016   9.184   -19.187 1.00 16.20 ? 236  ALA A CB  1 
ATOM   765 N N   . LYS A 1 95 ? 5.929   9.919   -18.296 1.00 25.17 ? 237  LYS A N   1 
ATOM   766 C CA  . LYS A 1 95 ? 7.131   10.761  -18.410 1.00 32.05 ? 237  LYS A CA  1 
ATOM   767 C C   . LYS A 1 95 ? 8.390   9.898   -18.378 1.00 37.52 ? 237  LYS A C   1 
ATOM   768 O O   . LYS A 1 95 ? 9.476   10.315  -18.786 1.00 37.11 ? 237  LYS A O   1 
ATOM   769 C CB  . LYS A 1 95 ? 7.198   11.812  -17.292 1.00 33.98 ? 237  LYS A CB  1 
ATOM   770 C CG  . LYS A 1 95 ? 8.125   12.967  -17.605 1.00 37.01 ? 237  LYS A CG  1 
ATOM   771 C CD  . LYS A 1 95 ? 9.101   13.237  -16.461 1.00 37.99 ? 237  LYS A CD  1 
ATOM   772 C CE  . LYS A 1 95 ? 8.693   14.451  -15.647 1.00 39.45 ? 237  LYS A CE  1 
ATOM   773 N NZ  . LYS A 1 95 ? 9.857   15.368  -15.390 1.00 35.95 ? 237  LYS A NZ  1 
ATOM   774 N N   . GLU A 1 96 ? 8.215   8.682   -17.889 1.00 41.48 ? 238  GLU A N   1 
ATOM   775 C CA  . GLU A 1 96 ? 9.318   7.726   -17.769 1.00 46.18 ? 238  GLU A CA  1 
ATOM   776 C C   . GLU A 1 96 ? 9.616   7.121   -19.133 1.00 48.24 ? 238  GLU A C   1 
ATOM   777 O O   . GLU A 1 96 ? 10.764  7.061   -19.575 1.00 45.30 ? 238  GLU A O   1 
ATOM   778 C CB  . GLU A 1 96 ? 8.970   6.626   -16.771 1.00 49.07 ? 238  GLU A CB  1 
ATOM   779 C CG  . GLU A 1 96 ? 10.155  6.048   -16.056 1.00 51.11 ? 238  GLU A CG  1 
ATOM   780 C CD  . GLU A 1 96 ? 9.758   4.878   -15.186 1.00 53.35 ? 238  GLU A CD  1 
ATOM   781 O OE1 . GLU A 1 96 ? 9.080   3.967   -15.713 1.00 55.51 ? 238  GLU A OE1 1 
ATOM   782 O OE2 . GLU A 1 96 ? 10.112  4.871   -13.986 1.00 54.64 ? 238  GLU A OE2 1 
ATOM   783 N N   . LYS A 1 97 ? 8.544   6.715   -19.803 1.00 50.56 ? 239  LYS A N   1 
ATOM   784 C CA  . LYS A 1 97 ? 8.624   6.138   -21.145 1.00 50.73 ? 239  LYS A CA  1 
ATOM   785 C C   . LYS A 1 97 ? 9.236   7.132   -22.098 1.00 50.40 ? 239  LYS A C   1 
ATOM   786 O O   . LYS A 1 97 ? 8.622   8.131   -22.456 1.00 48.83 ? 239  LYS A O   1 
ATOM   787 C CB  . LYS A 1 97 ? 7.244   5.705   -21.663 1.00 52.01 ? 239  LYS A CB  1 
ATOM   788 C CG  . LYS A 1 97 ? 6.840   4.316   -21.183 1.00 53.71 ? 239  LYS A CG  1 
ATOM   789 C CD  . LYS A 1 97 ? 5.361   4.240   -20.845 1.00 54.68 ? 239  LYS A CD  1 
ATOM   790 C CE  . LYS A 1 97 ? 5.097   3.151   -19.792 1.00 56.09 ? 239  LYS A CE  1 
ATOM   791 N NZ  . LYS A 1 97 ? 3.650   2.965   -19.460 1.00 56.16 ? 239  LYS A NZ  1 
ATOM   792 N N   . ASP A 1 98 ? 10.474  6.850   -22.476 1.00 51.26 ? 240  ASP A N   1 
ATOM   793 C CA  . ASP A 1 98 ? 11.220  7.705   -23.391 1.00 51.11 ? 240  ASP A CA  1 
ATOM   794 C C   . ASP A 1 98 ? 12.294  6.954   -24.180 1.00 50.49 ? 240  ASP A C   1 
ATOM   795 O O   . ASP A 1 98 ? 12.887  7.511   -25.101 1.00 49.21 ? 240  ASP A O   1 
ATOM   796 C CB  . ASP A 1 98 ? 11.856  8.860   -22.621 1.00 51.50 ? 240  ASP A CB  1 
ATOM   797 C CG  . ASP A 1 98 ? 10.858  9.938   -22.271 1.00 51.54 ? 240  ASP A CG  1 
ATOM   798 O OD1 . ASP A 1 98 ? 9.820   10.044  -22.958 1.00 50.79 ? 240  ASP A OD1 1 
ATOM   799 O OD2 . ASP A 1 98 ? 11.117  10.689  -21.311 1.00 52.19 ? 240  ASP A OD2 1 
ATOM   800 N N   . HIS B 2 1  ? -0.552  10.973  5.411   1.00 57.14 ? -1   HIS X N   1 
ATOM   801 C CA  . HIS B 2 1  ? 0.457   9.895   5.137   1.00 59.53 ? -1   HIS X CA  1 
ATOM   802 C C   . HIS B 2 1  ? 1.865   10.476  5.194   1.00 60.09 ? -1   HIS X C   1 
ATOM   803 O O   . HIS B 2 1  ? 2.117   11.603  4.764   1.00 62.79 ? -1   HIS X O   1 
ATOM   804 C CB  . HIS B 2 1  ? 0.186   9.235   3.784   1.00 57.27 ? -1   HIS X CB  1 
ATOM   805 C CG  . HIS B 2 1  ? 0.285   7.744   3.809   1.00 54.13 ? -1   HIS X CG  1 
ATOM   806 N ND1 . HIS B 2 1  ? 1.212   7.048   3.063   1.00 52.72 ? -1   HIS X ND1 1 
ATOM   807 C CD2 . HIS B 2 1  ? -0.440  6.814   4.475   1.00 55.23 ? -1   HIS X CD2 1 
ATOM   808 C CE1 . HIS B 2 1  ? 1.054   5.751   3.269   1.00 54.35 ? -1   HIS X CE1 1 
ATOM   809 N NE2 . HIS B 2 1  ? 0.057   5.581   4.120   1.00 53.65 ? -1   HIS X NE2 1 
ATOM   810 N N   . HIS B 2 2  ? 2.781   9.667   5.704   1.00 60.73 ? 0    HIS X N   1 
ATOM   811 C CA  . HIS B 2 2  ? 4.014   10.198  6.296   1.00 62.53 ? 0    HIS X CA  1 
ATOM   812 C C   . HIS B 2 2  ? 4.905   10.874  5.267   1.00 58.54 ? 0    HIS X C   1 
ATOM   813 O O   . HIS B 2 2  ? 5.204   12.067  5.341   1.00 63.37 ? 0    HIS X O   1 
ATOM   814 C CB  . HIS B 2 2  ? 4.806   9.103   7.043   1.00 64.99 ? 0    HIS X CB  1 
ATOM   815 C CG  . HIS B 2 2  ? 4.048   8.451   8.163   1.00 69.41 ? 0    HIS X CG  1 
ATOM   816 N ND1 . HIS B 2 2  ? 3.142   7.430   7.956   1.00 72.01 ? 0    HIS X ND1 1 
ATOM   817 C CD2 . HIS B 2 2  ? 4.074   8.662   9.501   1.00 71.12 ? 0    HIS X CD2 1 
ATOM   818 C CE1 . HIS B 2 2  ? 2.636   7.048   9.116   1.00 72.69 ? 0    HIS X CE1 1 
ATOM   819 N NE2 . HIS B 2 2  ? 3.184   7.780   10.070  1.00 72.94 ? 0    HIS X NE2 1 
ATOM   820 N N   . HIS B 2 3  ? 5.318   10.071  4.308   1.00 54.11 ? 1    HIS X N   1 
ATOM   821 C CA  . HIS B 2 3  ? 6.395   10.436  3.383   1.00 48.06 ? 1    HIS X CA  1 
ATOM   822 C C   . HIS B 2 3  ? 5.816   10.692  2.008   1.00 40.87 ? 1    HIS X C   1 
ATOM   823 O O   . HIS B 2 3  ? 6.494   10.619  0.979   1.00 40.80 ? 1    HIS X O   1 
ATOM   824 C CB  . HIS B 2 3  ? 7.436   9.321   3.317   1.00 48.25 ? 1    HIS X CB  1 
ATOM   825 C CG  . HIS B 2 3  ? 8.085   9.025   4.633   1.00 50.36 ? 1    HIS X CG  1 
ATOM   826 N ND1 . HIS B 2 3  ? 7.835   7.871   5.348   1.00 47.89 ? 1    HIS X ND1 1 
ATOM   827 C CD2 . HIS B 2 3  ? 8.971   9.741   5.369   1.00 51.47 ? 1    HIS X CD2 1 
ATOM   828 C CE1 . HIS B 2 3  ? 8.537   7.891   6.466   1.00 48.50 ? 1    HIS X CE1 1 
ATOM   829 N NE2 . HIS B 2 3  ? 9.236   9.013   6.504   1.00 50.72 ? 1    HIS X NE2 1 
ATOM   830 N N   . HIS B 2 4  ? 4.531   10.987  2.039   1.00 30.16 ? 2    HIS X N   1 
ATOM   831 C CA  . HIS B 2 4  ? 3.735   11.238  0.816   1.00 26.25 ? 2    HIS X CA  1 
ATOM   832 C C   . HIS B 2 4  ? 4.226   12.448  0.027   1.00 23.72 ? 2    HIS X C   1 
ATOM   833 O O   . HIS B 2 4  ? 4.752   13.429  0.573   1.00 19.88 ? 2    HIS X O   1 
ATOM   834 C CB  . HIS B 2 4  ? 2.252   11.422  1.158   1.00 28.74 ? 2    HIS X CB  1 
ATOM   835 C CG  . HIS B 2 4  ? 1.327   11.033  0.053   1.00 28.63 ? 2    HIS X CG  1 
ATOM   836 N ND1 . HIS B 2 4  ? 1.240   9.743   -0.412  1.00 31.27 ? 2    HIS X ND1 1 
ATOM   837 C CD2 . HIS B 2 4  ? 0.438   11.755  -0.670  1.00 31.84 ? 2    HIS X CD2 1 
ATOM   838 C CE1 . HIS B 2 4  ? 0.337   9.682   -1.373  1.00 28.11 ? 2    HIS X CE1 1 
ATOM   839 N NE2 . HIS B 2 4  ? -0.160  10.890  -1.557  1.00 29.87 ? 2    HIS X NE2 1 
ATOM   840 N N   . HIS B 2 5  ? 4.056   12.344  -1.281  1.00 22.33 ? 3    HIS X N   1 
ATOM   841 C CA  . HIS B 2 5  ? 4.442   13.421  -2.206  1.00 22.38 ? 3    HIS X CA  1 
ATOM   842 C C   . HIS B 2 5  ? 3.710   14.722  -1.879  1.00 21.59 ? 3    HIS X C   1 
ATOM   843 O O   . HIS B 2 5  ? 4.188   15.821  -2.137  1.00 25.47 ? 3    HIS X O   1 
ATOM   844 C CB  . HIS B 2 5  ? 4.311   13.022  -3.710  1.00 22.51 ? 3    HIS X CB  1 
ATOM   845 C CG  . HIS B 2 5  ? 2.926   12.652  -4.161  1.00 18.10 ? 3    HIS X CG  1 
ATOM   846 N ND1 . HIS B 2 5  ? 2.420   11.383  -4.016  1.00 17.48 ? 3    HIS X ND1 1 
ATOM   847 C CD2 . HIS B 2 5  ? 1.973   13.363  -4.814  1.00 18.75 ? 3    HIS X CD2 1 
ATOM   848 C CE1 . HIS B 2 5  ? 1.200   11.331  -4.525  1.00 21.69 ? 3    HIS X CE1 1 
ATOM   849 N NE2 . HIS B 2 5  ? 0.906   12.519  -5.019  1.00 20.06 ? 3    HIS X NE2 1 
ATOM   850 N N   . HIS B 2 6  ? 2.564   14.574  -1.247  1.00 25.63 ? 4    HIS X N   1 
ATOM   851 C CA  . HIS B 2 6  ? 1.761   15.737  -0.859  1.00 23.96 ? 4    HIS X CA  1 
ATOM   852 C C   . HIS B 2 6  ? 1.951   15.975  0.642   1.00 31.35 ? 4    HIS X C   1 
ATOM   853 O O   . HIS B 2 6  ? 1.498   16.980  1.193   1.00 37.06 ? 4    HIS X O   1 
ATOM   854 C CB  . HIS B 2 6  ? 0.279   15.550  -1.211  1.00 23.83 ? 4    HIS X CB  1 
ATOM   855 C CG  . HIS B 2 6  ? -0.033  15.752  -2.670  1.00 22.57 ? 4    HIS X CG  1 
ATOM   856 N ND1 . HIS B 2 6  ? -0.936  14.969  -3.364  1.00 22.63 ? 4    HIS X ND1 1 
ATOM   857 C CD2 . HIS B 2 6  ? 0.439   16.654  -3.561  1.00 21.52 ? 4    HIS X CD2 1 
ATOM   858 C CE1 . HIS B 2 6  ? -1.004  15.386  -4.618  1.00 19.94 ? 4    HIS X CE1 1 
ATOM   859 N NE2 . HIS B 2 6  ? -0.169  16.396  -4.767  1.00 20.25 ? 4    HIS X NE2 1 
HETATM 860 O O   . HOH C 3 .  ? -2.310  -14.434 18.152  1.00 25.64 ? 2001 HOH A O   1 
HETATM 861 O O   . HOH C 3 .  ? 4.039   -14.968 17.275  1.00 39.79 ? 2002 HOH A O   1 
HETATM 862 O O   . HOH C 3 .  ? 1.148   -14.246 11.427  1.00 34.01 ? 2003 HOH A O   1 
HETATM 863 O O   . HOH C 3 .  ? -4.329  -8.658  16.957  1.00 18.97 ? 2004 HOH A O   1 
HETATM 864 O O   . HOH C 3 .  ? -4.345  -1.552  15.032  1.00 33.80 ? 2005 HOH A O   1 
HETATM 865 O O   . HOH C 3 .  ? -2.197  -6.239  17.543  1.00 25.69 ? 2006 HOH A O   1 
HETATM 866 O O   . HOH C 3 .  ? 5.102   -2.022  15.597  1.00 14.54 ? 2007 HOH A O   1 
HETATM 867 O O   . HOH C 3 .  ? 1.774   -1.236  18.036  1.00 34.90 ? 2008 HOH A O   1 
HETATM 868 O O   . HOH C 3 .  ? 2.157   0.773   14.398  1.00 21.82 ? 2009 HOH A O   1 
HETATM 869 O O   . HOH C 3 .  ? 8.716   -2.307  12.482  1.00 12.80 ? 2010 HOH A O   1 
HETATM 870 O O   . HOH C 3 .  ? 0.446   4.386   14.936  1.00 29.63 ? 2011 HOH A O   1 
HETATM 871 O O   . HOH C 3 .  ? 4.369   4.642   13.169  1.00 33.84 ? 2012 HOH A O   1 
HETATM 872 O O   . HOH C 3 .  ? 10.654  -0.547  11.874  1.00 16.45 ? 2013 HOH A O   1 
HETATM 873 O O   . HOH C 3 .  ? 15.024  2.540   8.460   1.00 24.84 ? 2014 HOH A O   1 
HETATM 874 O O   . HOH C 3 .  ? 10.054  0.403   16.450  1.00 30.96 ? 2015 HOH A O   1 
HETATM 875 O O   . HOH C 3 .  ? 14.330  6.918   9.301   1.00 33.18 ? 2016 HOH A O   1 
HETATM 876 O O   . HOH C 3 .  ? 14.458  4.571   2.680   1.00 20.50 ? 2017 HOH A O   1 
HETATM 877 O O   . HOH C 3 .  ? 15.914  -1.551  8.854   1.00 14.31 ? 2018 HOH A O   1 
HETATM 878 O O   . HOH C 3 .  ? 12.177  -2.077  10.316  1.00 18.36 ? 2019 HOH A O   1 
HETATM 879 O O   . HOH C 3 .  ? 15.126  -2.515  4.774   1.00 16.00 ? 2020 HOH A O   1 
HETATM 880 O O   . HOH C 3 .  ? 15.138  -10.151 4.820   1.00 19.09 ? 2021 HOH A O   1 
HETATM 881 O O   . HOH C 3 .  ? 9.590   -6.202  0.673   1.00 15.95 ? 2022 HOH A O   1 
HETATM 882 O O   . HOH C 3 .  ? 13.586  0.239   2.112   1.00 11.63 ? 2023 HOH A O   1 
HETATM 883 O O   . HOH C 3 .  ? 5.093   -10.751 3.558   1.00 16.07 ? 2024 HOH A O   1 
HETATM 884 O O   . HOH C 3 .  ? 3.969   -7.067  -2.302  1.00 17.58 ? 2025 HOH A O   1 
HETATM 885 O O   . HOH C 3 .  ? 5.692   -12.375 5.964   1.00 22.40 ? 2026 HOH A O   1 
HETATM 886 O O   . HOH C 3 .  ? 4.745   -14.422 11.355  1.00 31.76 ? 2027 HOH A O   1 
HETATM 887 O O   . HOH C 3 .  ? 4.808   -15.222 -2.656  1.00 53.60 ? 2028 HOH A O   1 
HETATM 888 O O   . HOH C 3 .  ? 3.258   -12.812 2.765   1.00 17.24 ? 2029 HOH A O   1 
HETATM 889 O O   . HOH C 3 .  ? -6.325  -15.915 7.590   1.00 14.11 ? 2030 HOH A O   1 
HETATM 890 O O   . HOH C 3 .  ? -10.880 -10.978 6.213   1.00 5.41  ? 2031 HOH A O   1 
HETATM 891 O O   . HOH C 3 .  ? -3.846  -13.363 -1.128  1.00 22.86 ? 2032 HOH A O   1 
HETATM 892 O O   . HOH C 3 .  ? -7.190  -8.356  -1.599  1.00 30.12 ? 2033 HOH A O   1 
HETATM 893 O O   . HOH C 3 .  ? -5.006  -9.754  -2.468  1.00 30.99 ? 2034 HOH A O   1 
HETATM 894 O O   . HOH C 3 .  ? -8.701  -17.220 7.772   1.00 16.22 ? 2035 HOH A O   1 
HETATM 895 O O   . HOH C 3 .  ? -5.345  -15.487 10.124  1.00 8.52  ? 2036 HOH A O   1 
HETATM 896 O O   . HOH C 3 .  ? -11.531 -8.934  9.088   1.00 15.45 ? 2037 HOH A O   1 
HETATM 897 O O   . HOH C 3 .  ? -10.448 -14.997 12.424  1.00 19.63 ? 2038 HOH A O   1 
HETATM 898 O O   . HOH C 3 .  ? -12.394 -4.639  10.063  1.00 28.20 ? 2039 HOH A O   1 
HETATM 899 O O   . HOH C 3 .  ? -6.120  -8.660  13.462  1.00 5.81  ? 2040 HOH A O   1 
HETATM 900 O O   . HOH C 3 .  ? -11.861 -1.635  10.063  1.00 40.74 ? 2041 HOH A O   1 
HETATM 901 O O   . HOH C 3 .  ? -10.933 -6.428  7.793   1.00 20.46 ? 2042 HOH A O   1 
HETATM 902 O O   . HOH C 3 .  ? -10.906 2.217   7.407   1.00 39.67 ? 2043 HOH A O   1 
HETATM 903 O O   . HOH C 3 .  ? -7.749  -0.287  9.377   1.00 32.88 ? 2044 HOH A O   1 
HETATM 904 O O   . HOH C 3 .  ? -11.299 -2.449  2.934   1.00 25.52 ? 2045 HOH A O   1 
HETATM 905 O O   . HOH C 3 .  ? -11.266 -11.922 2.138   1.00 21.39 ? 2046 HOH A O   1 
HETATM 906 O O   . HOH C 3 .  ? -11.348 -8.211  -0.903  1.00 35.05 ? 2047 HOH A O   1 
HETATM 907 O O   . HOH C 3 .  ? -11.515 -5.012  4.380   1.00 18.29 ? 2048 HOH A O   1 
HETATM 908 O O   . HOH C 3 .  ? -1.034  5.444   -0.392  1.00 18.42 ? 2049 HOH A O   1 
HETATM 909 O O   . HOH C 3 .  ? -6.427  4.646   3.765   1.00 26.01 ? 2050 HOH A O   1 
HETATM 910 O O   . HOH C 3 .  ? -4.059  3.910   5.319   1.00 39.90 ? 2051 HOH A O   1 
HETATM 911 O O   . HOH C 3 .  ? -2.110  3.890   -3.788  1.00 16.58 ? 2052 HOH A O   1 
HETATM 912 O O   . HOH C 3 .  ? 6.582   10.433  -2.773  1.00 20.66 ? 2053 HOH A O   1 
HETATM 913 O O   . HOH C 3 .  ? 8.142   -1.932  15.040  1.00 6.27  ? 2054 HOH A O   1 
HETATM 914 O O   . HOH C 3 .  ? 4.348   -1.127  17.576  1.00 19.63 ? 2055 HOH A O   1 
HETATM 915 O O   . HOH C 3 .  ? 2.644   3.381   14.626  1.00 18.83 ? 2056 HOH A O   1 
HETATM 916 O O   . HOH C 3 .  ? 10.110  -3.776  10.759  1.00 6.09  ? 2057 HOH A O   1 
HETATM 917 O O   . HOH C 3 .  ? 9.935   5.356   -7.042  1.00 29.47 ? 2058 HOH A O   1 
HETATM 918 O O   . HOH C 3 .  ? 9.339   8.528   -8.393  1.00 44.51 ? 2059 HOH A O   1 
HETATM 919 O O   . HOH C 3 .  ? 14.041  6.754   1.782   1.00 63.56 ? 2060 HOH A O   1 
HETATM 920 O O   . HOH C 3 .  ? 12.729  5.412   -1.336  1.00 51.33 ? 2061 HOH A O   1 
HETATM 921 O O   . HOH C 3 .  ? 16.929  -3.093  6.919   1.00 6.30  ? 2062 HOH A O   1 
HETATM 922 O O   . HOH C 3 .  ? 14.926  -1.400  11.279  1.00 19.32 ? 2063 HOH A O   1 
HETATM 923 O O   . HOH C 3 .  ? 15.448  0.745   4.401   1.00 20.43 ? 2064 HOH A O   1 
HETATM 924 O O   . HOH C 3 .  ? 13.743  -9.463  7.021   1.00 12.73 ? 2065 HOH A O   1 
HETATM 925 O O   . HOH C 3 .  ? 10.983  -5.247  -1.374  1.00 29.13 ? 2066 HOH A O   1 
HETATM 926 O O   . HOH C 3 .  ? 13.757  -1.747  -0.784  1.00 42.84 ? 2067 HOH A O   1 
HETATM 927 O O   . HOH C 3 .  ? 10.961  -2.250  -10.264 1.00 30.57 ? 2068 HOH A O   1 
HETATM 928 O O   . HOH C 3 .  ? 10.903  3.637   -10.814 1.00 36.76 ? 2069 HOH A O   1 
HETATM 929 O O   . HOH C 3 .  ? 8.958   1.002   -12.002 1.00 22.49 ? 2070 HOH A O   1 
HETATM 930 O O   . HOH C 3 .  ? 5.906   -5.203  -11.534 1.00 25.87 ? 2071 HOH A O   1 
HETATM 931 O O   . HOH C 3 .  ? 2.778   -13.912 5.106   1.00 33.82 ? 2072 HOH A O   1 
HETATM 932 O O   . HOH C 3 .  ? -4.327  -17.063 6.566   1.00 26.07 ? 2073 HOH A O   1 
HETATM 933 O O   . HOH C 3 .  ? -10.960 -8.352  5.228   1.00 20.72 ? 2074 HOH A O   1 
HETATM 934 O O   . HOH C 3 .  ? 0.611   -1.602  -13.450 1.00 16.36 ? 2075 HOH A O   1 
HETATM 935 O O   . HOH C 3 .  ? -6.290  -14.207 -2.318  1.00 26.53 ? 2076 HOH A O   1 
HETATM 936 O O   . HOH C 3 .  ? -8.671  -7.110  -3.328  1.00 26.55 ? 2077 HOH A O   1 
HETATM 937 O O   . HOH C 3 .  ? -2.859  -17.265 8.673   1.00 20.81 ? 2078 HOH A O   1 
HETATM 938 O O   . HOH C 3 .  ? 4.660   -9.780  -3.863  1.00 17.28 ? 2079 HOH A O   1 
HETATM 939 O O   . HOH C 3 .  ? 6.383   -8.272  -6.340  1.00 38.49 ? 2080 HOH A O   1 
HETATM 940 O O   . HOH C 3 .  ? -8.549  -16.822 11.890  1.00 25.14 ? 2081 HOH A O   1 
HETATM 941 O O   . HOH C 3 .  ? -10.712 3.313   4.645   1.00 35.16 ? 2082 HOH A O   1 
HETATM 942 O O   . HOH C 3 .  ? -5.029  -4.422  -9.977  1.00 16.79 ? 2083 HOH A O   1 
HETATM 943 O O   . HOH C 3 .  ? -9.645  -0.178  -9.929  1.00 17.43 ? 2084 HOH A O   1 
HETATM 944 O O   . HOH C 3 .  ? -2.277  -1.192  -14.562 1.00 36.58 ? 2085 HOH A O   1 
HETATM 945 O O   . HOH C 3 .  ? -9.732  -5.013  -5.006  1.00 26.38 ? 2086 HOH A O   1 
HETATM 946 O O   . HOH C 3 .  ? -5.109  -9.880  -5.922  1.00 41.23 ? 2087 HOH A O   1 
HETATM 947 O O   . HOH C 3 .  ? -7.611  -4.620  -9.254  1.00 22.15 ? 2088 HOH A O   1 
HETATM 948 O O   . HOH C 3 .  ? 10.409  7.183   -5.223  1.00 46.70 ? 2089 HOH A O   1 
HETATM 949 O O   . HOH C 3 .  ? 11.094  -2.926  -6.990  1.00 54.10 ? 2090 HOH A O   1 
HETATM 950 O O   . HOH C 3 .  ? -12.425 1.348   -9.369  1.00 26.87 ? 2091 HOH A O   1 
HETATM 951 O O   . HOH C 3 .  ? -5.500  -19.632 5.503   1.00 24.46 ? 2092 HOH A O   1 
HETATM 952 O O   . HOH C 3 .  ? -8.995  -3.019  -11.636 1.00 23.85 ? 2093 HOH A O   1 
HETATM 953 O O   . HOH C 3 .  ? -12.426 -5.921  -5.150  1.00 36.68 ? 2094 HOH A O   1 
HETATM 954 O O   . HOH C 3 .  ? -13.209 -2.562  -11.569 1.00 43.96 ? 2095 HOH A O   1 
HETATM 955 O O   . HOH C 3 .  ? 7.395   -9.676  -4.496  1.00 48.52 ? 2096 HOH A O   1 
HETATM 956 O O   . HOH C 3 .  ? -5.782  -3.553  -12.429 1.00 48.51 ? 2097 HOH A O   1 
HETATM 957 O O   . HOH C 3 .  ? -3.480  -6.950  -9.211  1.00 14.39 ? 2098 HOH A O   1 
HETATM 958 O O   . HOH C 3 .  ? -14.970 0.245   0.741   1.00 34.09 ? 2099 HOH A O   1 
HETATM 959 O O   . HOH C 3 .  ? -11.869 2.451   2.786   1.00 25.77 ? 2100 HOH A O   1 
HETATM 960 O O   . HOH C 3 .  ? -12.197 6.386   1.617   1.00 27.81 ? 2101 HOH A O   1 
HETATM 961 O O   . HOH C 3 .  ? -8.512  2.125   -11.195 1.00 21.39 ? 2102 HOH A O   1 
HETATM 962 O O   . HOH C 3 .  ? -12.409 4.956   -8.469  1.00 39.85 ? 2103 HOH A O   1 
HETATM 963 O O   . HOH C 3 .  ? -13.917 8.625   -0.009  1.00 54.36 ? 2104 HOH A O   1 
HETATM 964 O O   . HOH C 3 .  ? -12.368 10.829  -3.890  1.00 21.32 ? 2105 HOH A O   1 
HETATM 965 O O   . HOH C 3 .  ? -17.991 5.912   -6.759  1.00 23.74 ? 2106 HOH A O   1 
HETATM 966 O O   . HOH C 3 .  ? -14.692 3.878   4.385   1.00 29.02 ? 2107 HOH A O   1 
HETATM 967 O O   . HOH C 3 .  ? -14.339 10.493  -10.228 1.00 57.59 ? 2108 HOH A O   1 
HETATM 968 O O   . HOH C 3 .  ? -4.920  5.518   -19.090 1.00 41.46 ? 2109 HOH A O   1 
HETATM 969 O O   . HOH C 3 .  ? -10.478 8.760   1.452   1.00 23.91 ? 2110 HOH A O   1 
HETATM 970 O O   . HOH C 3 .  ? -11.032 16.849  0.189   1.00 30.26 ? 2111 HOH A O   1 
HETATM 971 O O   . HOH C 3 .  ? -11.731 14.814  -2.452  1.00 19.38 ? 2112 HOH A O   1 
HETATM 972 O O   . HOH C 3 .  ? -6.814  11.883  1.544   1.00 35.48 ? 2113 HOH A O   1 
HETATM 973 O O   . HOH C 3 .  ? -10.882 7.824   -12.488 1.00 49.70 ? 2114 HOH A O   1 
HETATM 974 O O   . HOH C 3 .  ? -7.373  9.245   1.403   1.00 18.27 ? 2115 HOH A O   1 
HETATM 975 O O   . HOH C 3 .  ? -3.624  3.419   -19.258 1.00 42.54 ? 2116 HOH A O   1 
HETATM 976 O O   . HOH C 3 .  ? 1.226   12.173  -18.845 1.00 12.85 ? 2117 HOH A O   1 
HETATM 977 O O   . HOH C 3 .  ? -13.043 8.667   -9.100  1.00 33.69 ? 2118 HOH A O   1 
HETATM 978 O O   . HOH C 3 .  ? -2.636  13.123  -8.281  1.00 13.42 ? 2119 HOH A O   1 
HETATM 979 O O   . HOH C 3 .  ? -2.307  11.188  -3.810  1.00 13.61 ? 2120 HOH A O   1 
HETATM 980 O O   . HOH C 3 .  ? -1.826  11.285  -14.948 1.00 12.23 ? 2121 HOH A O   1 
HETATM 981 O O   . HOH C 3 .  ? -9.653  9.834   -14.925 1.00 46.69 ? 2122 HOH A O   1 
HETATM 982 O O   . HOH C 3 .  ? 1.126   6.063   -17.609 1.00 7.76  ? 2123 HOH A O   1 
HETATM 983 O O   . HOH C 3 .  ? -6.478  7.537   -15.177 1.00 35.31 ? 2124 HOH A O   1 
HETATM 984 O O   . HOH C 3 .  ? -0.321  10.745  -17.510 1.00 31.17 ? 2125 HOH A O   1 
HETATM 985 O O   . HOH C 3 .  ? -6.197  3.917   -15.252 1.00 20.82 ? 2126 HOH A O   1 
HETATM 986 O O   . HOH C 3 .  ? -3.194  2.816   -16.323 1.00 33.93 ? 2127 HOH A O   1 
HETATM 987 O O   . HOH C 3 .  ? -3.714  9.301   -15.959 1.00 21.42 ? 2128 HOH A O   1 
HETATM 988 O O   . HOH C 3 .  ? 3.193   12.271  -17.970 1.00 20.09 ? 2129 HOH A O   1 
HETATM 989 O O   . HOH C 3 .  ? 3.024   7.250   -22.004 1.00 30.71 ? 2130 HOH A O   1 
HETATM 990 O O   . HOH C 3 .  ? 10.484  7.665   -13.232 1.00 36.43 ? 2131 HOH A O   1 
HETATM 991 O O   . HOH D 3 .  ? -3.474  10.345  6.227   1.00 62.14 ? 2001 HOH X O   1 
HETATM 992 O O   . HOH D 3 .  ? -2.562  8.023   7.210   1.00 47.35 ? 2002 HOH X O   1 
HETATM 993 O O   . HOH D 3 .  ? 6.618   15.184  1.417   1.00 39.06 ? 2003 HOH X O   1 
HETATM 994 O O   . HOH D 3 .  ? -1.740  12.841  -5.732  1.00 14.79 ? 2004 HOH X O   1 
HETATM 995 O O   . HOH D 3 .  ? 4.643   18.941  -1.044  1.00 29.38 ? 2005 HOH X O   1 
# 
loop_
_pdbx_poly_seq_scheme.asym_id 
_pdbx_poly_seq_scheme.entity_id 
_pdbx_poly_seq_scheme.seq_id 
_pdbx_poly_seq_scheme.mon_id 
_pdbx_poly_seq_scheme.ndb_seq_num 
_pdbx_poly_seq_scheme.pdb_seq_num 
_pdbx_poly_seq_scheme.auth_seq_num 
_pdbx_poly_seq_scheme.pdb_mon_id 
_pdbx_poly_seq_scheme.auth_mon_id 
_pdbx_poly_seq_scheme.pdb_strand_id 
_pdbx_poly_seq_scheme.pdb_ins_code 
_pdbx_poly_seq_scheme.hetero 
A 1 1   MET 1   143 ?   ?   ?   A . n 
A 1 2   PHE 2   144 144 PHE PHE A . n 
A 1 3   LEU 3   145 145 LEU LEU A . n 
A 1 4   THR 4   146 146 THR THR A . n 
A 1 5   ALA 5   147 147 ALA ALA A . n 
A 1 6   GLU 6   148 148 GLU GLU A . n 
A 1 7   ASP 7   149 149 ASP ASP A . n 
A 1 8   CYS 8   150 150 CYS CYS A . n 
A 1 9   PHE 9   151 151 PHE PHE A . n 
A 1 10  GLU 10  152 152 GLU GLU A . n 
A 1 11  LEU 11  153 153 LEU LEU A . n 
A 1 12  GLY 12  154 154 GLY GLY A . n 
A 1 13  LYS 13  155 155 LYS LYS A . n 
A 1 14  VAL 14  156 156 VAL VAL A . n 
A 1 15  ALA 15  157 157 ALA ALA A . n 
A 1 16  TYR 16  158 158 TYR TYR A . n 
A 1 17  THR 17  159 159 THR THR A . n 
A 1 18  GLU 18  160 160 GLU GLU A . n 
A 1 19  ALA 19  161 161 ALA ALA A . n 
A 1 20  ASP 20  162 162 ASP ASP A . n 
A 1 21  TYR 21  163 163 TYR TYR A . n 
A 1 22  TYR 22  164 164 TYR TYR A . n 
A 1 23  HIS 23  165 165 HIS HIS A . n 
A 1 24  THR 24  166 166 THR THR A . n 
A 1 25  GLU 25  167 167 GLU GLU A . n 
A 1 26  LEU 26  168 168 LEU LEU A . n 
A 1 27  TRP 27  169 169 TRP TRP A . n 
A 1 28  MET 28  170 170 MET MET A . n 
A 1 29  GLU 29  171 171 GLU GLU A . n 
A 1 30  GLN 30  172 172 GLN GLN A . n 
A 1 31  ALA 31  173 173 ALA ALA A . n 
A 1 32  LEU 32  174 174 LEU LEU A . n 
A 1 33  ARG 33  175 175 ARG ARG A . n 
A 1 34  GLN 34  176 176 GLN GLN A . n 
A 1 35  LEU 35  177 177 LEU LEU A . n 
A 1 36  ASP 36  178 178 ASP ASP A . n 
A 1 37  GLU 37  179 179 GLU GLU A . n 
A 1 38  GLY 38  180 180 GLY GLY A . n 
A 1 39  GLU 39  181 181 GLU GLU A . n 
A 1 40  ILE 40  182 182 ILE ILE A . n 
A 1 41  SER 41  183 183 SER SER A . n 
A 1 42  THR 42  184 184 THR THR A . n 
A 1 43  ILE 43  185 185 ILE ILE A . n 
A 1 44  ASP 44  186 186 ASP ASP A . n 
A 1 45  LYS 45  187 187 LYS LYS A . n 
A 1 46  VAL 46  188 188 VAL VAL A . n 
A 1 47  SER 47  189 189 SER SER A . n 
A 1 48  VAL 48  190 190 VAL VAL A . n 
A 1 49  LEU 49  191 191 LEU LEU A . n 
A 1 50  ASP 50  192 192 ASP ASP A . n 
A 1 51  TYR 51  193 193 TYR TYR A . n 
A 1 52  LEU 52  194 194 LEU LEU A . n 
A 1 53  SER 53  195 195 SER SER A . n 
A 1 54  TYR 54  196 196 TYR TYR A . n 
A 1 55  ALA 55  197 197 ALA ALA A . n 
A 1 56  VAL 56  198 198 VAL VAL A . n 
A 1 57  TYR 57  199 199 TYR TYR A . n 
A 1 58  GLN 58  200 200 GLN GLN A . n 
A 1 59  GLN 59  201 201 GLN GLN A . n 
A 1 60  GLY 60  202 202 GLY GLY A . n 
A 1 61  ASP 61  203 203 ASP ASP A . n 
A 1 62  LEU 62  204 204 LEU LEU A . n 
A 1 63  ASP 63  205 205 ASP ASP A . n 
A 1 64  LYS 64  206 206 LYS LYS A . n 
A 1 65  ALA 65  207 207 ALA ALA A . n 
A 1 66  LEU 66  208 208 LEU LEU A . n 
A 1 67  LEU 67  209 209 LEU LEU A . n 
A 1 68  LEU 68  210 210 LEU LEU A . n 
A 1 69  THR 69  211 211 THR THR A . n 
A 1 70  LYS 70  212 212 LYS LYS A . n 
A 1 71  LYS 71  213 213 LYS LYS A . n 
A 1 72  LEU 72  214 214 LEU LEU A . n 
A 1 73  LEU 73  215 215 LEU LEU A . n 
A 1 74  GLU 74  216 216 GLU GLU A . n 
A 1 75  LEU 75  217 217 LEU LEU A . n 
A 1 76  ASP 76  218 218 ASP ASP A . n 
A 1 77  PRO 77  219 219 PRO PRO A . n 
A 1 78  GLU 78  220 220 GLU GLU A . n 
A 1 79  HIS 79  221 221 HIS HIS A . n 
A 1 80  GLN 80  222 222 GLN GLN A . n 
A 1 81  ARG 81  223 223 ARG ARG A . n 
A 1 82  ALA 82  224 224 ALA ALA A . n 
A 1 83  ASN 83  225 225 ASN ASN A . n 
A 1 84  GLY 84  226 226 GLY GLY A . n 
A 1 85  ASN 85  227 227 ASN ASN A . n 
A 1 86  LEU 86  228 228 LEU LEU A . n 
A 1 87  LYS 87  229 229 LYS LYS A . n 
A 1 88  TYR 88  230 230 TYR TYR A . n 
A 1 89  PHE 89  231 231 PHE PHE A . n 
A 1 90  GLU 90  232 232 GLU GLU A . n 
A 1 91  TYR 91  233 233 TYR TYR A . n 
A 1 92  ILE 92  234 234 ILE ILE A . n 
A 1 93  MET 93  235 235 MET MET A . n 
A 1 94  ALA 94  236 236 ALA ALA A . n 
A 1 95  LYS 95  237 237 LYS LYS A . n 
A 1 96  GLU 96  238 238 GLU GLU A . n 
A 1 97  LYS 97  239 239 LYS LYS A . n 
A 1 98  ASP 98  240 240 ASP ASP A . n 
A 1 99  VAL 99  241 ?   ?   ?   A . n 
A 1 100 ASN 100 242 ?   ?   ?   A . n 
A 1 101 LYS 101 243 ?   ?   ?   A . n 
A 1 102 SER 102 244 ?   ?   ?   A . n 
A 1 103 ALA 103 245 ?   ?   ?   A . n 
A 1 104 SER 104 246 ?   ?   ?   A . n 
B 2 1   HIS 1   -1  -1  HIS HIS X . n 
B 2 2   HIS 2   0   0   HIS HIS X . n 
B 2 3   HIS 3   1   1   HIS HIS X . n 
B 2 4   HIS 4   2   2   HIS HIS X . n 
B 2 5   HIS 5   3   3   HIS HIS X . n 
B 2 6   HIS 6   4   4   HIS HIS X . n 
# 
loop_
_pdbx_nonpoly_scheme.asym_id 
_pdbx_nonpoly_scheme.entity_id 
_pdbx_nonpoly_scheme.mon_id 
_pdbx_nonpoly_scheme.ndb_seq_num 
_pdbx_nonpoly_scheme.pdb_seq_num 
_pdbx_nonpoly_scheme.auth_seq_num 
_pdbx_nonpoly_scheme.pdb_mon_id 
_pdbx_nonpoly_scheme.auth_mon_id 
_pdbx_nonpoly_scheme.pdb_strand_id 
_pdbx_nonpoly_scheme.pdb_ins_code 
C 3 HOH 1   2001 2001 HOH HOH A . 
C 3 HOH 2   2002 2002 HOH HOH A . 
C 3 HOH 3   2003 2003 HOH HOH A . 
C 3 HOH 4   2004 2004 HOH HOH A . 
C 3 HOH 5   2005 2005 HOH HOH A . 
C 3 HOH 6   2006 2006 HOH HOH A . 
C 3 HOH 7   2007 2007 HOH HOH A . 
C 3 HOH 8   2008 2008 HOH HOH A . 
C 3 HOH 9   2009 2009 HOH HOH A . 
C 3 HOH 10  2010 2010 HOH HOH A . 
C 3 HOH 11  2011 2011 HOH HOH A . 
C 3 HOH 12  2012 2012 HOH HOH A . 
C 3 HOH 13  2013 2013 HOH HOH A . 
C 3 HOH 14  2014 2014 HOH HOH A . 
C 3 HOH 15  2015 2015 HOH HOH A . 
C 3 HOH 16  2016 2016 HOH HOH A . 
C 3 HOH 17  2017 2017 HOH HOH A . 
C 3 HOH 18  2018 2018 HOH HOH A . 
C 3 HOH 19  2019 2019 HOH HOH A . 
C 3 HOH 20  2020 2020 HOH HOH A . 
C 3 HOH 21  2021 2021 HOH HOH A . 
C 3 HOH 22  2022 2022 HOH HOH A . 
C 3 HOH 23  2023 2023 HOH HOH A . 
C 3 HOH 24  2024 2024 HOH HOH A . 
C 3 HOH 25  2025 2025 HOH HOH A . 
C 3 HOH 26  2026 2026 HOH HOH A . 
C 3 HOH 27  2027 2027 HOH HOH A . 
C 3 HOH 28  2028 2028 HOH HOH A . 
C 3 HOH 29  2029 2029 HOH HOH A . 
C 3 HOH 30  2030 2030 HOH HOH A . 
C 3 HOH 31  2031 2031 HOH HOH A . 
C 3 HOH 32  2032 2032 HOH HOH A . 
C 3 HOH 33  2033 2033 HOH HOH A . 
C 3 HOH 34  2034 2034 HOH HOH A . 
C 3 HOH 35  2035 2035 HOH HOH A . 
C 3 HOH 36  2036 2036 HOH HOH A . 
C 3 HOH 37  2037 2037 HOH HOH A . 
C 3 HOH 38  2038 2038 HOH HOH A . 
C 3 HOH 39  2039 2039 HOH HOH A . 
C 3 HOH 40  2040 2040 HOH HOH A . 
C 3 HOH 41  2041 2041 HOH HOH A . 
C 3 HOH 42  2042 2042 HOH HOH A . 
C 3 HOH 43  2043 2043 HOH HOH A . 
C 3 HOH 44  2044 2044 HOH HOH A . 
C 3 HOH 45  2045 2045 HOH HOH A . 
C 3 HOH 46  2046 2046 HOH HOH A . 
C 3 HOH 47  2047 2047 HOH HOH A . 
C 3 HOH 48  2048 2048 HOH HOH A . 
C 3 HOH 49  2049 2049 HOH HOH A . 
C 3 HOH 50  2050 2050 HOH HOH A . 
C 3 HOH 51  2051 2051 HOH HOH A . 
C 3 HOH 52  2052 2052 HOH HOH A . 
C 3 HOH 53  2053 2053 HOH HOH A . 
C 3 HOH 54  2054 2054 HOH HOH A . 
C 3 HOH 55  2055 2055 HOH HOH A . 
C 3 HOH 56  2056 2056 HOH HOH A . 
C 3 HOH 57  2057 2057 HOH HOH A . 
C 3 HOH 58  2058 2058 HOH HOH A . 
C 3 HOH 59  2059 2059 HOH HOH A . 
C 3 HOH 60  2060 2060 HOH HOH A . 
C 3 HOH 61  2061 2061 HOH HOH A . 
C 3 HOH 62  2062 2062 HOH HOH A . 
C 3 HOH 63  2063 2063 HOH HOH A . 
C 3 HOH 64  2064 2064 HOH HOH A . 
C 3 HOH 65  2065 2065 HOH HOH A . 
C 3 HOH 66  2066 2066 HOH HOH A . 
C 3 HOH 67  2067 2067 HOH HOH A . 
C 3 HOH 68  2068 2068 HOH HOH A . 
C 3 HOH 69  2069 2069 HOH HOH A . 
C 3 HOH 70  2070 2070 HOH HOH A . 
C 3 HOH 71  2071 2071 HOH HOH A . 
C 3 HOH 72  2072 2072 HOH HOH A . 
C 3 HOH 73  2073 2073 HOH HOH A . 
C 3 HOH 74  2074 2074 HOH HOH A . 
C 3 HOH 75  2075 2075 HOH HOH A . 
C 3 HOH 76  2076 2076 HOH HOH A . 
C 3 HOH 77  2077 2077 HOH HOH A . 
C 3 HOH 78  2078 2078 HOH HOH A . 
C 3 HOH 79  2079 2079 HOH HOH A . 
C 3 HOH 80  2080 2080 HOH HOH A . 
C 3 HOH 81  2081 2081 HOH HOH A . 
C 3 HOH 82  2082 2082 HOH HOH A . 
C 3 HOH 83  2083 2083 HOH HOH A . 
C 3 HOH 84  2084 2084 HOH HOH A . 
C 3 HOH 85  2085 2085 HOH HOH A . 
C 3 HOH 86  2086 2086 HOH HOH A . 
C 3 HOH 87  2087 2087 HOH HOH A . 
C 3 HOH 88  2088 2088 HOH HOH A . 
C 3 HOH 89  2089 2089 HOH HOH A . 
C 3 HOH 90  2090 2090 HOH HOH A . 
C 3 HOH 91  2091 2091 HOH HOH A . 
C 3 HOH 92  2092 2092 HOH HOH A . 
C 3 HOH 93  2093 2093 HOH HOH A . 
C 3 HOH 94  2094 2094 HOH HOH A . 
C 3 HOH 95  2095 2095 HOH HOH A . 
C 3 HOH 96  2096 2096 HOH HOH A . 
C 3 HOH 97  2097 2097 HOH HOH A . 
C 3 HOH 98  2098 2098 HOH HOH A . 
C 3 HOH 99  2099 2099 HOH HOH A . 
C 3 HOH 100 2100 2100 HOH HOH A . 
C 3 HOH 101 2101 2101 HOH HOH A . 
C 3 HOH 102 2102 2102 HOH HOH A . 
C 3 HOH 103 2103 2103 HOH HOH A . 
C 3 HOH 104 2104 2104 HOH HOH A . 
C 3 HOH 105 2105 2105 HOH HOH A . 
C 3 HOH 106 2106 2106 HOH HOH A . 
C 3 HOH 107 2107 2107 HOH HOH A . 
C 3 HOH 108 2108 2108 HOH HOH A . 
C 3 HOH 109 2109 2109 HOH HOH A . 
C 3 HOH 110 2110 2110 HOH HOH A . 
C 3 HOH 111 2111 2111 HOH HOH A . 
C 3 HOH 112 2112 2112 HOH HOH A . 
C 3 HOH 113 2113 2113 HOH HOH A . 
C 3 HOH 114 2114 2114 HOH HOH A . 
C 3 HOH 115 2115 2115 HOH HOH A . 
C 3 HOH 116 2116 2116 HOH HOH A . 
C 3 HOH 117 2117 2117 HOH HOH A . 
C 3 HOH 118 2118 2118 HOH HOH A . 
C 3 HOH 119 2119 2119 HOH HOH A . 
C 3 HOH 120 2120 2120 HOH HOH A . 
C 3 HOH 121 2121 2121 HOH HOH A . 
C 3 HOH 122 2122 2122 HOH HOH A . 
C 3 HOH 123 2123 2123 HOH HOH A . 
C 3 HOH 124 2124 2124 HOH HOH A . 
C 3 HOH 125 2125 2125 HOH HOH A . 
C 3 HOH 126 2126 2126 HOH HOH A . 
C 3 HOH 127 2127 2127 HOH HOH A . 
C 3 HOH 128 2128 2128 HOH HOH A . 
C 3 HOH 129 2129 2129 HOH HOH A . 
C 3 HOH 130 2130 2130 HOH HOH A . 
C 3 HOH 131 2131 2131 HOH HOH A . 
D 3 HOH 1   2001 2001 HOH HOH X . 
D 3 HOH 2   2002 2002 HOH HOH X . 
D 3 HOH 3   2003 2003 HOH HOH X . 
D 3 HOH 4   2004 2004 HOH HOH X . 
D 3 HOH 5   2005 2005 HOH HOH X . 
# 
_pdbx_struct_assembly.id                   1 
_pdbx_struct_assembly.details              software_defined_assembly 
_pdbx_struct_assembly.method_details       PISA 
_pdbx_struct_assembly.oligomeric_details   dimeric 
_pdbx_struct_assembly.oligomeric_count     2 
# 
_pdbx_struct_assembly_gen.assembly_id       1 
_pdbx_struct_assembly_gen.oper_expression   1 
_pdbx_struct_assembly_gen.asym_id_list      A,B,C,D 
# 
loop_
_pdbx_struct_assembly_prop.biol_id 
_pdbx_struct_assembly_prop.type 
_pdbx_struct_assembly_prop.value 
_pdbx_struct_assembly_prop.details 
1 'ABSA (A^2)' 950  ? 
1 MORE         -2.5 ? 
1 'SSA (A^2)'  7420 ? 
# 
_pdbx_struct_oper_list.id                   1 
_pdbx_struct_oper_list.type                 'identity operation' 
_pdbx_struct_oper_list.name                 1_555 
_pdbx_struct_oper_list.symmetry_operation   x,y,z 
_pdbx_struct_oper_list.matrix[1][1]         1.0000000000 
_pdbx_struct_oper_list.matrix[1][2]         0.0000000000 
_pdbx_struct_oper_list.matrix[1][3]         0.0000000000 
_pdbx_struct_oper_list.vector[1]            0.0000000000 
_pdbx_struct_oper_list.matrix[2][1]         0.0000000000 
_pdbx_struct_oper_list.matrix[2][2]         1.0000000000 
_pdbx_struct_oper_list.matrix[2][3]         0.0000000000 
_pdbx_struct_oper_list.vector[2]            0.0000000000 
_pdbx_struct_oper_list.matrix[3][1]         0.0000000000 
_pdbx_struct_oper_list.matrix[3][2]         0.0000000000 
_pdbx_struct_oper_list.matrix[3][3]         1.0000000000 
_pdbx_struct_oper_list.vector[3]            0.0000000000 
# 
loop_
_pdbx_audit_revision_history.ordinal 
_pdbx_audit_revision_history.data_content_type 
_pdbx_audit_revision_history.major_revision 
_pdbx_audit_revision_history.minor_revision 
_pdbx_audit_revision_history.revision_date 
1 'Structure model' 1 0 2009-11-17 
2 'Structure model' 1 1 2011-07-13 
3 'Structure model' 1 2 2016-12-21 
4 'Structure model' 1 3 2017-06-28 
5 'Structure model' 1 4 2023-12-13 
# 
_pdbx_audit_revision_details.ordinal             1 
_pdbx_audit_revision_details.revision_ordinal    1 
_pdbx_audit_revision_details.data_content_type   'Structure model' 
_pdbx_audit_revision_details.provider            repository 
_pdbx_audit_revision_details.type                'Initial release' 
_pdbx_audit_revision_details.description         ? 
_pdbx_audit_revision_details.details             ? 
# 
loop_
_pdbx_audit_revision_group.ordinal 
_pdbx_audit_revision_group.revision_ordinal 
_pdbx_audit_revision_group.data_content_type 
_pdbx_audit_revision_group.group 
1 2 'Structure model' Advisory                    
2 2 'Structure model' 'Version format compliance' 
3 3 'Structure model' 'Source and taxonomy'       
4 3 'Structure model' 'Structure summary'         
5 4 'Structure model' 'Data collection'           
6 5 'Structure model' 'Data collection'           
7 5 'Structure model' 'Database references'       
8 5 'Structure model' Other                       
9 5 'Structure model' 'Refinement description'    
# 
loop_
_pdbx_audit_revision_category.ordinal 
_pdbx_audit_revision_category.revision_ordinal 
_pdbx_audit_revision_category.data_content_type 
_pdbx_audit_revision_category.category 
1 4 'Structure model' diffrn_source                 
2 5 'Structure model' chem_comp_atom                
3 5 'Structure model' chem_comp_bond                
4 5 'Structure model' database_2                    
5 5 'Structure model' pdbx_database_status          
6 5 'Structure model' pdbx_initial_refinement_model 
# 
loop_
_pdbx_audit_revision_item.ordinal 
_pdbx_audit_revision_item.revision_ordinal 
_pdbx_audit_revision_item.data_content_type 
_pdbx_audit_revision_item.item 
1 4 'Structure model' '_diffrn_source.type'                  
2 5 'Structure model' '_database_2.pdbx_DOI'                 
3 5 'Structure model' '_database_2.pdbx_database_accession'  
4 5 'Structure model' '_pdbx_database_status.status_code_sf' 
# 
_pdbx_refine_tls.pdbx_refine_id   'X-RAY DIFFRACTION' 
_pdbx_refine_tls.id               1 
_pdbx_refine_tls.details          ? 
_pdbx_refine_tls.method           refined 
_pdbx_refine_tls.origin_x         0.1030 
_pdbx_refine_tls.origin_y         0.0722 
_pdbx_refine_tls.origin_z         -0.2597 
_pdbx_refine_tls.T[1][1]          0.0648 
_pdbx_refine_tls.T[2][2]          0.0568 
_pdbx_refine_tls.T[3][3]          0.1278 
_pdbx_refine_tls.T[1][2]          -0.0321 
_pdbx_refine_tls.T[1][3]          -0.0248 
_pdbx_refine_tls.T[2][3]          -0.0210 
_pdbx_refine_tls.L[1][1]          1.4843 
_pdbx_refine_tls.L[2][2]          3.8826 
_pdbx_refine_tls.L[3][3]          3.2752 
_pdbx_refine_tls.L[1][2]          -0.5696 
_pdbx_refine_tls.L[1][3]          0.4836 
_pdbx_refine_tls.L[2][3]          -1.7757 
_pdbx_refine_tls.S[1][1]          0.0517 
_pdbx_refine_tls.S[1][2]          -0.0460 
_pdbx_refine_tls.S[1][3]          0.0477 
_pdbx_refine_tls.S[2][1]          -0.0751 
_pdbx_refine_tls.S[2][2]          -0.0679 
_pdbx_refine_tls.S[2][3]          0.0098 
_pdbx_refine_tls.S[3][1]          -0.0149 
_pdbx_refine_tls.S[3][2]          0.1140 
_pdbx_refine_tls.S[3][3]          0.0163 
# 
loop_
_pdbx_refine_tls_group.pdbx_refine_id 
_pdbx_refine_tls_group.id 
_pdbx_refine_tls_group.refine_tls_id 
_pdbx_refine_tls_group.beg_auth_asym_id 
_pdbx_refine_tls_group.beg_auth_seq_id 
_pdbx_refine_tls_group.beg_label_asym_id 
_pdbx_refine_tls_group.beg_label_seq_id 
_pdbx_refine_tls_group.end_auth_asym_id 
_pdbx_refine_tls_group.end_auth_seq_id 
_pdbx_refine_tls_group.end_label_asym_id 
_pdbx_refine_tls_group.end_label_seq_id 
_pdbx_refine_tls_group.selection 
_pdbx_refine_tls_group.selection_details 
'X-RAY DIFFRACTION' 1 1 A 143 ? ? A 240 ? ? ? ? 
'X-RAY DIFFRACTION' 2 1 X -1  ? ? X 4   ? ? ? ? 
# 
loop_
_software.name 
_software.classification 
_software.version 
_software.citation_id 
_software.pdbx_ordinal 
REFMAC refinement       5.4.0077 ? 1 
MOSFLM 'data reduction' .        ? 2 
SCALA  'data scaling'   .        ? 3 
PHASER phasing          .        ? 4 
# 
_pdbx_validate_close_contact.id               1 
_pdbx_validate_close_contact.PDB_model_num    1 
_pdbx_validate_close_contact.auth_atom_id_1   O 
_pdbx_validate_close_contact.auth_asym_id_1   A 
_pdbx_validate_close_contact.auth_comp_id_1   HOH 
_pdbx_validate_close_contact.auth_seq_id_1    2117 
_pdbx_validate_close_contact.PDB_ins_code_1   ? 
_pdbx_validate_close_contact.label_alt_id_1   ? 
_pdbx_validate_close_contact.auth_atom_id_2   O 
_pdbx_validate_close_contact.auth_asym_id_2   A 
_pdbx_validate_close_contact.auth_comp_id_2   HOH 
_pdbx_validate_close_contact.auth_seq_id_2    2129 
_pdbx_validate_close_contact.PDB_ins_code_2   ? 
_pdbx_validate_close_contact.label_alt_id_2   ? 
_pdbx_validate_close_contact.dist             2.15 
# 
_pdbx_validate_torsion.id              1 
_pdbx_validate_torsion.PDB_model_num   1 
_pdbx_validate_torsion.auth_comp_id    ALA 
_pdbx_validate_torsion.auth_asym_id    A 
_pdbx_validate_torsion.auth_seq_id     161 
_pdbx_validate_torsion.PDB_ins_code    ? 
_pdbx_validate_torsion.label_alt_id    ? 
_pdbx_validate_torsion.phi             19.24 
_pdbx_validate_torsion.psi             48.16 
# 
_pdbx_validate_peptide_omega.id               1 
_pdbx_validate_peptide_omega.PDB_model_num    1 
_pdbx_validate_peptide_omega.auth_comp_id_1   GLU 
_pdbx_validate_peptide_omega.auth_asym_id_1   A 
_pdbx_validate_peptide_omega.auth_seq_id_1    160 
_pdbx_validate_peptide_omega.PDB_ins_code_1   ? 
_pdbx_validate_peptide_omega.label_alt_id_1   ? 
_pdbx_validate_peptide_omega.auth_comp_id_2   ALA 
_pdbx_validate_peptide_omega.auth_asym_id_2   A 
_pdbx_validate_peptide_omega.auth_seq_id_2    161 
_pdbx_validate_peptide_omega.PDB_ins_code_2   ? 
_pdbx_validate_peptide_omega.label_alt_id_2   ? 
_pdbx_validate_peptide_omega.omega            -138.12 
# 
loop_
_pdbx_unobs_or_zero_occ_residues.id 
_pdbx_unobs_or_zero_occ_residues.PDB_model_num 
_pdbx_unobs_or_zero_occ_residues.polymer_flag 
_pdbx_unobs_or_zero_occ_residues.occupancy_flag 
_pdbx_unobs_or_zero_occ_residues.auth_asym_id 
_pdbx_unobs_or_zero_occ_residues.auth_comp_id 
_pdbx_unobs_or_zero_occ_residues.auth_seq_id 
_pdbx_unobs_or_zero_occ_residues.PDB_ins_code 
_pdbx_unobs_or_zero_occ_residues.label_asym_id 
_pdbx_unobs_or_zero_occ_residues.label_comp_id 
_pdbx_unobs_or_zero_occ_residues.label_seq_id 
1 1 Y 1 A MET 143 ? A MET 1   
2 1 Y 1 A VAL 241 ? A VAL 99  
3 1 Y 1 A ASN 242 ? A ASN 100 
4 1 Y 1 A LYS 243 ? A LYS 101 
5 1 Y 1 A SER 244 ? A SER 102 
6 1 Y 1 A ALA 245 ? A ALA 103 
7 1 Y 1 A SER 246 ? A SER 104 
# 
loop_
_chem_comp_atom.comp_id 
_chem_comp_atom.atom_id 
_chem_comp_atom.type_symbol 
_chem_comp_atom.pdbx_aromatic_flag 
_chem_comp_atom.pdbx_stereo_config 
_chem_comp_atom.pdbx_ordinal 
ALA N    N N N 1   
ALA CA   C N S 2   
ALA C    C N N 3   
ALA O    O N N 4   
ALA CB   C N N 5   
ALA OXT  O N N 6   
ALA H    H N N 7   
ALA H2   H N N 8   
ALA HA   H N N 9   
ALA HB1  H N N 10  
ALA HB2  H N N 11  
ALA HB3  H N N 12  
ALA HXT  H N N 13  
ARG N    N N N 14  
ARG CA   C N S 15  
ARG C    C N N 16  
ARG O    O N N 17  
ARG CB   C N N 18  
ARG CG   C N N 19  
ARG CD   C N N 20  
ARG NE   N N N 21  
ARG CZ   C N N 22  
ARG NH1  N N N 23  
ARG NH2  N N N 24  
ARG OXT  O N N 25  
ARG H    H N N 26  
ARG H2   H N N 27  
ARG HA   H N N 28  
ARG HB2  H N N 29  
ARG HB3  H N N 30  
ARG HG2  H N N 31  
ARG HG3  H N N 32  
ARG HD2  H N N 33  
ARG HD3  H N N 34  
ARG HE   H N N 35  
ARG HH11 H N N 36  
ARG HH12 H N N 37  
ARG HH21 H N N 38  
ARG HH22 H N N 39  
ARG HXT  H N N 40  
ASN N    N N N 41  
ASN CA   C N S 42  
ASN C    C N N 43  
ASN O    O N N 44  
ASN CB   C N N 45  
ASN CG   C N N 46  
ASN OD1  O N N 47  
ASN ND2  N N N 48  
ASN OXT  O N N 49  
ASN H    H N N 50  
ASN H2   H N N 51  
ASN HA   H N N 52  
ASN HB2  H N N 53  
ASN HB3  H N N 54  
ASN HD21 H N N 55  
ASN HD22 H N N 56  
ASN HXT  H N N 57  
ASP N    N N N 58  
ASP CA   C N S 59  
ASP C    C N N 60  
ASP O    O N N 61  
ASP CB   C N N 62  
ASP CG   C N N 63  
ASP OD1  O N N 64  
ASP OD2  O N N 65  
ASP OXT  O N N 66  
ASP H    H N N 67  
ASP H2   H N N 68  
ASP HA   H N N 69  
ASP HB2  H N N 70  
ASP HB3  H N N 71  
ASP HD2  H N N 72  
ASP HXT  H N N 73  
CYS N    N N N 74  
CYS CA   C N R 75  
CYS C    C N N 76  
CYS O    O N N 77  
CYS CB   C N N 78  
CYS SG   S N N 79  
CYS OXT  O N N 80  
CYS H    H N N 81  
CYS H2   H N N 82  
CYS HA   H N N 83  
CYS HB2  H N N 84  
CYS HB3  H N N 85  
CYS HG   H N N 86  
CYS HXT  H N N 87  
GLN N    N N N 88  
GLN CA   C N S 89  
GLN C    C N N 90  
GLN O    O N N 91  
GLN CB   C N N 92  
GLN CG   C N N 93  
GLN CD   C N N 94  
GLN OE1  O N N 95  
GLN NE2  N N N 96  
GLN OXT  O N N 97  
GLN H    H N N 98  
GLN H2   H N N 99  
GLN HA   H N N 100 
GLN HB2  H N N 101 
GLN HB3  H N N 102 
GLN HG2  H N N 103 
GLN HG3  H N N 104 
GLN HE21 H N N 105 
GLN HE22 H N N 106 
GLN HXT  H N N 107 
GLU N    N N N 108 
GLU CA   C N S 109 
GLU C    C N N 110 
GLU O    O N N 111 
GLU CB   C N N 112 
GLU CG   C N N 113 
GLU CD   C N N 114 
GLU OE1  O N N 115 
GLU OE2  O N N 116 
GLU OXT  O N N 117 
GLU H    H N N 118 
GLU H2   H N N 119 
GLU HA   H N N 120 
GLU HB2  H N N 121 
GLU HB3  H N N 122 
GLU HG2  H N N 123 
GLU HG3  H N N 124 
GLU HE2  H N N 125 
GLU HXT  H N N 126 
GLY N    N N N 127 
GLY CA   C N N 128 
GLY C    C N N 129 
GLY O    O N N 130 
GLY OXT  O N N 131 
GLY H    H N N 132 
GLY H2   H N N 133 
GLY HA2  H N N 134 
GLY HA3  H N N 135 
GLY HXT  H N N 136 
HIS N    N N N 137 
HIS CA   C N S 138 
HIS C    C N N 139 
HIS O    O N N 140 
HIS CB   C N N 141 
HIS CG   C Y N 142 
HIS ND1  N Y N 143 
HIS CD2  C Y N 144 
HIS CE1  C Y N 145 
HIS NE2  N Y N 146 
HIS OXT  O N N 147 
HIS H    H N N 148 
HIS H2   H N N 149 
HIS HA   H N N 150 
HIS HB2  H N N 151 
HIS HB3  H N N 152 
HIS HD1  H N N 153 
HIS HD2  H N N 154 
HIS HE1  H N N 155 
HIS HE2  H N N 156 
HIS HXT  H N N 157 
HOH O    O N N 158 
HOH H1   H N N 159 
HOH H2   H N N 160 
ILE N    N N N 161 
ILE CA   C N S 162 
ILE C    C N N 163 
ILE O    O N N 164 
ILE CB   C N S 165 
ILE CG1  C N N 166 
ILE CG2  C N N 167 
ILE CD1  C N N 168 
ILE OXT  O N N 169 
ILE H    H N N 170 
ILE H2   H N N 171 
ILE HA   H N N 172 
ILE HB   H N N 173 
ILE HG12 H N N 174 
ILE HG13 H N N 175 
ILE HG21 H N N 176 
ILE HG22 H N N 177 
ILE HG23 H N N 178 
ILE HD11 H N N 179 
ILE HD12 H N N 180 
ILE HD13 H N N 181 
ILE HXT  H N N 182 
LEU N    N N N 183 
LEU CA   C N S 184 
LEU C    C N N 185 
LEU O    O N N 186 
LEU CB   C N N 187 
LEU CG   C N N 188 
LEU CD1  C N N 189 
LEU CD2  C N N 190 
LEU OXT  O N N 191 
LEU H    H N N 192 
LEU H2   H N N 193 
LEU HA   H N N 194 
LEU HB2  H N N 195 
LEU HB3  H N N 196 
LEU HG   H N N 197 
LEU HD11 H N N 198 
LEU HD12 H N N 199 
LEU HD13 H N N 200 
LEU HD21 H N N 201 
LEU HD22 H N N 202 
LEU HD23 H N N 203 
LEU HXT  H N N 204 
LYS N    N N N 205 
LYS CA   C N S 206 
LYS C    C N N 207 
LYS O    O N N 208 
LYS CB   C N N 209 
LYS CG   C N N 210 
LYS CD   C N N 211 
LYS CE   C N N 212 
LYS NZ   N N N 213 
LYS OXT  O N N 214 
LYS H    H N N 215 
LYS H2   H N N 216 
LYS HA   H N N 217 
LYS HB2  H N N 218 
LYS HB3  H N N 219 
LYS HG2  H N N 220 
LYS HG3  H N N 221 
LYS HD2  H N N 222 
LYS HD3  H N N 223 
LYS HE2  H N N 224 
LYS HE3  H N N 225 
LYS HZ1  H N N 226 
LYS HZ2  H N N 227 
LYS HZ3  H N N 228 
LYS HXT  H N N 229 
MET N    N N N 230 
MET CA   C N S 231 
MET C    C N N 232 
MET O    O N N 233 
MET CB   C N N 234 
MET CG   C N N 235 
MET SD   S N N 236 
MET CE   C N N 237 
MET OXT  O N N 238 
MET H    H N N 239 
MET H2   H N N 240 
MET HA   H N N 241 
MET HB2  H N N 242 
MET HB3  H N N 243 
MET HG2  H N N 244 
MET HG3  H N N 245 
MET HE1  H N N 246 
MET HE2  H N N 247 
MET HE3  H N N 248 
MET HXT  H N N 249 
PHE N    N N N 250 
PHE CA   C N S 251 
PHE C    C N N 252 
PHE O    O N N 253 
PHE CB   C N N 254 
PHE CG   C Y N 255 
PHE CD1  C Y N 256 
PHE CD2  C Y N 257 
PHE CE1  C Y N 258 
PHE CE2  C Y N 259 
PHE CZ   C Y N 260 
PHE OXT  O N N 261 
PHE H    H N N 262 
PHE H2   H N N 263 
PHE HA   H N N 264 
PHE HB2  H N N 265 
PHE HB3  H N N 266 
PHE HD1  H N N 267 
PHE HD2  H N N 268 
PHE HE1  H N N 269 
PHE HE2  H N N 270 
PHE HZ   H N N 271 
PHE HXT  H N N 272 
PRO N    N N N 273 
PRO CA   C N S 274 
PRO C    C N N 275 
PRO O    O N N 276 
PRO CB   C N N 277 
PRO CG   C N N 278 
PRO CD   C N N 279 
PRO OXT  O N N 280 
PRO H    H N N 281 
PRO HA   H N N 282 
PRO HB2  H N N 283 
PRO HB3  H N N 284 
PRO HG2  H N N 285 
PRO HG3  H N N 286 
PRO HD2  H N N 287 
PRO HD3  H N N 288 
PRO HXT  H N N 289 
SER N    N N N 290 
SER CA   C N S 291 
SER C    C N N 292 
SER O    O N N 293 
SER CB   C N N 294 
SER OG   O N N 295 
SER OXT  O N N 296 
SER H    H N N 297 
SER H2   H N N 298 
SER HA   H N N 299 
SER HB2  H N N 300 
SER HB3  H N N 301 
SER HG   H N N 302 
SER HXT  H N N 303 
THR N    N N N 304 
THR CA   C N S 305 
THR C    C N N 306 
THR O    O N N 307 
THR CB   C N R 308 
THR OG1  O N N 309 
THR CG2  C N N 310 
THR OXT  O N N 311 
THR H    H N N 312 
THR H2   H N N 313 
THR HA   H N N 314 
THR HB   H N N 315 
THR HG1  H N N 316 
THR HG21 H N N 317 
THR HG22 H N N 318 
THR HG23 H N N 319 
THR HXT  H N N 320 
TRP N    N N N 321 
TRP CA   C N S 322 
TRP C    C N N 323 
TRP O    O N N 324 
TRP CB   C N N 325 
TRP CG   C Y N 326 
TRP CD1  C Y N 327 
TRP CD2  C Y N 328 
TRP NE1  N Y N 329 
TRP CE2  C Y N 330 
TRP CE3  C Y N 331 
TRP CZ2  C Y N 332 
TRP CZ3  C Y N 333 
TRP CH2  C Y N 334 
TRP OXT  O N N 335 
TRP H    H N N 336 
TRP H2   H N N 337 
TRP HA   H N N 338 
TRP HB2  H N N 339 
TRP HB3  H N N 340 
TRP HD1  H N N 341 
TRP HE1  H N N 342 
TRP HE3  H N N 343 
TRP HZ2  H N N 344 
TRP HZ3  H N N 345 
TRP HH2  H N N 346 
TRP HXT  H N N 347 
TYR N    N N N 348 
TYR CA   C N S 349 
TYR C    C N N 350 
TYR O    O N N 351 
TYR CB   C N N 352 
TYR CG   C Y N 353 
TYR CD1  C Y N 354 
TYR CD2  C Y N 355 
TYR CE1  C Y N 356 
TYR CE2  C Y N 357 
TYR CZ   C Y N 358 
TYR OH   O N N 359 
TYR OXT  O N N 360 
TYR H    H N N 361 
TYR H2   H N N 362 
TYR HA   H N N 363 
TYR HB2  H N N 364 
TYR HB3  H N N 365 
TYR HD1  H N N 366 
TYR HD2  H N N 367 
TYR HE1  H N N 368 
TYR HE2  H N N 369 
TYR HH   H N N 370 
TYR HXT  H N N 371 
VAL N    N N N 372 
VAL CA   C N S 373 
VAL C    C N N 374 
VAL O    O N N 375 
VAL CB   C N N 376 
VAL CG1  C N N 377 
VAL CG2  C N N 378 
VAL OXT  O N N 379 
VAL H    H N N 380 
VAL H2   H N N 381 
VAL HA   H N N 382 
VAL HB   H N N 383 
VAL HG11 H N N 384 
VAL HG12 H N N 385 
VAL HG13 H N N 386 
VAL HG21 H N N 387 
VAL HG22 H N N 388 
VAL HG23 H N N 389 
VAL HXT  H N N 390 
# 
loop_
_chem_comp_bond.comp_id 
_chem_comp_bond.atom_id_1 
_chem_comp_bond.atom_id_2 
_chem_comp_bond.value_order 
_chem_comp_bond.pdbx_aromatic_flag 
_chem_comp_bond.pdbx_stereo_config 
_chem_comp_bond.pdbx_ordinal 
ALA N   CA   sing N N 1   
ALA N   H    sing N N 2   
ALA N   H2   sing N N 3   
ALA CA  C    sing N N 4   
ALA CA  CB   sing N N 5   
ALA CA  HA   sing N N 6   
ALA C   O    doub N N 7   
ALA C   OXT  sing N N 8   
ALA CB  HB1  sing N N 9   
ALA CB  HB2  sing N N 10  
ALA CB  HB3  sing N N 11  
ALA OXT HXT  sing N N 12  
ARG N   CA   sing N N 13  
ARG N   H    sing N N 14  
ARG N   H2   sing N N 15  
ARG CA  C    sing N N 16  
ARG CA  CB   sing N N 17  
ARG CA  HA   sing N N 18  
ARG C   O    doub N N 19  
ARG C   OXT  sing N N 20  
ARG CB  CG   sing N N 21  
ARG CB  HB2  sing N N 22  
ARG CB  HB3  sing N N 23  
ARG CG  CD   sing N N 24  
ARG CG  HG2  sing N N 25  
ARG CG  HG3  sing N N 26  
ARG CD  NE   sing N N 27  
ARG CD  HD2  sing N N 28  
ARG CD  HD3  sing N N 29  
ARG NE  CZ   sing N N 30  
ARG NE  HE   sing N N 31  
ARG CZ  NH1  sing N N 32  
ARG CZ  NH2  doub N N 33  
ARG NH1 HH11 sing N N 34  
ARG NH1 HH12 sing N N 35  
ARG NH2 HH21 sing N N 36  
ARG NH2 HH22 sing N N 37  
ARG OXT HXT  sing N N 38  
ASN N   CA   sing N N 39  
ASN N   H    sing N N 40  
ASN N   H2   sing N N 41  
ASN CA  C    sing N N 42  
ASN CA  CB   sing N N 43  
ASN CA  HA   sing N N 44  
ASN C   O    doub N N 45  
ASN C   OXT  sing N N 46  
ASN CB  CG   sing N N 47  
ASN CB  HB2  sing N N 48  
ASN CB  HB3  sing N N 49  
ASN CG  OD1  doub N N 50  
ASN CG  ND2  sing N N 51  
ASN ND2 HD21 sing N N 52  
ASN ND2 HD22 sing N N 53  
ASN OXT HXT  sing N N 54  
ASP N   CA   sing N N 55  
ASP N   H    sing N N 56  
ASP N   H2   sing N N 57  
ASP CA  C    sing N N 58  
ASP CA  CB   sing N N 59  
ASP CA  HA   sing N N 60  
ASP C   O    doub N N 61  
ASP C   OXT  sing N N 62  
ASP CB  CG   sing N N 63  
ASP CB  HB2  sing N N 64  
ASP CB  HB3  sing N N 65  
ASP CG  OD1  doub N N 66  
ASP CG  OD2  sing N N 67  
ASP OD2 HD2  sing N N 68  
ASP OXT HXT  sing N N 69  
CYS N   CA   sing N N 70  
CYS N   H    sing N N 71  
CYS N   H2   sing N N 72  
CYS CA  C    sing N N 73  
CYS CA  CB   sing N N 74  
CYS CA  HA   sing N N 75  
CYS C   O    doub N N 76  
CYS C   OXT  sing N N 77  
CYS CB  SG   sing N N 78  
CYS CB  HB2  sing N N 79  
CYS CB  HB3  sing N N 80  
CYS SG  HG   sing N N 81  
CYS OXT HXT  sing N N 82  
GLN N   CA   sing N N 83  
GLN N   H    sing N N 84  
GLN N   H2   sing N N 85  
GLN CA  C    sing N N 86  
GLN CA  CB   sing N N 87  
GLN CA  HA   sing N N 88  
GLN C   O    doub N N 89  
GLN C   OXT  sing N N 90  
GLN CB  CG   sing N N 91  
GLN CB  HB2  sing N N 92  
GLN CB  HB3  sing N N 93  
GLN CG  CD   sing N N 94  
GLN CG  HG2  sing N N 95  
GLN CG  HG3  sing N N 96  
GLN CD  OE1  doub N N 97  
GLN CD  NE2  sing N N 98  
GLN NE2 HE21 sing N N 99  
GLN NE2 HE22 sing N N 100 
GLN OXT HXT  sing N N 101 
GLU N   CA   sing N N 102 
GLU N   H    sing N N 103 
GLU N   H2   sing N N 104 
GLU CA  C    sing N N 105 
GLU CA  CB   sing N N 106 
GLU CA  HA   sing N N 107 
GLU C   O    doub N N 108 
GLU C   OXT  sing N N 109 
GLU CB  CG   sing N N 110 
GLU CB  HB2  sing N N 111 
GLU CB  HB3  sing N N 112 
GLU CG  CD   sing N N 113 
GLU CG  HG2  sing N N 114 
GLU CG  HG3  sing N N 115 
GLU CD  OE1  doub N N 116 
GLU CD  OE2  sing N N 117 
GLU OE2 HE2  sing N N 118 
GLU OXT HXT  sing N N 119 
GLY N   CA   sing N N 120 
GLY N   H    sing N N 121 
GLY N   H2   sing N N 122 
GLY CA  C    sing N N 123 
GLY CA  HA2  sing N N 124 
GLY CA  HA3  sing N N 125 
GLY C   O    doub N N 126 
GLY C   OXT  sing N N 127 
GLY OXT HXT  sing N N 128 
HIS N   CA   sing N N 129 
HIS N   H    sing N N 130 
HIS N   H2   sing N N 131 
HIS CA  C    sing N N 132 
HIS CA  CB   sing N N 133 
HIS CA  HA   sing N N 134 
HIS C   O    doub N N 135 
HIS C   OXT  sing N N 136 
HIS CB  CG   sing N N 137 
HIS CB  HB2  sing N N 138 
HIS CB  HB3  sing N N 139 
HIS CG  ND1  sing Y N 140 
HIS CG  CD2  doub Y N 141 
HIS ND1 CE1  doub Y N 142 
HIS ND1 HD1  sing N N 143 
HIS CD2 NE2  sing Y N 144 
HIS CD2 HD2  sing N N 145 
HIS CE1 NE2  sing Y N 146 
HIS CE1 HE1  sing N N 147 
HIS NE2 HE2  sing N N 148 
HIS OXT HXT  sing N N 149 
HOH O   H1   sing N N 150 
HOH O   H2   sing N N 151 
ILE N   CA   sing N N 152 
ILE N   H    sing N N 153 
ILE N   H2   sing N N 154 
ILE CA  C    sing N N 155 
ILE CA  CB   sing N N 156 
ILE CA  HA   sing N N 157 
ILE C   O    doub N N 158 
ILE C   OXT  sing N N 159 
ILE CB  CG1  sing N N 160 
ILE CB  CG2  sing N N 161 
ILE CB  HB   sing N N 162 
ILE CG1 CD1  sing N N 163 
ILE CG1 HG12 sing N N 164 
ILE CG1 HG13 sing N N 165 
ILE CG2 HG21 sing N N 166 
ILE CG2 HG22 sing N N 167 
ILE CG2 HG23 sing N N 168 
ILE CD1 HD11 sing N N 169 
ILE CD1 HD12 sing N N 170 
ILE CD1 HD13 sing N N 171 
ILE OXT HXT  sing N N 172 
LEU N   CA   sing N N 173 
LEU N   H    sing N N 174 
LEU N   H2   sing N N 175 
LEU CA  C    sing N N 176 
LEU CA  CB   sing N N 177 
LEU CA  HA   sing N N 178 
LEU C   O    doub N N 179 
LEU C   OXT  sing N N 180 
LEU CB  CG   sing N N 181 
LEU CB  HB2  sing N N 182 
LEU CB  HB3  sing N N 183 
LEU CG  CD1  sing N N 184 
LEU CG  CD2  sing N N 185 
LEU CG  HG   sing N N 186 
LEU CD1 HD11 sing N N 187 
LEU CD1 HD12 sing N N 188 
LEU CD1 HD13 sing N N 189 
LEU CD2 HD21 sing N N 190 
LEU CD2 HD22 sing N N 191 
LEU CD2 HD23 sing N N 192 
LEU OXT HXT  sing N N 193 
LYS N   CA   sing N N 194 
LYS N   H    sing N N 195 
LYS N   H2   sing N N 196 
LYS CA  C    sing N N 197 
LYS CA  CB   sing N N 198 
LYS CA  HA   sing N N 199 
LYS C   O    doub N N 200 
LYS C   OXT  sing N N 201 
LYS CB  CG   sing N N 202 
LYS CB  HB2  sing N N 203 
LYS CB  HB3  sing N N 204 
LYS CG  CD   sing N N 205 
LYS CG  HG2  sing N N 206 
LYS CG  HG3  sing N N 207 
LYS CD  CE   sing N N 208 
LYS CD  HD2  sing N N 209 
LYS CD  HD3  sing N N 210 
LYS CE  NZ   sing N N 211 
LYS CE  HE2  sing N N 212 
LYS CE  HE3  sing N N 213 
LYS NZ  HZ1  sing N N 214 
LYS NZ  HZ2  sing N N 215 
LYS NZ  HZ3  sing N N 216 
LYS OXT HXT  sing N N 217 
MET N   CA   sing N N 218 
MET N   H    sing N N 219 
MET N   H2   sing N N 220 
MET CA  C    sing N N 221 
MET CA  CB   sing N N 222 
MET CA  HA   sing N N 223 
MET C   O    doub N N 224 
MET C   OXT  sing N N 225 
MET CB  CG   sing N N 226 
MET CB  HB2  sing N N 227 
MET CB  HB3  sing N N 228 
MET CG  SD   sing N N 229 
MET CG  HG2  sing N N 230 
MET CG  HG3  sing N N 231 
MET SD  CE   sing N N 232 
MET CE  HE1  sing N N 233 
MET CE  HE2  sing N N 234 
MET CE  HE3  sing N N 235 
MET OXT HXT  sing N N 236 
PHE N   CA   sing N N 237 
PHE N   H    sing N N 238 
PHE N   H2   sing N N 239 
PHE CA  C    sing N N 240 
PHE CA  CB   sing N N 241 
PHE CA  HA   sing N N 242 
PHE C   O    doub N N 243 
PHE C   OXT  sing N N 244 
PHE CB  CG   sing N N 245 
PHE CB  HB2  sing N N 246 
PHE CB  HB3  sing N N 247 
PHE CG  CD1  doub Y N 248 
PHE CG  CD2  sing Y N 249 
PHE CD1 CE1  sing Y N 250 
PHE CD1 HD1  sing N N 251 
PHE CD2 CE2  doub Y N 252 
PHE CD2 HD2  sing N N 253 
PHE CE1 CZ   doub Y N 254 
PHE CE1 HE1  sing N N 255 
PHE CE2 CZ   sing Y N 256 
PHE CE2 HE2  sing N N 257 
PHE CZ  HZ   sing N N 258 
PHE OXT HXT  sing N N 259 
PRO N   CA   sing N N 260 
PRO N   CD   sing N N 261 
PRO N   H    sing N N 262 
PRO CA  C    sing N N 263 
PRO CA  CB   sing N N 264 
PRO CA  HA   sing N N 265 
PRO C   O    doub N N 266 
PRO C   OXT  sing N N 267 
PRO CB  CG   sing N N 268 
PRO CB  HB2  sing N N 269 
PRO CB  HB3  sing N N 270 
PRO CG  CD   sing N N 271 
PRO CG  HG2  sing N N 272 
PRO CG  HG3  sing N N 273 
PRO CD  HD2  sing N N 274 
PRO CD  HD3  sing N N 275 
PRO OXT HXT  sing N N 276 
SER N   CA   sing N N 277 
SER N   H    sing N N 278 
SER N   H2   sing N N 279 
SER CA  C    sing N N 280 
SER CA  CB   sing N N 281 
SER CA  HA   sing N N 282 
SER C   O    doub N N 283 
SER C   OXT  sing N N 284 
SER CB  OG   sing N N 285 
SER CB  HB2  sing N N 286 
SER CB  HB3  sing N N 287 
SER OG  HG   sing N N 288 
SER OXT HXT  sing N N 289 
THR N   CA   sing N N 290 
THR N   H    sing N N 291 
THR N   H2   sing N N 292 
THR CA  C    sing N N 293 
THR CA  CB   sing N N 294 
THR CA  HA   sing N N 295 
THR C   O    doub N N 296 
THR C   OXT  sing N N 297 
THR CB  OG1  sing N N 298 
THR CB  CG2  sing N N 299 
THR CB  HB   sing N N 300 
THR OG1 HG1  sing N N 301 
THR CG2 HG21 sing N N 302 
THR CG2 HG22 sing N N 303 
THR CG2 HG23 sing N N 304 
THR OXT HXT  sing N N 305 
TRP N   CA   sing N N 306 
TRP N   H    sing N N 307 
TRP N   H2   sing N N 308 
TRP CA  C    sing N N 309 
TRP CA  CB   sing N N 310 
TRP CA  HA   sing N N 311 
TRP C   O    doub N N 312 
TRP C   OXT  sing N N 313 
TRP CB  CG   sing N N 314 
TRP CB  HB2  sing N N 315 
TRP CB  HB3  sing N N 316 
TRP CG  CD1  doub Y N 317 
TRP CG  CD2  sing Y N 318 
TRP CD1 NE1  sing Y N 319 
TRP CD1 HD1  sing N N 320 
TRP CD2 CE2  doub Y N 321 
TRP CD2 CE3  sing Y N 322 
TRP NE1 CE2  sing Y N 323 
TRP NE1 HE1  sing N N 324 
TRP CE2 CZ2  sing Y N 325 
TRP CE3 CZ3  doub Y N 326 
TRP CE3 HE3  sing N N 327 
TRP CZ2 CH2  doub Y N 328 
TRP CZ2 HZ2  sing N N 329 
TRP CZ3 CH2  sing Y N 330 
TRP CZ3 HZ3  sing N N 331 
TRP CH2 HH2  sing N N 332 
TRP OXT HXT  sing N N 333 
TYR N   CA   sing N N 334 
TYR N   H    sing N N 335 
TYR N   H2   sing N N 336 
TYR CA  C    sing N N 337 
TYR CA  CB   sing N N 338 
TYR CA  HA   sing N N 339 
TYR C   O    doub N N 340 
TYR C   OXT  sing N N 341 
TYR CB  CG   sing N N 342 
TYR CB  HB2  sing N N 343 
TYR CB  HB3  sing N N 344 
TYR CG  CD1  doub Y N 345 
TYR CG  CD2  sing Y N 346 
TYR CD1 CE1  sing Y N 347 
TYR CD1 HD1  sing N N 348 
TYR CD2 CE2  doub Y N 349 
TYR CD2 HD2  sing N N 350 
TYR CE1 CZ   doub Y N 351 
TYR CE1 HE1  sing N N 352 
TYR CE2 CZ   sing Y N 353 
TYR CE2 HE2  sing N N 354 
TYR CZ  OH   sing N N 355 
TYR OH  HH   sing N N 356 
TYR OXT HXT  sing N N 357 
VAL N   CA   sing N N 358 
VAL N   H    sing N N 359 
VAL N   H2   sing N N 360 
VAL CA  C    sing N N 361 
VAL CA  CB   sing N N 362 
VAL CA  HA   sing N N 363 
VAL C   O    doub N N 364 
VAL C   OXT  sing N N 365 
VAL CB  CG1  sing N N 366 
VAL CB  CG2  sing N N 367 
VAL CB  HB   sing N N 368 
VAL CG1 HG11 sing N N 369 
VAL CG1 HG12 sing N N 370 
VAL CG1 HG13 sing N N 371 
VAL CG2 HG21 sing N N 372 
VAL CG2 HG22 sing N N 373 
VAL CG2 HG23 sing N N 374 
VAL OXT HXT  sing N N 375 
# 
_pdbx_entity_nonpoly.entity_id   3 
_pdbx_entity_nonpoly.name        water 
_pdbx_entity_nonpoly.comp_id     HOH 
# 
_pdbx_initial_refinement_model.id               1 
_pdbx_initial_refinement_model.entity_id_list   ? 
_pdbx_initial_refinement_model.type             'experimental model' 
_pdbx_initial_refinement_model.source_name      PDB 
_pdbx_initial_refinement_model.accession_code   1TJC 
_pdbx_initial_refinement_model.details          'PDB ENTRY 1TJC' 
# 
